data_1SGC
# 
_entry.id   1SGC 
# 
_audit_conform.dict_name       mmcif_pdbx.dic 
_audit_conform.dict_version    5.399 
_audit_conform.dict_location   http://mmcif.pdb.org/dictionaries/ascii/mmcif_pdbx.dic 
# 
loop_
_database_2.database_id 
_database_2.database_code 
_database_2.pdbx_database_accession 
_database_2.pdbx_DOI 
PDB   1SGC         pdb_00001sgc 10.2210/pdb1sgc/pdb 
WWPDB D_1000176360 ?            ?                   
# 
loop_
_pdbx_audit_revision_history.ordinal 
_pdbx_audit_revision_history.data_content_type 
_pdbx_audit_revision_history.major_revision 
_pdbx_audit_revision_history.minor_revision 
_pdbx_audit_revision_history.revision_date 
1 'Structure model' 1 0 1986-07-14 
2 'Structure model' 1 1 2008-03-03 
3 'Structure model' 1 2 2011-07-13 
4 'Structure model' 1 3 2013-02-27 
5 'Structure model' 2 0 2024-06-05 
6 'Structure model' 2 1 2024-11-20 
# 
_pdbx_audit_revision_details.ordinal             1 
_pdbx_audit_revision_details.revision_ordinal    1 
_pdbx_audit_revision_details.data_content_type   'Structure model' 
_pdbx_audit_revision_details.provider            repository 
_pdbx_audit_revision_details.type                'Initial release' 
_pdbx_audit_revision_details.description         ? 
_pdbx_audit_revision_details.details             ? 
# 
loop_
_pdbx_audit_revision_group.ordinal 
_pdbx_audit_revision_group.revision_ordinal 
_pdbx_audit_revision_group.data_content_type 
_pdbx_audit_revision_group.group 
1  2 'Structure model' 'Version format compliance' 
2  3 'Structure model' 'Atomic model'              
3  3 'Structure model' 'Database references'       
4  3 'Structure model' 'Derived calculations'      
5  3 'Structure model' 'Non-polymer description'   
6  3 'Structure model' 'Structure summary'         
7  3 'Structure model' 'Version format compliance' 
8  4 'Structure model' Other                       
9  5 'Structure model' Advisory                    
10 5 'Structure model' 'Data collection'           
11 5 'Structure model' 'Database references'       
12 5 'Structure model' 'Derived calculations'      
13 5 'Structure model' Other                       
14 5 'Structure model' 'Polymer sequence'          
15 6 'Structure model' 'Structure summary'         
# 
loop_
_pdbx_audit_revision_category.ordinal 
_pdbx_audit_revision_category.revision_ordinal 
_pdbx_audit_revision_category.data_content_type 
_pdbx_audit_revision_category.category 
1  5 'Structure model' chem_comp_atom                
2  5 'Structure model' chem_comp_bond                
3  5 'Structure model' database_2                    
4  5 'Structure model' entity_poly                   
5  5 'Structure model' pdbx_database_status          
6  5 'Structure model' pdbx_validate_polymer_linkage 
7  5 'Structure model' struct_conn                   
8  5 'Structure model' struct_ref_seq_dif            
9  6 'Structure model' pdbx_entry_details            
10 6 'Structure model' pdbx_modification_feature     
# 
loop_
_pdbx_audit_revision_item.ordinal 
_pdbx_audit_revision_item.revision_ordinal 
_pdbx_audit_revision_item.data_content_type 
_pdbx_audit_revision_item.item 
1  5 'Structure model' '_database_2.pdbx_DOI'                         
2  5 'Structure model' '_database_2.pdbx_database_accession'          
3  5 'Structure model' '_entity_poly.pdbx_seq_one_letter_code_can'    
4  5 'Structure model' '_pdbx_database_status.process_site'           
5  5 'Structure model' '_struct_conn.pdbx_dist_value'                 
6  5 'Structure model' '_struct_conn.pdbx_leaving_atom_flag'          
7  5 'Structure model' '_struct_conn.ptnr1_auth_asym_id'              
8  5 'Structure model' '_struct_conn.ptnr1_auth_comp_id'              
9  5 'Structure model' '_struct_conn.ptnr1_auth_seq_id'               
10 5 'Structure model' '_struct_conn.ptnr1_label_asym_id'             
11 5 'Structure model' '_struct_conn.ptnr1_label_atom_id'             
12 5 'Structure model' '_struct_conn.ptnr1_label_comp_id'             
13 5 'Structure model' '_struct_conn.ptnr1_label_seq_id'              
14 5 'Structure model' '_struct_conn.ptnr2_auth_comp_id'              
15 5 'Structure model' '_struct_conn.ptnr2_auth_seq_id'               
16 5 'Structure model' '_struct_conn.ptnr2_label_atom_id'             
17 5 'Structure model' '_struct_conn.ptnr2_label_comp_id'             
18 5 'Structure model' '_struct_conn.ptnr2_label_seq_id'              
19 5 'Structure model' '_struct_ref_seq_dif.details'                  
20 6 'Structure model' '_pdbx_entry_details.has_protein_modification' 
# 
_pdbx_database_status.status_code                     REL 
_pdbx_database_status.entry_id                        1SGC 
_pdbx_database_status.recvd_initial_deposition_date   1986-04-18 
_pdbx_database_status.deposit_site                    ? 
_pdbx_database_status.process_site                    BNL 
_pdbx_database_status.SG_entry                        . 
_pdbx_database_status.status_code_sf                  ? 
_pdbx_database_status.status_code_mr                  ? 
_pdbx_database_status.status_code_cs                  ? 
_pdbx_database_status.pdb_format_compatible           Y 
_pdbx_database_status.methods_development_category    ? 
_pdbx_database_status.status_code_nmr_data            ? 
# 
loop_
_audit_author.name 
_audit_author.pdbx_ordinal 
'Delbaere, L.T.J.' 1 
'Brayer, G.D.'     2 
# 
loop_
_citation.id 
_citation.title 
_citation.journal_abbrev 
_citation.journal_volume 
_citation.page_first 
_citation.page_last 
_citation.year 
_citation.journal_id_ASTM 
_citation.country 
_citation.journal_id_ISSN 
_citation.journal_id_CSD 
_citation.book_publisher 
_citation.pdbx_database_id_PubMed 
_citation.pdbx_database_id_DOI 
primary 
;The 1.8 A structure of the complex between chymostatin and Streptomyces griseus protease A. A model for serine protease catalytic tetrahedral intermediates.
;
J.Mol.Biol. 183 89 103 1985 JMOBAK UK 0022-2836 0070 ? 3892018 '10.1016/0022-2836(85)90283-9' 
1       
;Structure of the Complex Formed between the Bacterial-Produced Inhibitor Chymostatin and the Serine Enzyme Streptomyces Griseus Protease A
;
J.Mol.Biol. 139 45 ?   1980 JMOBAK UK 0022-2836 0070 ? ?       ?                              
# 
loop_
_citation_author.citation_id 
_citation_author.name 
_citation_author.ordinal 
_citation_author.identifier_ORCID 
primary 'Delbaere, L.T.'   1 ? 
primary 'Brayer, G.D.'     2 ? 
1       'Delbaere, L.T.J.' 3 ? 
1       'Brayer, G.D.'     4 ? 
# 
loop_
_entity.id 
_entity.type 
_entity.src_method 
_entity.pdbx_description 
_entity.formula_weight 
_entity.pdbx_number_of_molecules 
_entity.pdbx_ec 
_entity.pdbx_mutation 
_entity.pdbx_fragment 
_entity.details 
1 polymer man 'PROTEINASE A'  18016.625 1   ? ? ? ? 
2 polymer syn 'CHYMOSTATIN A' 607.701   1   ? ? ? ? 
3 water   nat water           18.015    217 ? ? ? ? 
# 
loop_
_entity_poly.entity_id 
_entity_poly.type 
_entity_poly.nstd_linkage 
_entity_poly.nstd_monomer 
_entity_poly.pdbx_seq_one_letter_code 
_entity_poly.pdbx_seq_one_letter_code_can 
_entity_poly.pdbx_strand_id 
_entity_poly.pdbx_target_identifier 
1 'polypeptide(L)' no no  
;IAGGEAITTGGSRCSLGFNVSVNGVAHALTAGHCTNISASWSIGTRTGTSFPNNDYGIIRHSNPAAADGRVYLYNGSYQD
ITTAGNAFVGQAVQRSGSTTGLRSGSVTGLNATVNYGSSGIVYGMIQTNVCAQPGDSGGSLFAGSTALGLTSGGSGNCRT
GGTTFYQPVTEALSAYGATVL
;
;IAGGEAITTGGSRCSLGFNVSVNGVAHALTAGHCTNISASWSIGTRTGTSFPNNDYGIIRHSNPAAADGRVYLYNGSYQD
ITTAGNAFVGQAVQRSGSTTGLRSGSVTGLNATVNYGSSGIVYGMIQTNVCAQPGDSGGSLFAGSTALGLTSGGSGNCRT
GGTTFYQPVTEALSAYGATVL
;
A ? 
2 'polypeptide(L)' no yes 'F(CSI)L(PHA)' FXLF B ? 
# 
_pdbx_entity_nonpoly.entity_id   3 
_pdbx_entity_nonpoly.name        water 
_pdbx_entity_nonpoly.comp_id     HOH 
# 
loop_
_entity_poly_seq.entity_id 
_entity_poly_seq.num 
_entity_poly_seq.mon_id 
_entity_poly_seq.hetero 
1 1   ILE n 
1 2   ALA n 
1 3   GLY n 
1 4   GLY n 
1 5   GLU n 
1 6   ALA n 
1 7   ILE n 
1 8   THR n 
1 9   THR n 
1 10  GLY n 
1 11  GLY n 
1 12  SER n 
1 13  ARG n 
1 14  CYS n 
1 15  SER n 
1 16  LEU n 
1 17  GLY n 
1 18  PHE n 
1 19  ASN n 
1 20  VAL n 
1 21  SER n 
1 22  VAL n 
1 23  ASN n 
1 24  GLY n 
1 25  VAL n 
1 26  ALA n 
1 27  HIS n 
1 28  ALA n 
1 29  LEU n 
1 30  THR n 
1 31  ALA n 
1 32  GLY n 
1 33  HIS n 
1 34  CYS n 
1 35  THR n 
1 36  ASN n 
1 37  ILE n 
1 38  SER n 
1 39  ALA n 
1 40  SER n 
1 41  TRP n 
1 42  SER n 
1 43  ILE n 
1 44  GLY n 
1 45  THR n 
1 46  ARG n 
1 47  THR n 
1 48  GLY n 
1 49  THR n 
1 50  SER n 
1 51  PHE n 
1 52  PRO n 
1 53  ASN n 
1 54  ASN n 
1 55  ASP n 
1 56  TYR n 
1 57  GLY n 
1 58  ILE n 
1 59  ILE n 
1 60  ARG n 
1 61  HIS n 
1 62  SER n 
1 63  ASN n 
1 64  PRO n 
1 65  ALA n 
1 66  ALA n 
1 67  ALA n 
1 68  ASP n 
1 69  GLY n 
1 70  ARG n 
1 71  VAL n 
1 72  TYR n 
1 73  LEU n 
1 74  TYR n 
1 75  ASN n 
1 76  GLY n 
1 77  SER n 
1 78  TYR n 
1 79  GLN n 
1 80  ASP n 
1 81  ILE n 
1 82  THR n 
1 83  THR n 
1 84  ALA n 
1 85  GLY n 
1 86  ASN n 
1 87  ALA n 
1 88  PHE n 
1 89  VAL n 
1 90  GLY n 
1 91  GLN n 
1 92  ALA n 
1 93  VAL n 
1 94  GLN n 
1 95  ARG n 
1 96  SER n 
1 97  GLY n 
1 98  SER n 
1 99  THR n 
1 100 THR n 
1 101 GLY n 
1 102 LEU n 
1 103 ARG n 
1 104 SER n 
1 105 GLY n 
1 106 SER n 
1 107 VAL n 
1 108 THR n 
1 109 GLY n 
1 110 LEU n 
1 111 ASN n 
1 112 ALA n 
1 113 THR n 
1 114 VAL n 
1 115 ASN n 
1 116 TYR n 
1 117 GLY n 
1 118 SER n 
1 119 SER n 
1 120 GLY n 
1 121 ILE n 
1 122 VAL n 
1 123 TYR n 
1 124 GLY n 
1 125 MET n 
1 126 ILE n 
1 127 GLN n 
1 128 THR n 
1 129 ASN n 
1 130 VAL n 
1 131 CYS n 
1 132 ALA n 
1 133 GLN n 
1 134 PRO n 
1 135 GLY n 
1 136 ASP n 
1 137 SER n 
1 138 GLY n 
1 139 GLY n 
1 140 SER n 
1 141 LEU n 
1 142 PHE n 
1 143 ALA n 
1 144 GLY n 
1 145 SER n 
1 146 THR n 
1 147 ALA n 
1 148 LEU n 
1 149 GLY n 
1 150 LEU n 
1 151 THR n 
1 152 SER n 
1 153 GLY n 
1 154 GLY n 
1 155 SER n 
1 156 GLY n 
1 157 ASN n 
1 158 CYS n 
1 159 ARG n 
1 160 THR n 
1 161 GLY n 
1 162 GLY n 
1 163 THR n 
1 164 THR n 
1 165 PHE n 
1 166 TYR n 
1 167 GLN n 
1 168 PRO n 
1 169 VAL n 
1 170 THR n 
1 171 GLU n 
1 172 ALA n 
1 173 LEU n 
1 174 SER n 
1 175 ALA n 
1 176 TYR n 
1 177 GLY n 
1 178 ALA n 
1 179 THR n 
1 180 VAL n 
1 181 LEU n 
2 1   PHE n 
2 2   CSI n 
2 3   LEU n 
2 4   PHA n 
# 
_entity_src_gen.entity_id                          1 
_entity_src_gen.pdbx_src_id                        1 
_entity_src_gen.pdbx_alt_source_flag               sample 
_entity_src_gen.pdbx_seq_type                      ? 
_entity_src_gen.pdbx_beg_seq_num                   ? 
_entity_src_gen.pdbx_end_seq_num                   ? 
_entity_src_gen.gene_src_common_name               ? 
_entity_src_gen.gene_src_genus                     Streptomyces 
_entity_src_gen.pdbx_gene_src_gene                 ? 
_entity_src_gen.gene_src_species                   ? 
_entity_src_gen.gene_src_strain                    ? 
_entity_src_gen.gene_src_tissue                    ? 
_entity_src_gen.gene_src_tissue_fraction           ? 
_entity_src_gen.gene_src_details                   ? 
_entity_src_gen.pdbx_gene_src_fragment             ? 
_entity_src_gen.pdbx_gene_src_scientific_name      'Streptomyces griseus' 
_entity_src_gen.pdbx_gene_src_ncbi_taxonomy_id     1911 
_entity_src_gen.pdbx_gene_src_variant              ? 
_entity_src_gen.pdbx_gene_src_cell_line            ? 
_entity_src_gen.pdbx_gene_src_atcc                 ? 
_entity_src_gen.pdbx_gene_src_organ                ? 
_entity_src_gen.pdbx_gene_src_organelle            ? 
_entity_src_gen.pdbx_gene_src_cell                 ? 
_entity_src_gen.pdbx_gene_src_cellular_location    ? 
_entity_src_gen.host_org_common_name               ? 
_entity_src_gen.pdbx_host_org_scientific_name      ? 
_entity_src_gen.pdbx_host_org_ncbi_taxonomy_id     ? 
_entity_src_gen.host_org_genus                     ? 
_entity_src_gen.pdbx_host_org_gene                 ? 
_entity_src_gen.pdbx_host_org_organ                ? 
_entity_src_gen.host_org_species                   ? 
_entity_src_gen.pdbx_host_org_tissue               ? 
_entity_src_gen.pdbx_host_org_tissue_fraction      ? 
_entity_src_gen.pdbx_host_org_strain               ? 
_entity_src_gen.pdbx_host_org_variant              ? 
_entity_src_gen.pdbx_host_org_cell_line            ? 
_entity_src_gen.pdbx_host_org_atcc                 ? 
_entity_src_gen.pdbx_host_org_culture_collection   ? 
_entity_src_gen.pdbx_host_org_cell                 ? 
_entity_src_gen.pdbx_host_org_organelle            ? 
_entity_src_gen.pdbx_host_org_cellular_location    ? 
_entity_src_gen.pdbx_host_org_vector_type          ? 
_entity_src_gen.pdbx_host_org_vector               ? 
_entity_src_gen.host_org_details                   ? 
_entity_src_gen.expression_system_id               ? 
_entity_src_gen.plasmid_name                       ? 
_entity_src_gen.plasmid_details                    ? 
_entity_src_gen.pdbx_description                   ? 
# 
_pdbx_entity_src_syn.entity_id              2 
_pdbx_entity_src_syn.pdbx_src_id            1 
_pdbx_entity_src_syn.pdbx_alt_source_flag   sample 
_pdbx_entity_src_syn.pdbx_beg_seq_num       ? 
_pdbx_entity_src_syn.pdbx_end_seq_num       ? 
_pdbx_entity_src_syn.organism_scientific    'Streptomyces hygroscopicus, MC521-C8' 
_pdbx_entity_src_syn.organism_common_name   ? 
_pdbx_entity_src_syn.ncbi_taxonomy_id       1912 
_pdbx_entity_src_syn.details                ? 
# 
loop_
_chem_comp.id 
_chem_comp.type 
_chem_comp.mon_nstd_flag 
_chem_comp.name 
_chem_comp.pdbx_synonyms 
_chem_comp.formula 
_chem_comp.formula_weight 
ALA 'L-peptide linking' y ALANINE                                                ? 'C3 H7 N O2'     89.093  
ARG 'L-peptide linking' y ARGININE                                               ? 'C6 H15 N4 O2 1' 175.209 
ASN 'L-peptide linking' y ASPARAGINE                                             ? 'C4 H8 N2 O3'    132.118 
ASP 'L-peptide linking' y 'ASPARTIC ACID'                                        ? 'C4 H7 N O4'     133.103 
CSI non-polymer         . 'AMINO-(2-IMINO-HEXAHYDRO-PYRIMIDIN-4-YL)-ACETIC ACID' ? 'C7 H12 N4 O4'   216.195 
CYS 'L-peptide linking' y CYSTEINE                                               ? 'C3 H7 N O2 S'   121.158 
GLN 'L-peptide linking' y GLUTAMINE                                              ? 'C5 H10 N2 O3'   146.144 
GLU 'L-peptide linking' y 'GLUTAMIC ACID'                                        ? 'C5 H9 N O4'     147.129 
GLY 'peptide linking'   y GLYCINE                                                ? 'C2 H5 N O2'     75.067  
HIS 'L-peptide linking' y HISTIDINE                                              ? 'C6 H10 N3 O2 1' 156.162 
HOH non-polymer         . WATER                                                  ? 'H2 O'           18.015  
ILE 'L-peptide linking' y ISOLEUCINE                                             ? 'C6 H13 N O2'    131.173 
LEU 'L-peptide linking' y LEUCINE                                                ? 'C6 H13 N O2'    131.173 
MET 'L-peptide linking' y METHIONINE                                             ? 'C5 H11 N O2 S'  149.211 
PHA 'L-peptide linking' n PHENYLALANINAL                                         ? 'C9 H11 N O'     149.190 
PHE 'L-peptide linking' y PHENYLALANINE                                          ? 'C9 H11 N O2'    165.189 
PRO 'L-peptide linking' y PROLINE                                                ? 'C5 H9 N O2'     115.130 
SER 'L-peptide linking' y SERINE                                                 ? 'C3 H7 N O3'     105.093 
THR 'L-peptide linking' y THREONINE                                              ? 'C4 H9 N O3'     119.119 
TRP 'L-peptide linking' y TRYPTOPHAN                                             ? 'C11 H12 N2 O2'  204.225 
TYR 'L-peptide linking' y TYROSINE                                               ? 'C9 H11 N O3'    181.189 
VAL 'L-peptide linking' y VALINE                                                 ? 'C5 H11 N O2'    117.146 
# 
loop_
_pdbx_poly_seq_scheme.asym_id 
_pdbx_poly_seq_scheme.entity_id 
_pdbx_poly_seq_scheme.seq_id 
_pdbx_poly_seq_scheme.mon_id 
_pdbx_poly_seq_scheme.ndb_seq_num 
_pdbx_poly_seq_scheme.pdb_seq_num 
_pdbx_poly_seq_scheme.auth_seq_num 
_pdbx_poly_seq_scheme.pdb_mon_id 
_pdbx_poly_seq_scheme.auth_mon_id 
_pdbx_poly_seq_scheme.pdb_strand_id 
_pdbx_poly_seq_scheme.pdb_ins_code 
_pdbx_poly_seq_scheme.hetero 
A 1 1   ILE 1   16  16  ILE ILE A . n 
A 1 2   ALA 2   17  17  ALA ALA A . n 
A 1 3   GLY 3   18  18  GLY GLY A . n 
A 1 4   GLY 4   19  19  GLY GLY A . n 
A 1 5   GLU 5   29  29  GLU GLU A . n 
A 1 6   ALA 6   30  30  ALA ALA A . n 
A 1 7   ILE 7   31  31  ILE ILE A . n 
A 1 8   THR 8   32  32  THR THR A . n 
A 1 9   THR 9   33  33  THR THR A . n 
A 1 10  GLY 10  34  34  GLY GLY A . n 
A 1 11  GLY 11  39  39  GLY GLY A . n 
A 1 12  SER 12  40  40  SER SER A . n 
A 1 13  ARG 13  41  41  ARG ARG A . n 
A 1 14  CYS 14  42  42  CYS CYS A . n 
A 1 15  SER 15  43  43  SER SER A . n 
A 1 16  LEU 16  44  44  LEU LEU A . n 
A 1 17  GLY 17  45  45  GLY GLY A . n 
A 1 18  PHE 18  46  46  PHE PHE A . n 
A 1 19  ASN 19  47  47  ASN ASN A . n 
A 1 20  VAL 20  48  48  VAL VAL A . n 
A 1 21  SER 21  48  48  SER SER A A n 
A 1 22  VAL 22  48  48  VAL VAL A B n 
A 1 23  ASN 23  48  48  ASN ASN A C n 
A 1 24  GLY 24  48  48  GLY GLY A D n 
A 1 25  VAL 25  49  49  VAL VAL A . n 
A 1 26  ALA 26  50  50  ALA ALA A . n 
A 1 27  HIS 27  51  51  HIS HIS A . n 
A 1 28  ALA 28  52  52  ALA ALA A . n 
A 1 29  LEU 29  53  53  LEU LEU A . n 
A 1 30  THR 30  54  54  THR THR A . n 
A 1 31  ALA 31  55  55  ALA ALA A . n 
A 1 32  GLY 32  56  56  GLY GLY A . n 
A 1 33  HIS 33  57  57  HIS HIS A . n 
A 1 34  CYS 34  58  58  CYS CYS A . n 
A 1 35  THR 35  59  59  THR THR A . n 
A 1 36  ASN 36  62  62  ASN ASN A . n 
A 1 37  ILE 37  63  63  ILE ILE A . n 
A 1 38  SER 38  64  64  SER SER A . n 
A 1 39  ALA 39  65  65  ALA ALA A . n 
A 1 40  SER 40  65  65  SER SER A A n 
A 1 41  TRP 41  66  66  TRP TRP A . n 
A 1 42  SER 42  84  84  SER SER A . n 
A 1 43  ILE 43  85  85  ILE ILE A . n 
A 1 44  GLY 44  86  86  GLY GLY A . n 
A 1 45  THR 45  87  87  THR THR A . n 
A 1 46  ARG 46  88  88  ARG ARG A . n 
A 1 47  THR 47  89  89  THR THR A . n 
A 1 48  GLY 48  90  90  GLY GLY A . n 
A 1 49  THR 49  91  91  THR THR A . n 
A 1 50  SER 50  93  93  SER SER A . n 
A 1 51  PHE 51  94  94  PHE PHE A . n 
A 1 52  PRO 52  99  99  PRO PRO A A n 
A 1 53  ASN 53  100 100 ASN ASN A . n 
A 1 54  ASN 54  101 101 ASN ASN A . n 
A 1 55  ASP 55  102 102 ASP ASP A . n 
A 1 56  TYR 56  103 103 TYR TYR A . n 
A 1 57  GLY 57  104 104 GLY GLY A . n 
A 1 58  ILE 58  105 105 ILE ILE A . n 
A 1 59  ILE 59  106 106 ILE ILE A . n 
A 1 60  ARG 60  107 107 ARG ARG A . n 
A 1 61  HIS 61  108 108 HIS HIS A . n 
A 1 62  SER 62  109 109 SER SER A . n 
A 1 63  ASN 63  110 110 ASN ASN A . n 
A 1 64  PRO 64  111 111 PRO PRO A . n 
A 1 65  ALA 65  112 112 ALA ALA A . n 
A 1 66  ALA 66  113 113 ALA ALA A . n 
A 1 67  ALA 67  114 114 ALA ALA A . n 
A 1 68  ASP 68  115 115 ASP ASP A . n 
A 1 69  GLY 69  116 116 GLY GLY A . n 
A 1 70  ARG 70  117 117 ARG ARG A . n 
A 1 71  VAL 71  118 118 VAL VAL A . n 
A 1 72  TYR 72  119 119 TYR TYR A . n 
A 1 73  LEU 73  120 120 LEU LEU A . n 
A 1 74  TYR 74  120 120 TYR TYR A A n 
A 1 75  ASN 75  120 120 ASN ASN A B n 
A 1 76  GLY 76  120 120 GLY GLY A C n 
A 1 77  SER 77  120 120 SER SER A D n 
A 1 78  TYR 78  121 121 TYR TYR A . n 
A 1 79  GLN 79  122 122 GLN GLN A . n 
A 1 80  ASP 80  123 123 ASP ASP A . n 
A 1 81  ILE 81  124 124 ILE ILE A . n 
A 1 82  THR 82  125 125 THR THR A . n 
A 1 83  THR 83  126 126 THR THR A . n 
A 1 84  ALA 84  127 127 ALA ALA A . n 
A 1 85  GLY 85  128 128 GLY GLY A . n 
A 1 86  ASN 86  129 129 ASN ASN A . n 
A 1 87  ALA 87  130 130 ALA ALA A . n 
A 1 88  PHE 88  131 131 PHE PHE A . n 
A 1 89  VAL 89  132 132 VAL VAL A . n 
A 1 90  GLY 90  133 133 GLY GLY A . n 
A 1 91  GLN 91  134 134 GLN GLN A . n 
A 1 92  ALA 92  135 135 ALA ALA A . n 
A 1 93  VAL 93  136 136 VAL VAL A . n 
A 1 94  GLN 94  137 137 GLN GLN A . n 
A 1 95  ARG 95  138 138 ARG ARG A . n 
A 1 96  SER 96  139 139 SER SER A . n 
A 1 97  GLY 97  140 140 GLY GLY A . n 
A 1 98  SER 98  141 141 SER SER A . n 
A 1 99  THR 99  142 142 THR THR A . n 
A 1 100 THR 100 143 143 THR THR A . n 
A 1 101 GLY 101 156 156 GLY GLY A . n 
A 1 102 LEU 102 157 157 LEU LEU A . n 
A 1 103 ARG 103 158 158 ARG ARG A . n 
A 1 104 SER 104 159 159 SER SER A . n 
A 1 105 GLY 105 160 160 GLY GLY A . n 
A 1 106 SER 106 161 161 SER SER A . n 
A 1 107 VAL 107 162 162 VAL VAL A . n 
A 1 108 THR 108 163 163 THR THR A . n 
A 1 109 GLY 109 164 164 GLY GLY A . n 
A 1 110 LEU 110 165 165 LEU LEU A . n 
A 1 111 ASN 111 166 166 ASN ASN A . n 
A 1 112 ALA 112 167 167 ALA ALA A . n 
A 1 113 THR 113 168 168 THR THR A . n 
A 1 114 VAL 114 169 169 VAL VAL A . n 
A 1 115 ASN 115 170 170 ASN ASN A . n 
A 1 116 TYR 116 171 171 TYR TYR A . n 
A 1 117 GLY 117 172 172 GLY GLY A . n 
A 1 118 SER 118 173 173 SER SER A . n 
A 1 119 SER 119 174 174 SER SER A . n 
A 1 120 GLY 120 175 175 GLY GLY A . n 
A 1 121 ILE 121 176 176 ILE ILE A . n 
A 1 122 VAL 122 177 177 VAL VAL A . n 
A 1 123 TYR 123 178 178 TYR TYR A . n 
A 1 124 GLY 124 179 179 GLY GLY A . n 
A 1 125 MET 125 180 180 MET MET A . n 
A 1 126 ILE 126 181 181 ILE ILE A . n 
A 1 127 GLN 127 182 182 GLN GLN A . n 
A 1 128 THR 128 183 183 THR THR A . n 
A 1 129 ASN 129 184 184 ASN ASN A . n 
A 1 130 VAL 130 190 190 VAL VAL A . n 
A 1 131 CYS 131 191 191 CYS CYS A . n 
A 1 132 ALA 132 192 192 ALA ALA A . n 
A 1 133 GLN 133 192 192 GLN GLN A A n 
A 1 134 PRO 134 192 192 PRO PRO A B n 
A 1 135 GLY 135 193 193 GLY GLY A . n 
A 1 136 ASP 136 194 194 ASP ASP A . n 
A 1 137 SER 137 195 195 SER SER A . n 
A 1 138 GLY 138 196 196 GLY GLY A . n 
A 1 139 GLY 139 197 197 GLY GLY A . n 
A 1 140 SER 140 198 198 SER SER A . n 
A 1 141 LEU 141 199 199 LEU LEU A . n 
A 1 142 PHE 142 200 200 PHE PHE A . n 
A 1 143 ALA 143 201 201 ALA ALA A . n 
A 1 144 GLY 144 202 202 GLY GLY A . n 
A 1 145 SER 145 207 207 SER SER A . n 
A 1 146 THR 146 208 208 THR THR A . n 
A 1 147 ALA 147 209 209 ALA ALA A . n 
A 1 148 LEU 148 210 210 LEU LEU A . n 
A 1 149 GLY 149 211 211 GLY GLY A . n 
A 1 150 LEU 150 212 212 LEU LEU A . n 
A 1 151 THR 151 213 213 THR THR A . n 
A 1 152 SER 152 214 214 SER SER A . n 
A 1 153 GLY 153 215 215 GLY GLY A . n 
A 1 154 GLY 154 216 216 GLY GLY A . n 
A 1 155 SER 155 217 217 SER SER A . n 
A 1 156 GLY 156 218 218 GLY GLY A . n 
A 1 157 ASN 157 219 219 ASN ASN A . n 
A 1 158 CYS 158 220 220 CYS CYS A . n 
A 1 159 ARG 159 221 221 ARG ARG A . n 
A 1 160 THR 160 222 222 THR THR A . n 
A 1 161 GLY 161 223 223 GLY GLY A . n 
A 1 162 GLY 162 224 224 GLY GLY A . n 
A 1 163 THR 163 225 225 THR THR A . n 
A 1 164 THR 164 226 226 THR THR A . n 
A 1 165 PHE 165 227 227 PHE PHE A . n 
A 1 166 TYR 166 228 228 TYR TYR A . n 
A 1 167 GLN 167 229 229 GLN GLN A . n 
A 1 168 PRO 168 230 230 PRO PRO A . n 
A 1 169 VAL 169 231 231 VAL VAL A . n 
A 1 170 THR 170 232 232 THR THR A . n 
A 1 171 GLU 171 233 233 GLU GLU A . n 
A 1 172 ALA 172 234 234 ALA ALA A . n 
A 1 173 LEU 173 235 235 LEU LEU A . n 
A 1 174 SER 174 235 235 SER SER A A n 
A 1 175 ALA 175 236 236 ALA ALA A . n 
A 1 176 TYR 176 237 237 TYR TYR A . n 
A 1 177 GLY 177 238 238 GLY GLY A . n 
A 1 178 ALA 178 239 239 ALA ALA A . n 
A 1 179 THR 179 240 240 THR THR A . n 
A 1 180 VAL 180 241 241 VAL VAL A . n 
A 1 181 LEU 181 242 242 LEU LEU A . n 
B 2 1   PHE 1   1   1   PHE PHE B . n 
B 2 2   CSI 2   2   2   CSI CSI B . n 
B 2 3   LEU 3   3   3   LEU LEU B . n 
B 2 4   PHA 4   4   4   PHA PHA B . n 
# 
loop_
_pdbx_nonpoly_scheme.asym_id 
_pdbx_nonpoly_scheme.entity_id 
_pdbx_nonpoly_scheme.mon_id 
_pdbx_nonpoly_scheme.ndb_seq_num 
_pdbx_nonpoly_scheme.pdb_seq_num 
_pdbx_nonpoly_scheme.auth_seq_num 
_pdbx_nonpoly_scheme.pdb_mon_id 
_pdbx_nonpoly_scheme.auth_mon_id 
_pdbx_nonpoly_scheme.pdb_strand_id 
_pdbx_nonpoly_scheme.pdb_ins_code 
C 3 HOH 1   243 243 HOH HOH A . 
C 3 HOH 2   244 244 HOH HOH A . 
C 3 HOH 3   245 245 HOH HOH A . 
C 3 HOH 4   246 246 HOH HOH A . 
C 3 HOH 5   247 247 HOH HOH A . 
C 3 HOH 6   248 248 HOH HOH A . 
C 3 HOH 7   249 249 HOH HOH A . 
C 3 HOH 8   250 250 HOH HOH A . 
C 3 HOH 9   251 251 HOH HOH A . 
C 3 HOH 10  252 252 HOH HOH A . 
C 3 HOH 11  253 253 HOH HOH A . 
C 3 HOH 12  254 254 HOH HOH A . 
C 3 HOH 13  255 255 HOH HOH A . 
C 3 HOH 14  256 256 HOH HOH A . 
C 3 HOH 15  257 257 HOH HOH A . 
C 3 HOH 16  258 258 HOH HOH A . 
C 3 HOH 17  259 259 HOH HOH A . 
C 3 HOH 18  260 260 HOH HOH A . 
C 3 HOH 19  261 261 HOH HOH A . 
C 3 HOH 20  262 262 HOH HOH A . 
C 3 HOH 21  263 263 HOH HOH A . 
C 3 HOH 22  264 264 HOH HOH A . 
C 3 HOH 23  265 265 HOH HOH A . 
C 3 HOH 24  266 266 HOH HOH A . 
C 3 HOH 25  267 267 HOH HOH A . 
C 3 HOH 26  268 268 HOH HOH A . 
C 3 HOH 27  269 269 HOH HOH A . 
C 3 HOH 28  270 270 HOH HOH A . 
C 3 HOH 29  271 271 HOH HOH A . 
C 3 HOH 30  272 272 HOH HOH A . 
C 3 HOH 31  273 273 HOH HOH A . 
C 3 HOH 32  274 274 HOH HOH A . 
C 3 HOH 33  275 275 HOH HOH A . 
C 3 HOH 34  276 276 HOH HOH A . 
C 3 HOH 35  277 277 HOH HOH A . 
C 3 HOH 36  278 278 HOH HOH A . 
C 3 HOH 37  279 279 HOH HOH A . 
C 3 HOH 38  280 280 HOH HOH A . 
C 3 HOH 39  281 281 HOH HOH A . 
C 3 HOH 40  282 282 HOH HOH A . 
C 3 HOH 41  283 283 HOH HOH A . 
C 3 HOH 42  284 284 HOH HOH A . 
C 3 HOH 43  285 285 HOH HOH A . 
C 3 HOH 44  286 286 HOH HOH A . 
C 3 HOH 45  287 287 HOH HOH A . 
C 3 HOH 46  288 288 HOH HOH A . 
C 3 HOH 47  289 289 HOH HOH A . 
C 3 HOH 48  290 290 HOH HOH A . 
C 3 HOH 49  291 291 HOH HOH A . 
C 3 HOH 50  292 292 HOH HOH A . 
C 3 HOH 51  293 293 HOH HOH A . 
C 3 HOH 52  294 294 HOH HOH A . 
C 3 HOH 53  295 295 HOH HOH A . 
C 3 HOH 54  296 296 HOH HOH A . 
C 3 HOH 55  297 297 HOH HOH A . 
C 3 HOH 56  298 298 HOH HOH A . 
C 3 HOH 57  299 299 HOH HOH A . 
C 3 HOH 58  300 300 HOH HOH A . 
C 3 HOH 59  301 301 HOH HOH A . 
C 3 HOH 60  302 302 HOH HOH A . 
C 3 HOH 61  303 303 HOH HOH A . 
C 3 HOH 62  304 304 HOH HOH A . 
C 3 HOH 63  305 305 HOH HOH A . 
C 3 HOH 64  306 306 HOH HOH A . 
C 3 HOH 65  307 307 HOH HOH A . 
C 3 HOH 66  308 308 HOH HOH A . 
C 3 HOH 67  309 309 HOH HOH A . 
C 3 HOH 68  310 310 HOH HOH A . 
C 3 HOH 69  311 311 HOH HOH A . 
C 3 HOH 70  312 312 HOH HOH A . 
C 3 HOH 71  313 313 HOH HOH A . 
C 3 HOH 72  314 314 HOH HOH A . 
C 3 HOH 73  315 315 HOH HOH A . 
C 3 HOH 74  316 316 HOH HOH A . 
C 3 HOH 75  317 317 HOH HOH A . 
C 3 HOH 76  318 318 HOH HOH A . 
C 3 HOH 77  319 319 HOH HOH A . 
C 3 HOH 78  320 320 HOH HOH A . 
C 3 HOH 79  321 321 HOH HOH A . 
C 3 HOH 80  324 324 HOH HOH A . 
C 3 HOH 81  325 325 HOH HOH A . 
C 3 HOH 82  326 326 HOH HOH A . 
C 3 HOH 83  327 327 HOH HOH A . 
C 3 HOH 84  328 328 HOH HOH A . 
C 3 HOH 85  329 329 HOH HOH A . 
C 3 HOH 86  330 330 HOH HOH A . 
C 3 HOH 87  331 331 HOH HOH A . 
C 3 HOH 88  332 332 HOH HOH A . 
C 3 HOH 89  333 333 HOH HOH A . 
C 3 HOH 90  334 334 HOH HOH A . 
C 3 HOH 91  335 335 HOH HOH A . 
C 3 HOH 92  336 336 HOH HOH A . 
C 3 HOH 93  337 337 HOH HOH A . 
C 3 HOH 94  338 338 HOH HOH A . 
C 3 HOH 95  339 339 HOH HOH A . 
C 3 HOH 96  340 340 HOH HOH A . 
C 3 HOH 97  341 341 HOH HOH A . 
C 3 HOH 98  342 342 HOH HOH A . 
C 3 HOH 99  343 343 HOH HOH A . 
C 3 HOH 100 344 344 HOH HOH A . 
C 3 HOH 101 345 345 HOH HOH A . 
C 3 HOH 102 346 346 HOH HOH A . 
C 3 HOH 103 347 347 HOH HOH A . 
C 3 HOH 104 348 348 HOH HOH A . 
C 3 HOH 105 349 349 HOH HOH A . 
C 3 HOH 106 350 350 HOH HOH A . 
C 3 HOH 107 351 351 HOH HOH A . 
C 3 HOH 108 352 352 HOH HOH A . 
C 3 HOH 109 353 353 HOH HOH A . 
C 3 HOH 110 354 354 HOH HOH A . 
C 3 HOH 111 355 355 HOH HOH A . 
C 3 HOH 112 356 356 HOH HOH A . 
C 3 HOH 113 357 357 HOH HOH A . 
C 3 HOH 114 358 358 HOH HOH A . 
C 3 HOH 115 359 359 HOH HOH A . 
C 3 HOH 116 360 360 HOH HOH A . 
C 3 HOH 117 361 361 HOH HOH A . 
C 3 HOH 118 362 362 HOH HOH A . 
C 3 HOH 119 363 363 HOH HOH A . 
C 3 HOH 120 364 364 HOH HOH A . 
C 3 HOH 121 365 365 HOH HOH A . 
C 3 HOH 122 366 366 HOH HOH A . 
C 3 HOH 123 367 367 HOH HOH A . 
C 3 HOH 124 368 368 HOH HOH A . 
C 3 HOH 125 369 369 HOH HOH A . 
C 3 HOH 126 370 370 HOH HOH A . 
C 3 HOH 127 371 371 HOH HOH A . 
C 3 HOH 128 372 372 HOH HOH A . 
C 3 HOH 129 373 373 HOH HOH A . 
C 3 HOH 130 374 374 HOH HOH A . 
C 3 HOH 131 375 375 HOH HOH A . 
C 3 HOH 132 376 376 HOH HOH A . 
C 3 HOH 133 377 377 HOH HOH A . 
C 3 HOH 134 378 378 HOH HOH A . 
C 3 HOH 135 379 379 HOH HOH A . 
C 3 HOH 136 380 380 HOH HOH A . 
C 3 HOH 137 381 381 HOH HOH A . 
C 3 HOH 138 382 382 HOH HOH A . 
C 3 HOH 139 383 383 HOH HOH A . 
C 3 HOH 140 384 384 HOH HOH A . 
C 3 HOH 141 385 385 HOH HOH A . 
C 3 HOH 142 387 387 HOH HOH A . 
C 3 HOH 143 388 388 HOH HOH A . 
C 3 HOH 144 389 389 HOH HOH A . 
C 3 HOH 145 390 390 HOH HOH A . 
C 3 HOH 146 391 391 HOH HOH A . 
C 3 HOH 147 392 392 HOH HOH A . 
C 3 HOH 148 393 393 HOH HOH A . 
C 3 HOH 149 394 394 HOH HOH A . 
C 3 HOH 150 395 395 HOH HOH A . 
C 3 HOH 151 396 396 HOH HOH A . 
C 3 HOH 152 397 397 HOH HOH A . 
C 3 HOH 153 398 398 HOH HOH A . 
C 3 HOH 154 399 399 HOH HOH A . 
C 3 HOH 155 400 400 HOH HOH A . 
C 3 HOH 156 401 401 HOH HOH A . 
C 3 HOH 157 402 402 HOH HOH A . 
C 3 HOH 158 403 403 HOH HOH A . 
C 3 HOH 159 404 404 HOH HOH A . 
C 3 HOH 160 405 405 HOH HOH A . 
C 3 HOH 161 406 406 HOH HOH A . 
C 3 HOH 162 407 407 HOH HOH A . 
C 3 HOH 163 408 408 HOH HOH A . 
C 3 HOH 164 409 409 HOH HOH A . 
C 3 HOH 165 410 410 HOH HOH A . 
C 3 HOH 166 411 411 HOH HOH A . 
C 3 HOH 167 412 412 HOH HOH A . 
C 3 HOH 168 413 413 HOH HOH A . 
C 3 HOH 169 414 414 HOH HOH A . 
C 3 HOH 170 415 415 HOH HOH A . 
C 3 HOH 171 416 416 HOH HOH A . 
C 3 HOH 172 417 417 HOH HOH A . 
C 3 HOH 173 418 418 HOH HOH A . 
C 3 HOH 174 419 419 HOH HOH A . 
C 3 HOH 175 420 420 HOH HOH A . 
C 3 HOH 176 421 421 HOH HOH A . 
C 3 HOH 177 422 422 HOH HOH A . 
C 3 HOH 178 423 423 HOH HOH A . 
C 3 HOH 179 424 424 HOH HOH A . 
C 3 HOH 180 425 425 HOH HOH A . 
C 3 HOH 181 426 426 HOH HOH A . 
C 3 HOH 182 427 427 HOH HOH A . 
C 3 HOH 183 428 428 HOH HOH A . 
C 3 HOH 184 429 429 HOH HOH A . 
C 3 HOH 185 430 430 HOH HOH A . 
C 3 HOH 186 431 431 HOH HOH A . 
C 3 HOH 187 432 432 HOH HOH A . 
C 3 HOH 188 433 433 HOH HOH A . 
C 3 HOH 189 434 434 HOH HOH A . 
C 3 HOH 190 435 435 HOH HOH A . 
C 3 HOH 191 436 436 HOH HOH A . 
C 3 HOH 192 437 437 HOH HOH A . 
C 3 HOH 193 438 438 HOH HOH A . 
C 3 HOH 194 439 439 HOH HOH A . 
C 3 HOH 195 440 440 HOH HOH A . 
C 3 HOH 196 441 441 HOH HOH A . 
C 3 HOH 197 444 444 HOH HOH A . 
C 3 HOH 198 445 445 HOH HOH A . 
C 3 HOH 199 446 446 HOH HOH A . 
C 3 HOH 200 447 447 HOH HOH A . 
C 3 HOH 201 449 449 HOH HOH A . 
C 3 HOH 202 450 450 HOH HOH A . 
C 3 HOH 203 451 451 HOH HOH A . 
C 3 HOH 204 452 452 HOH HOH A . 
C 3 HOH 205 455 455 HOH HOH A . 
C 3 HOH 206 456 456 HOH HOH A . 
C 3 HOH 207 457 457 HOH HOH A . 
C 3 HOH 208 458 458 HOH HOH A . 
C 3 HOH 209 459 459 HOH HOH A . 
D 3 HOH 1   322 322 HOH HOH B . 
D 3 HOH 2   323 323 HOH HOH B . 
D 3 HOH 3   386 386 HOH HOH B . 
D 3 HOH 4   442 442 HOH HOH B . 
D 3 HOH 5   443 443 HOH HOH B . 
D 3 HOH 6   448 448 HOH HOH B . 
D 3 HOH 7   453 453 HOH HOH B . 
D 3 HOH 8   454 454 HOH HOH B . 
# 
loop_
_pdbx_unobs_or_zero_occ_atoms.id 
_pdbx_unobs_or_zero_occ_atoms.PDB_model_num 
_pdbx_unobs_or_zero_occ_atoms.polymer_flag 
_pdbx_unobs_or_zero_occ_atoms.occupancy_flag 
_pdbx_unobs_or_zero_occ_atoms.auth_asym_id 
_pdbx_unobs_or_zero_occ_atoms.auth_comp_id 
_pdbx_unobs_or_zero_occ_atoms.auth_seq_id 
_pdbx_unobs_or_zero_occ_atoms.PDB_ins_code 
_pdbx_unobs_or_zero_occ_atoms.auth_atom_id 
_pdbx_unobs_or_zero_occ_atoms.label_alt_id 
_pdbx_unobs_or_zero_occ_atoms.label_asym_id 
_pdbx_unobs_or_zero_occ_atoms.label_comp_id 
_pdbx_unobs_or_zero_occ_atoms.label_seq_id 
_pdbx_unobs_or_zero_occ_atoms.label_atom_id 
1 1 Y 1 A ARG 221 ? CG  ? A ARG 159 CG  
2 1 Y 1 A ARG 221 ? CD  ? A ARG 159 CD  
3 1 Y 1 A ARG 221 ? NE  ? A ARG 159 NE  
4 1 Y 1 A ARG 221 ? CZ  ? A ARG 159 CZ  
5 1 Y 1 A ARG 221 ? NH1 ? A ARG 159 NH1 
6 1 Y 1 A ARG 221 ? NH2 ? A ARG 159 NH2 
# 
_software.name             PROLSQ 
_software.classification   refinement 
_software.version          . 
_software.citation_id      ? 
_software.pdbx_ordinal     1 
# 
_cell.entry_id           1SGC 
_cell.length_a           55.050 
_cell.length_b           55.050 
_cell.length_c           54.630 
_cell.angle_alpha        90.00 
_cell.angle_beta         90.00 
_cell.angle_gamma        90.00 
_cell.Z_PDB              4 
_cell.pdbx_unique_axis   ? 
_cell.length_a_esd       ? 
_cell.length_b_esd       ? 
_cell.length_c_esd       ? 
_cell.angle_alpha_esd    ? 
_cell.angle_beta_esd     ? 
_cell.angle_gamma_esd    ? 
# 
_symmetry.entry_id                         1SGC 
_symmetry.space_group_name_H-M             'P 42' 
_symmetry.pdbx_full_space_group_name_H-M   ? 
_symmetry.cell_setting                     ? 
_symmetry.Int_Tables_number                77 
_symmetry.space_group_name_Hall            ? 
# 
_exptl.entry_id          1SGC 
_exptl.method            'X-RAY DIFFRACTION' 
_exptl.crystals_number   ? 
# 
_exptl_crystal.id                    1 
_exptl_crystal.density_meas          ? 
_exptl_crystal.density_Matthews      2.30 
_exptl_crystal.density_percent_sol   46.45 
_exptl_crystal.description           ? 
_exptl_crystal.F_000                 ? 
_exptl_crystal.preparation           ? 
# 
_diffrn.id                     1 
_diffrn.ambient_temp           ? 
_diffrn.ambient_temp_details   ? 
_diffrn.crystal_id             1 
# 
_diffrn_radiation.diffrn_id                        1 
_diffrn_radiation.wavelength_id                    1 
_diffrn_radiation.monochromator                    ? 
_diffrn_radiation.pdbx_monochromatic_or_laue_m_l   ? 
_diffrn_radiation.pdbx_diffrn_protocol             ? 
_diffrn_radiation.pdbx_scattering_type             x-ray 
# 
_diffrn_radiation_wavelength.id           1 
_diffrn_radiation_wavelength.wavelength   . 
_diffrn_radiation_wavelength.wt           1.0 
# 
_refine.entry_id                                 1SGC 
_refine.ls_number_reflns_obs                     ? 
_refine.ls_number_reflns_all                     ? 
_refine.pdbx_ls_sigma_I                          ? 
_refine.pdbx_ls_sigma_F                          ? 
_refine.pdbx_data_cutoff_high_absF               ? 
_refine.pdbx_data_cutoff_low_absF                ? 
_refine.pdbx_data_cutoff_high_rms_absF           ? 
_refine.ls_d_res_low                             ? 
_refine.ls_d_res_high                            1.8 
_refine.ls_percent_reflns_obs                    ? 
_refine.ls_R_factor_obs                          ? 
_refine.ls_R_factor_all                          ? 
_refine.ls_R_factor_R_work                       0.123 
_refine.ls_R_factor_R_free                       ? 
_refine.ls_R_factor_R_free_error                 ? 
_refine.ls_R_factor_R_free_error_details         ? 
_refine.ls_percent_reflns_R_free                 ? 
_refine.ls_number_reflns_R_free                  ? 
_refine.ls_number_parameters                     ? 
_refine.ls_number_restraints                     ? 
_refine.occupancy_min                            ? 
_refine.occupancy_max                            ? 
_refine.B_iso_mean                               ? 
_refine.aniso_B[1][1]                            ? 
_refine.aniso_B[2][2]                            ? 
_refine.aniso_B[3][3]                            ? 
_refine.aniso_B[1][2]                            ? 
_refine.aniso_B[1][3]                            ? 
_refine.aniso_B[2][3]                            ? 
_refine.solvent_model_details                    ? 
_refine.solvent_model_param_ksol                 ? 
_refine.solvent_model_param_bsol                 ? 
_refine.pdbx_ls_cross_valid_method               ? 
_refine.details                                  ? 
_refine.pdbx_starting_model                      ? 
_refine.pdbx_method_to_determine_struct          ? 
_refine.pdbx_isotropic_thermal_model             ? 
_refine.pdbx_stereochemistry_target_values       ? 
_refine.pdbx_stereochem_target_val_spec_case     ? 
_refine.pdbx_R_Free_selection_details            ? 
_refine.pdbx_overall_ESU_R_Free                  ? 
_refine.overall_SU_ML                            ? 
_refine.overall_SU_B                             ? 
_refine.pdbx_refine_id                           'X-RAY DIFFRACTION' 
_refine.ls_redundancy_reflns_obs                 ? 
_refine.pdbx_overall_ESU_R                       ? 
_refine.pdbx_overall_phase_error                 ? 
_refine.B_iso_min                                ? 
_refine.B_iso_max                                ? 
_refine.correlation_coeff_Fo_to_Fc               ? 
_refine.correlation_coeff_Fo_to_Fc_free          ? 
_refine.pdbx_solvent_vdw_probe_radii             ? 
_refine.pdbx_solvent_ion_probe_radii             ? 
_refine.pdbx_solvent_shrinkage_radii             ? 
_refine.overall_SU_R_Cruickshank_DPI             ? 
_refine.overall_SU_R_free                        ? 
_refine.ls_wR_factor_R_free                      ? 
_refine.ls_wR_factor_R_work                      ? 
_refine.overall_FOM_free_R_set                   ? 
_refine.overall_FOM_work_R_set                   ? 
_refine.pdbx_diffrn_id                           1 
_refine.pdbx_TLS_residual_ADP_flag               ? 
_refine.pdbx_overall_SU_R_free_Cruickshank_DPI   ? 
_refine.pdbx_overall_SU_R_Blow_DPI               ? 
_refine.pdbx_overall_SU_R_free_Blow_DPI          ? 
# 
_refine_hist.pdbx_refine_id                   'X-RAY DIFFRACTION' 
_refine_hist.cycle_id                         LAST 
_refine_hist.pdbx_number_atoms_protein        1303 
_refine_hist.pdbx_number_atoms_nucleic_acid   0 
_refine_hist.pdbx_number_atoms_ligand         0 
_refine_hist.number_atoms_solvent             217 
_refine_hist.number_atoms_total               1520 
_refine_hist.d_res_high                       1.8 
_refine_hist.d_res_low                        . 
# 
_struct.entry_id                  1SGC 
_struct.title                     
;THE 1.8 ANGSTROMS STRUCTURE OF THE COMPLEX BETWEEN CHYMOSTATIN AND STREPTOMYCES GRISEUS PROTEASE A. A MODEL FOR SERINE PROTEASE CATALYTIC TETRAHEDRAL INTERMEDIATES
;
_struct.pdbx_model_details        ? 
_struct.pdbx_CASP_flag            ? 
_struct.pdbx_model_type_details   ? 
# 
_struct_keywords.entry_id        1SGC 
_struct_keywords.pdbx_keywords   'HYDROLASE/HYDROLASE INHIBITOR' 
_struct_keywords.text            'HYDROLASE (SERINE PROTEINASE), HYDROLASE-HYDROLASE INHIBITOR COMPLEX' 
# 
loop_
_struct_asym.id 
_struct_asym.pdbx_blank_PDB_chainid_flag 
_struct_asym.pdbx_modified 
_struct_asym.entity_id 
_struct_asym.details 
A N N 1 ? 
B N N 2 ? 
C N N 3 ? 
D N N 3 ? 
# 
loop_
_struct_ref.entity_id 
_struct_ref.pdbx_db_accession 
_struct_ref.db_code 
_struct_ref.db_name 
_struct_ref.id 
_struct_ref.pdbx_seq_one_letter_code 
_struct_ref.pdbx_align_begin 
_struct_ref.pdbx_db_isoform 
1 P00776 PRTA_STRGR UNP 1 
;MTFKRFSPLSSTSRYARLLAVASGLVAAAALATPSAVAAPEAESKATVSQLADASSAILAADVAGTAWYTEASTGKIVLT
ADSTVSKAELAKVSNALAGSKAKLTVKRAEGKFTPLIAGGEAITTGGSRCSLGFNVSVNGVAHALTAGHCTNISASWSIG
TRTGTSFPNNDYGIIRHSNPAAADGRVYLYNGSYQDITTAGNAFVGQAVQRSGSTTGLRSGSVTGLNATVNYGSSGIVYG
MIQTNVCAEPGDSGGSLFAGSTALGLTSGGSGNCRTGGTTFYQPVTEALSAYGATVL
;
1 ? 
2 1SGC   1SGC       PDB 2 FXLF 1 ? 
# 
loop_
_struct_ref_seq.align_id 
_struct_ref_seq.ref_id 
_struct_ref_seq.pdbx_PDB_id_code 
_struct_ref_seq.pdbx_strand_id 
_struct_ref_seq.seq_align_beg 
_struct_ref_seq.pdbx_seq_align_beg_ins_code 
_struct_ref_seq.seq_align_end 
_struct_ref_seq.pdbx_seq_align_end_ins_code 
_struct_ref_seq.pdbx_db_accession 
_struct_ref_seq.db_align_beg 
_struct_ref_seq.pdbx_db_align_beg_ins_code 
_struct_ref_seq.db_align_end 
_struct_ref_seq.pdbx_db_align_end_ins_code 
_struct_ref_seq.pdbx_auth_seq_align_beg 
_struct_ref_seq.pdbx_auth_seq_align_end 
1 1 1SGC A 1 ? 181 ? P00776 117 ? 297 ? 16 242 
2 2 1SGC B 1 ? 4   ? 1SGC   1   ? 4   ? 1  4   
# 
_struct_ref_seq_dif.align_id                     1 
_struct_ref_seq_dif.pdbx_pdb_id_code             1SGC 
_struct_ref_seq_dif.mon_id                       GLN 
_struct_ref_seq_dif.pdbx_pdb_strand_id           A 
_struct_ref_seq_dif.seq_num                      133 
_struct_ref_seq_dif.pdbx_pdb_ins_code            A 
_struct_ref_seq_dif.pdbx_seq_db_name             UNP 
_struct_ref_seq_dif.pdbx_seq_db_accession_code   P00776 
_struct_ref_seq_dif.db_mon_id                    GLU 
_struct_ref_seq_dif.pdbx_seq_db_seq_num          249 
_struct_ref_seq_dif.details                      conflict 
_struct_ref_seq_dif.pdbx_auth_seq_num            192 
_struct_ref_seq_dif.pdbx_ordinal                 1 
# 
_pdbx_struct_assembly.id                   1 
_pdbx_struct_assembly.details              author_defined_assembly 
_pdbx_struct_assembly.method_details       ? 
_pdbx_struct_assembly.oligomeric_details   dimeric 
_pdbx_struct_assembly.oligomeric_count     2 
# 
_pdbx_struct_assembly_gen.assembly_id       1 
_pdbx_struct_assembly_gen.oper_expression   1 
_pdbx_struct_assembly_gen.asym_id_list      A,B,C,D 
# 
_pdbx_struct_oper_list.id                   1 
_pdbx_struct_oper_list.type                 'identity operation' 
_pdbx_struct_oper_list.name                 1_555 
_pdbx_struct_oper_list.symmetry_operation   x,y,z 
_pdbx_struct_oper_list.matrix[1][1]         1.0000000000 
_pdbx_struct_oper_list.matrix[1][2]         0.0000000000 
_pdbx_struct_oper_list.matrix[1][3]         0.0000000000 
_pdbx_struct_oper_list.vector[1]            0.0000000000 
_pdbx_struct_oper_list.matrix[2][1]         0.0000000000 
_pdbx_struct_oper_list.matrix[2][2]         1.0000000000 
_pdbx_struct_oper_list.matrix[2][3]         0.0000000000 
_pdbx_struct_oper_list.vector[2]            0.0000000000 
_pdbx_struct_oper_list.matrix[3][1]         0.0000000000 
_pdbx_struct_oper_list.matrix[3][2]         0.0000000000 
_pdbx_struct_oper_list.matrix[3][3]         1.0000000000 
_pdbx_struct_oper_list.vector[3]            0.0000000000 
# 
_struct_biol.id        1 
_struct_biol.details   ? 
# 
loop_
_struct_conf.conf_type_id 
_struct_conf.id 
_struct_conf.pdbx_PDB_helix_id 
_struct_conf.beg_label_comp_id 
_struct_conf.beg_label_asym_id 
_struct_conf.beg_label_seq_id 
_struct_conf.pdbx_beg_PDB_ins_code 
_struct_conf.end_label_comp_id 
_struct_conf.end_label_asym_id 
_struct_conf.end_label_seq_id 
_struct_conf.pdbx_end_PDB_ins_code 
_struct_conf.beg_auth_comp_id 
_struct_conf.beg_auth_asym_id 
_struct_conf.beg_auth_seq_id 
_struct_conf.end_auth_comp_id 
_struct_conf.end_auth_asym_id 
_struct_conf.end_auth_seq_id 
_struct_conf.pdbx_PDB_helix_class 
_struct_conf.details 
_struct_conf.pdbx_PDB_helix_length 
HELX_P HELX_P1 H1 GLY A 32  ? ILE A 37  ? GLY A 56  ILE A 63  1 ? 6 
HELX_P HELX_P2 H2 PRO A 168 ? ALA A 175 ? PRO A 230 ALA A 236 1 ? 8 
# 
_struct_conf_type.id          HELX_P 
_struct_conf_type.criteria    ? 
_struct_conf_type.reference   ? 
# 
loop_
_struct_conn.id 
_struct_conn.conn_type_id 
_struct_conn.pdbx_leaving_atom_flag 
_struct_conn.pdbx_PDB_id 
_struct_conn.ptnr1_label_asym_id 
_struct_conn.ptnr1_label_comp_id 
_struct_conn.ptnr1_label_seq_id 
_struct_conn.ptnr1_label_atom_id 
_struct_conn.pdbx_ptnr1_label_alt_id 
_struct_conn.pdbx_ptnr1_PDB_ins_code 
_struct_conn.pdbx_ptnr1_standard_comp_id 
_struct_conn.ptnr1_symmetry 
_struct_conn.ptnr2_label_asym_id 
_struct_conn.ptnr2_label_comp_id 
_struct_conn.ptnr2_label_seq_id 
_struct_conn.ptnr2_label_atom_id 
_struct_conn.pdbx_ptnr2_label_alt_id 
_struct_conn.pdbx_ptnr2_PDB_ins_code 
_struct_conn.ptnr1_auth_asym_id 
_struct_conn.ptnr1_auth_comp_id 
_struct_conn.ptnr1_auth_seq_id 
_struct_conn.ptnr2_auth_asym_id 
_struct_conn.ptnr2_auth_comp_id 
_struct_conn.ptnr2_auth_seq_id 
_struct_conn.ptnr2_symmetry 
_struct_conn.pdbx_ptnr3_label_atom_id 
_struct_conn.pdbx_ptnr3_label_seq_id 
_struct_conn.pdbx_ptnr3_label_comp_id 
_struct_conn.pdbx_ptnr3_label_asym_id 
_struct_conn.pdbx_ptnr3_label_alt_id 
_struct_conn.pdbx_ptnr3_PDB_ins_code 
_struct_conn.details 
_struct_conn.pdbx_dist_value 
_struct_conn.pdbx_value_order 
_struct_conn.pdbx_role 
disulf1 disulf ?    ? A CYS 14  SG ? ? ? 1_555 A CYS 34  SG ? ? A CYS 42  A CYS 58  1_555 ? ? ? ? ? ? ? 1.988 ? ? 
disulf2 disulf ?    ? A CYS 131 SG ? ? ? 1_555 A CYS 158 SG ? ? A CYS 191 A CYS 220 1_555 ? ? ? ? ? ? ? 2.005 ? ? 
covale1 covale one  ? A SER 137 OG ? ? ? 1_555 B PHA 4   C  ? ? A SER 195 B PHA 4   1_555 ? ? ? ? ? ? ? 1.617 ? ? 
covale2 covale both ? B PHE 1   N  ? ? ? 1_555 B CSI 2   C7 ? ? B PHE 1   B CSI 2   1_555 ? ? ? ? ? ? ? 1.305 ? ? 
covale3 covale both ? B CSI 2   C  ? ? ? 1_555 B LEU 3   N  ? ? B CSI 2   B LEU 3   1_555 ? ? ? ? ? ? ? 1.336 ? ? 
covale4 covale both ? B LEU 3   C  ? ? ? 1_555 B PHA 4   N  ? ? B LEU 3   B PHA 4   1_555 ? ? ? ? ? ? ? 1.317 ? ? 
# 
loop_
_struct_conn_type.id 
_struct_conn_type.criteria 
_struct_conn_type.reference 
disulf ? ? 
covale ? ? 
# 
loop_
_pdbx_modification_feature.ordinal 
_pdbx_modification_feature.label_comp_id 
_pdbx_modification_feature.label_asym_id 
_pdbx_modification_feature.label_seq_id 
_pdbx_modification_feature.label_alt_id 
_pdbx_modification_feature.modified_residue_label_comp_id 
_pdbx_modification_feature.modified_residue_label_asym_id 
_pdbx_modification_feature.modified_residue_label_seq_id 
_pdbx_modification_feature.modified_residue_label_alt_id 
_pdbx_modification_feature.auth_comp_id 
_pdbx_modification_feature.auth_asym_id 
_pdbx_modification_feature.auth_seq_id 
_pdbx_modification_feature.PDB_ins_code 
_pdbx_modification_feature.symmetry 
_pdbx_modification_feature.modified_residue_auth_comp_id 
_pdbx_modification_feature.modified_residue_auth_asym_id 
_pdbx_modification_feature.modified_residue_auth_seq_id 
_pdbx_modification_feature.modified_residue_PDB_ins_code 
_pdbx_modification_feature.modified_residue_symmetry 
_pdbx_modification_feature.comp_id_linking_atom 
_pdbx_modification_feature.modified_residue_id_linking_atom 
_pdbx_modification_feature.modified_residue_id 
_pdbx_modification_feature.ref_pcm_id 
_pdbx_modification_feature.ref_comp_id 
_pdbx_modification_feature.type 
_pdbx_modification_feature.category 
1 PHA B 4   ? .   . .   . PHA B 4   ? 1_555 .   . .   . .     .  .  PHE 1 PHA Dehydroxylation 'Named protein modification' 
2 CSI B 2   ? .   . .   . CSI B 2   ? 1_555 .   . .   . .     .  .  ?   1 CSI None            'Non-standard residue'       
3 CYS A 14  ? CYS A 34  ? CYS A 42  ? 1_555 CYS A 58  ? 1_555 SG SG .   . .   None            'Disulfide bridge'           
4 CYS A 131 ? CYS A 158 ? CYS A 191 ? 1_555 CYS A 220 ? 1_555 SG SG .   . .   None            'Disulfide bridge'           
5 SER A 137 ? PHA B 4   ? SER A 195 ? 1_555 PHA B 4   ? 1_555 OG C  .   . .   None            'Non-standard linkage'       
6 PHE B 1   ? CSI B 2   ? PHE B 1   ? 1_555 CSI B 2   ? 1_555 N  C7 .   . .   None            'Non-standard linkage'       
# 
_struct_mon_prot_cis.pdbx_id                1 
_struct_mon_prot_cis.label_comp_id          PHE 
_struct_mon_prot_cis.label_seq_id           51 
_struct_mon_prot_cis.label_asym_id          A 
_struct_mon_prot_cis.label_alt_id           . 
_struct_mon_prot_cis.pdbx_PDB_ins_code      ? 
_struct_mon_prot_cis.auth_comp_id           PHE 
_struct_mon_prot_cis.auth_seq_id            94 
_struct_mon_prot_cis.auth_asym_id           A 
_struct_mon_prot_cis.pdbx_label_comp_id_2   PRO 
_struct_mon_prot_cis.pdbx_label_seq_id_2    52 
_struct_mon_prot_cis.pdbx_label_asym_id_2   A 
_struct_mon_prot_cis.pdbx_PDB_ins_code_2    A 
_struct_mon_prot_cis.pdbx_auth_comp_id_2    PRO 
_struct_mon_prot_cis.pdbx_auth_seq_id_2     99 
_struct_mon_prot_cis.pdbx_auth_asym_id_2    A 
_struct_mon_prot_cis.pdbx_PDB_model_num     1 
_struct_mon_prot_cis.pdbx_omega_angle       -7.14 
# 
loop_
_struct_sheet.id 
_struct_sheet.type 
_struct_sheet.number_strands 
_struct_sheet.details 
S1 ? 3 ? 
S2 ? 2 ? 
S3 ? 5 ? 
S4 ? 3 ? 
S5 ? 6 ? 
S6 ? 2 ? 
# 
loop_
_struct_sheet_order.sheet_id 
_struct_sheet_order.range_id_1 
_struct_sheet_order.range_id_2 
_struct_sheet_order.offset 
_struct_sheet_order.sense 
S1 1 2 ? parallel      
S1 2 3 ? anti-parallel 
S2 1 2 ? anti-parallel 
S3 1 2 ? anti-parallel 
S3 2 3 ? anti-parallel 
S3 3 4 ? anti-parallel 
S3 4 5 ? anti-parallel 
S4 1 2 ? parallel      
S4 2 3 ? anti-parallel 
S5 1 2 ? anti-parallel 
S5 2 3 ? anti-parallel 
S5 3 4 ? anti-parallel 
S5 4 5 ? anti-parallel 
S5 5 6 ? anti-parallel 
S6 1 2 ? anti-parallel 
# 
loop_
_struct_sheet_range.sheet_id 
_struct_sheet_range.id 
_struct_sheet_range.beg_label_comp_id 
_struct_sheet_range.beg_label_asym_id 
_struct_sheet_range.beg_label_seq_id 
_struct_sheet_range.pdbx_beg_PDB_ins_code 
_struct_sheet_range.end_label_comp_id 
_struct_sheet_range.end_label_asym_id 
_struct_sheet_range.end_label_seq_id 
_struct_sheet_range.pdbx_end_PDB_ins_code 
_struct_sheet_range.beg_auth_comp_id 
_struct_sheet_range.beg_auth_asym_id 
_struct_sheet_range.beg_auth_seq_id 
_struct_sheet_range.end_auth_comp_id 
_struct_sheet_range.end_auth_asym_id 
_struct_sheet_range.end_auth_seq_id 
S1 1 ILE A 1   ? GLY A 3   ? ILE A 16  GLY A 18  
S1 2 ASP A 68  ? LEU A 73  ? ASP A 115 LEU A 120 
S1 3 SER A 77  D ILE A 81  ? SER A 120 ILE A 124 
S2 1 GLY A 4   ? THR A 9   ? GLY A 19  THR A 33  
S2 2 GLY A 11  ? LEU A 16  ? GLY A 39  LEU A 44  
S3 1 GLY A 17  ? VAL A 22  B GLY A 45  VAL A 48  
S3 2 VAL A 25  ? THR A 30  ? VAL A 49  THR A 54  
S3 3 GLY A 57  ? HIS A 61  ? GLY A 104 HIS A 108 
S3 4 GLY A 44  ? SER A 50  ? GLY A 86  SER A 93  
S3 5 ALA A 39  ? TRP A 41  ? ALA A 65  TRP A 66  
S4 1 THR A 83  ? GLY A 85  ? THR A 126 GLY A 128 
S4 2 SER A 145 ? ALA A 147 ? SER A 207 ALA A 209 
S4 3 PHE A 142 ? ALA A 143 ? PHE A 200 ALA A 201 
S5 1 GLY A 139 ? LEU A 141 ? GLY A 197 LEU A 199 
S5 2 LEU A 148 ? ASN A 157 ? LEU A 210 ASN A 219 
S5 3 GLY A 161 ? GLN A 167 ? GLY A 223 GLN A 229 
S5 4 ILE A 126 ? THR A 128 ? ILE A 181 THR A 183 
S5 5 SER A 106 ? ASN A 111 ? SER A 161 ASN A 166 
S5 6 GLN A 91  ? GLY A 97  ? GLN A 134 GLY A 140 
S6 1 ALA A 112 ? TYR A 116 ? ALA A 167 TYR A 171 
S6 2 GLY A 120 ? MET A 125 ? GLY A 175 MET A 180 
# 
_struct_site.id                   AC1 
_struct_site.pdbx_evidence_code   Software 
_struct_site.pdbx_auth_asym_id    ? 
_struct_site.pdbx_auth_comp_id    ? 
_struct_site.pdbx_auth_seq_id     ? 
_struct_site.pdbx_auth_ins_code   ? 
_struct_site.pdbx_num_residues    18 
_struct_site.details              'BINDING SITE FOR CHAIN B OF CHYMOSTATIN A' 
# 
loop_
_struct_site_gen.id 
_struct_site_gen.site_id 
_struct_site_gen.pdbx_num_res 
_struct_site_gen.label_comp_id 
_struct_site_gen.label_asym_id 
_struct_site_gen.label_seq_id 
_struct_site_gen.pdbx_auth_ins_code 
_struct_site_gen.auth_comp_id 
_struct_site_gen.auth_asym_id 
_struct_site_gen.auth_seq_id 
_struct_site_gen.label_atom_id 
_struct_site_gen.label_alt_id 
_struct_site_gen.symmetry 
_struct_site_gen.details 
1  AC1 18 HIS A 33  ? HIS A 57  . ? 1_555 ? 
2  AC1 18 VAL A 114 ? VAL A 169 . ? 1_555 ? 
3  AC1 18 TYR A 116 ? TYR A 171 . ? 1_555 ? 
4  AC1 18 SER A 119 ? SER A 174 . ? 1_555 ? 
5  AC1 18 ALA A 132 ? ALA A 192 . ? 1_555 ? 
6  AC1 18 GLY A 135 ? GLY A 193 . ? 1_555 ? 
7  AC1 18 ASP A 136 ? ASP A 194 . ? 1_555 ? 
8  AC1 18 SER A 137 ? SER A 195 . ? 1_555 ? 
9  AC1 18 SER A 152 ? SER A 214 . ? 1_555 ? 
10 AC1 18 GLY A 153 ? GLY A 215 . ? 1_555 ? 
11 AC1 18 GLY A 154 ? GLY A 216 . ? 1_555 ? 
12 AC1 18 SER A 155 ? SER A 217 . ? 1_555 ? 
13 AC1 18 PHE A 165 ? PHE A 227 . ? 1_555 ? 
14 AC1 18 HOH D .   ? HOH B 386 . ? 1_555 ? 
15 AC1 18 HOH D .   ? HOH B 442 . ? 1_555 ? 
16 AC1 18 HOH D .   ? HOH B 443 . ? 1_555 ? 
17 AC1 18 HOH D .   ? HOH B 453 . ? 1_555 ? 
18 AC1 18 HOH D .   ? HOH B 454 . ? 1_555 ? 
# 
_pdbx_entry_details.entry_id                   1SGC 
_pdbx_entry_details.compound_details           
'THE INHIBITOR CHYMOSTATIN A HAS LAST RESIDUE PHENYLALANINAL REPRESENTED WITH ALTERNATE CONFORMATIONS ON ITS TERMINAL OXYGEN.' 
_pdbx_entry_details.source_details             ? 
_pdbx_entry_details.nonpolymer_details         ? 
_pdbx_entry_details.sequence_details           ? 
_pdbx_entry_details.has_ligand_of_interest     ? 
_pdbx_entry_details.has_protein_modification   Y 
# 
_pdbx_validate_rmsd_bond.id                        1 
_pdbx_validate_rmsd_bond.PDB_model_num             1 
_pdbx_validate_rmsd_bond.auth_atom_id_1            N 
_pdbx_validate_rmsd_bond.auth_asym_id_1            A 
_pdbx_validate_rmsd_bond.auth_comp_id_1            GLY 
_pdbx_validate_rmsd_bond.auth_seq_id_1             202 
_pdbx_validate_rmsd_bond.PDB_ins_code_1            ? 
_pdbx_validate_rmsd_bond.label_alt_id_1            ? 
_pdbx_validate_rmsd_bond.auth_atom_id_2            CA 
_pdbx_validate_rmsd_bond.auth_asym_id_2            A 
_pdbx_validate_rmsd_bond.auth_comp_id_2            GLY 
_pdbx_validate_rmsd_bond.auth_seq_id_2             202 
_pdbx_validate_rmsd_bond.PDB_ins_code_2            ? 
_pdbx_validate_rmsd_bond.label_alt_id_2            ? 
_pdbx_validate_rmsd_bond.bond_value                1.575 
_pdbx_validate_rmsd_bond.bond_target_value         1.456 
_pdbx_validate_rmsd_bond.bond_deviation            0.119 
_pdbx_validate_rmsd_bond.bond_standard_deviation   0.015 
_pdbx_validate_rmsd_bond.linker_flag               N 
# 
loop_
_pdbx_validate_rmsd_angle.id 
_pdbx_validate_rmsd_angle.PDB_model_num 
_pdbx_validate_rmsd_angle.auth_atom_id_1 
_pdbx_validate_rmsd_angle.auth_asym_id_1 
_pdbx_validate_rmsd_angle.auth_comp_id_1 
_pdbx_validate_rmsd_angle.auth_seq_id_1 
_pdbx_validate_rmsd_angle.PDB_ins_code_1 
_pdbx_validate_rmsd_angle.label_alt_id_1 
_pdbx_validate_rmsd_angle.auth_atom_id_2 
_pdbx_validate_rmsd_angle.auth_asym_id_2 
_pdbx_validate_rmsd_angle.auth_comp_id_2 
_pdbx_validate_rmsd_angle.auth_seq_id_2 
_pdbx_validate_rmsd_angle.PDB_ins_code_2 
_pdbx_validate_rmsd_angle.label_alt_id_2 
_pdbx_validate_rmsd_angle.auth_atom_id_3 
_pdbx_validate_rmsd_angle.auth_asym_id_3 
_pdbx_validate_rmsd_angle.auth_comp_id_3 
_pdbx_validate_rmsd_angle.auth_seq_id_3 
_pdbx_validate_rmsd_angle.PDB_ins_code_3 
_pdbx_validate_rmsd_angle.label_alt_id_3 
_pdbx_validate_rmsd_angle.angle_value 
_pdbx_validate_rmsd_angle.angle_target_value 
_pdbx_validate_rmsd_angle.angle_deviation 
_pdbx_validate_rmsd_angle.angle_standard_deviation 
_pdbx_validate_rmsd_angle.linker_flag 
1  1 NE  A ARG 41  ? ? CZ  A ARG 41  ? ? NH1 A ARG 41  ? ? 127.98 120.30 7.68   0.50 N 
2  1 NE  A ARG 41  ? ? CZ  A ARG 41  ? ? NH2 A ARG 41  ? ? 116.43 120.30 -3.87  0.50 N 
3  1 ND1 A HIS 57  ? ? CE1 A HIS 57  ? ? NE2 A HIS 57  ? ? 101.50 108.50 -7.00  1.10 N 
4  1 CE1 A HIS 57  ? ? NE2 A HIS 57  ? ? CD2 A HIS 57  ? ? 115.40 109.00 6.40   0.70 N 
5  1 NE  A ARG 88  ? ? CZ  A ARG 88  ? ? NH2 A ARG 88  ? ? 115.62 120.30 -4.68  0.50 N 
6  1 NE  A ARG 107 ? ? CZ  A ARG 107 ? ? NH1 A ARG 107 ? ? 129.81 120.30 9.51   0.50 N 
7  1 NE  A ARG 107 ? ? CZ  A ARG 107 ? ? NH2 A ARG 107 ? ? 114.38 120.30 -5.92  0.50 N 
8  1 CB  A ASP 115 ? ? CG  A ASP 115 ? ? OD2 A ASP 115 ? ? 125.08 118.30 6.78   0.90 N 
9  1 CD  A ARG 117 ? ? NE  A ARG 117 ? ? CZ  A ARG 117 ? ? 135.38 123.60 11.78  1.40 N 
10 1 NE  A ARG 117 ? ? CZ  A ARG 117 ? ? NH1 A ARG 117 ? ? 116.48 120.30 -3.82  0.50 N 
11 1 NE  A ARG 117 ? ? CZ  A ARG 117 ? ? NH2 A ARG 117 ? ? 125.24 120.30 4.94   0.50 N 
12 1 CB  A ASP 123 ? ? CG  A ASP 123 ? ? OD1 A ASP 123 ? ? 127.40 118.30 9.10   0.90 N 
13 1 CB  A PHE 131 ? ? CG  A PHE 131 ? ? CD2 A PHE 131 ? ? 125.40 120.80 4.60   0.70 N 
14 1 CD  A ARG 138 ? ? NE  A ARG 138 ? ? CZ  A ARG 138 ? ? 136.38 123.60 12.78  1.40 N 
15 1 NE  A ARG 138 ? ? CZ  A ARG 138 ? ? NH1 A ARG 138 ? ? 129.42 120.30 9.12   0.50 N 
16 1 NE  A ARG 138 ? ? CZ  A ARG 138 ? ? NH2 A ARG 138 ? ? 113.79 120.30 -6.51  0.50 N 
17 1 CA  A SER 141 ? ? CB  A SER 141 ? ? OG  A SER 141 ? ? 131.95 111.20 20.75  2.70 N 
18 1 NE  A ARG 158 ? ? CZ  A ARG 158 ? ? NH2 A ARG 158 ? ? 111.84 120.30 -8.46  0.50 N 
19 1 CB  A TYR 171 ? ? CG  A TYR 171 ? ? CD1 A TYR 171 ? ? 115.35 121.00 -5.65  0.60 N 
20 1 CB  A ASP 194 ? ? CG  A ASP 194 ? ? OD2 A ASP 194 ? ? 126.80 118.30 8.50   0.90 N 
21 1 O   A GLY 197 ? ? C   A GLY 197 ? ? N   A SER 198 ? ? 112.41 122.70 -10.29 1.60 Y 
22 1 CB  A PHE 200 ? ? CG  A PHE 200 ? ? CD1 A PHE 200 ? ? 115.56 120.80 -5.24  0.70 N 
23 1 CB  A CYS 220 ? ? CA  A CYS 220 ? ? C   A CYS 220 ? ? 119.39 111.50 7.89   1.20 N 
24 1 CA  A THR 232 ? ? CB  A THR 232 ? ? OG1 A THR 232 ? ? 96.39  109.00 -12.61 2.10 N 
25 1 CA  A GLU 233 ? ? CB  A GLU 233 ? ? CG  A GLU 233 ? ? 128.05 113.40 14.65  2.20 N 
26 1 CG  A TYR 237 ? ? CD2 A TYR 237 ? ? CE2 A TYR 237 ? ? 127.88 121.30 6.58   0.80 N 
27 1 CB  A LEU 242 ? ? CG  A LEU 242 ? ? CD1 A LEU 242 ? ? 100.29 111.00 -10.71 1.70 N 
# 
loop_
_pdbx_validate_torsion.id 
_pdbx_validate_torsion.PDB_model_num 
_pdbx_validate_torsion.auth_comp_id 
_pdbx_validate_torsion.auth_asym_id 
_pdbx_validate_torsion.auth_seq_id 
_pdbx_validate_torsion.PDB_ins_code 
_pdbx_validate_torsion.label_alt_id 
_pdbx_validate_torsion.phi 
_pdbx_validate_torsion.psi 
1 1 PRO A 99  A ? -77.91 -154.01 
2 1 ASN A 100 ? ? 81.18  -69.12  
# 
_pdbx_validate_chiral.id              1 
_pdbx_validate_chiral.PDB_model_num   1 
_pdbx_validate_chiral.auth_atom_id    CB 
_pdbx_validate_chiral.label_alt_id    ? 
_pdbx_validate_chiral.auth_asym_id    B 
_pdbx_validate_chiral.auth_comp_id    CSI 
_pdbx_validate_chiral.auth_seq_id     2 
_pdbx_validate_chiral.PDB_ins_code    ? 
_pdbx_validate_chiral.details         'WRONG HAND' 
_pdbx_validate_chiral.omega           . 
# 
_pdbx_validate_planes.id              1 
_pdbx_validate_planes.PDB_model_num   1 
_pdbx_validate_planes.auth_comp_id    PHE 
_pdbx_validate_planes.auth_asym_id    B 
_pdbx_validate_planes.auth_seq_id     1 
_pdbx_validate_planes.PDB_ins_code    ? 
_pdbx_validate_planes.label_alt_id    ? 
_pdbx_validate_planes.rmsd            0.276 
_pdbx_validate_planes.type            'SIDE CHAIN' 
# 
_pdbx_molecule_features.prd_id    PRD_000558 
_pdbx_molecule_features.name      'Chymostatin A' 
_pdbx_molecule_features.type      Oligopeptide 
_pdbx_molecule_features.class     'Enzyme inhibitor' 
_pdbx_molecule_features.details   ? 
# 
_pdbx_molecule.instance_id   1 
_pdbx_molecule.prd_id        PRD_000558 
_pdbx_molecule.asym_id       B 
# 
_pdbx_struct_mod_residue.id               1 
_pdbx_struct_mod_residue.label_asym_id    B 
_pdbx_struct_mod_residue.label_comp_id    PHA 
_pdbx_struct_mod_residue.label_seq_id     4 
_pdbx_struct_mod_residue.auth_asym_id     B 
_pdbx_struct_mod_residue.auth_comp_id     PHA 
_pdbx_struct_mod_residue.auth_seq_id      4 
_pdbx_struct_mod_residue.PDB_ins_code     ? 
_pdbx_struct_mod_residue.parent_comp_id   PHE 
_pdbx_struct_mod_residue.details          PHENYLALANINAL 
# 
loop_
_pdbx_struct_special_symmetry.id 
_pdbx_struct_special_symmetry.PDB_model_num 
_pdbx_struct_special_symmetry.auth_asym_id 
_pdbx_struct_special_symmetry.auth_comp_id 
_pdbx_struct_special_symmetry.auth_seq_id 
_pdbx_struct_special_symmetry.PDB_ins_code 
_pdbx_struct_special_symmetry.label_asym_id 
_pdbx_struct_special_symmetry.label_comp_id 
_pdbx_struct_special_symmetry.label_seq_id 
1 1 A HOH 252 ? C HOH . 
2 1 A HOH 281 ? C HOH . 
3 1 A HOH 295 ? C HOH . 
4 1 A HOH 357 ? C HOH . 
# 
loop_
_chem_comp_atom.comp_id 
_chem_comp_atom.atom_id 
_chem_comp_atom.type_symbol 
_chem_comp_atom.pdbx_aromatic_flag 
_chem_comp_atom.pdbx_stereo_config 
_chem_comp_atom.pdbx_ordinal 
ALA N    N N N 1   
ALA CA   C N S 2   
ALA C    C N N 3   
ALA O    O N N 4   
ALA CB   C N N 5   
ALA OXT  O N N 6   
ALA H    H N N 7   
ALA H2   H N N 8   
ALA HA   H N N 9   
ALA HB1  H N N 10  
ALA HB2  H N N 11  
ALA HB3  H N N 12  
ALA HXT  H N N 13  
ARG N    N N N 14  
ARG CA   C N S 15  
ARG C    C N N 16  
ARG O    O N N 17  
ARG CB   C N N 18  
ARG CG   C N N 19  
ARG CD   C N N 20  
ARG NE   N N N 21  
ARG CZ   C N N 22  
ARG NH1  N N N 23  
ARG NH2  N N N 24  
ARG OXT  O N N 25  
ARG H    H N N 26  
ARG H2   H N N 27  
ARG HA   H N N 28  
ARG HB2  H N N 29  
ARG HB3  H N N 30  
ARG HG2  H N N 31  
ARG HG3  H N N 32  
ARG HD2  H N N 33  
ARG HD3  H N N 34  
ARG HE   H N N 35  
ARG HH11 H N N 36  
ARG HH12 H N N 37  
ARG HH21 H N N 38  
ARG HH22 H N N 39  
ARG HXT  H N N 40  
ASN N    N N N 41  
ASN CA   C N S 42  
ASN C    C N N 43  
ASN O    O N N 44  
ASN CB   C N N 45  
ASN CG   C N N 46  
ASN OD1  O N N 47  
ASN ND2  N N N 48  
ASN OXT  O N N 49  
ASN H    H N N 50  
ASN H2   H N N 51  
ASN HA   H N N 52  
ASN HB2  H N N 53  
ASN HB3  H N N 54  
ASN HD21 H N N 55  
ASN HD22 H N N 56  
ASN HXT  H N N 57  
ASP N    N N N 58  
ASP CA   C N S 59  
ASP C    C N N 60  
ASP O    O N N 61  
ASP CB   C N N 62  
ASP CG   C N N 63  
ASP OD1  O N N 64  
ASP OD2  O N N 65  
ASP OXT  O N N 66  
ASP H    H N N 67  
ASP H2   H N N 68  
ASP HA   H N N 69  
ASP HB2  H N N 70  
ASP HB3  H N N 71  
ASP HD2  H N N 72  
ASP HXT  H N N 73  
CSI NE   N N N 74  
CSI CD2  C N N 75  
CSI CD1  C N N 76  
CSI NH   N N N 77  
CSI CB   C N R 78  
CSI CG1  C N N 79  
CSI NG2  N N N 80  
CSI N    N N N 81  
CSI CA   C N S 82  
CSI C    C N N 83  
CSI O    O N N 84  
CSI OXT  O N N 85  
CSI HE   H N N 86  
CSI HD13 H N N 87  
CSI HD12 H N N 88  
CSI HH   H N N 89  
CSI HB   H N N 90  
CSI HG13 H N N 91  
CSI HG12 H N N 92  
CSI HG2  H N N 93  
CSI H    H N N 94  
CSI HCA  H N N 95  
CSI HXT  H N N 96  
CSI O3   O N N 97  
CSI O4   O N N 98  
CSI H12  H N N 99  
CSI C7   C N N 100 
CYS N    N N N 101 
CYS CA   C N R 102 
CYS C    C N N 103 
CYS O    O N N 104 
CYS CB   C N N 105 
CYS SG   S N N 106 
CYS OXT  O N N 107 
CYS H    H N N 108 
CYS H2   H N N 109 
CYS HA   H N N 110 
CYS HB2  H N N 111 
CYS HB3  H N N 112 
CYS HG   H N N 113 
CYS HXT  H N N 114 
GLN N    N N N 115 
GLN CA   C N S 116 
GLN C    C N N 117 
GLN O    O N N 118 
GLN CB   C N N 119 
GLN CG   C N N 120 
GLN CD   C N N 121 
GLN OE1  O N N 122 
GLN NE2  N N N 123 
GLN OXT  O N N 124 
GLN H    H N N 125 
GLN H2   H N N 126 
GLN HA   H N N 127 
GLN HB2  H N N 128 
GLN HB3  H N N 129 
GLN HG2  H N N 130 
GLN HG3  H N N 131 
GLN HE21 H N N 132 
GLN HE22 H N N 133 
GLN HXT  H N N 134 
GLU N    N N N 135 
GLU CA   C N S 136 
GLU C    C N N 137 
GLU O    O N N 138 
GLU CB   C N N 139 
GLU CG   C N N 140 
GLU CD   C N N 141 
GLU OE1  O N N 142 
GLU OE2  O N N 143 
GLU OXT  O N N 144 
GLU H    H N N 145 
GLU H2   H N N 146 
GLU HA   H N N 147 
GLU HB2  H N N 148 
GLU HB3  H N N 149 
GLU HG2  H N N 150 
GLU HG3  H N N 151 
GLU HE2  H N N 152 
GLU HXT  H N N 153 
GLY N    N N N 154 
GLY CA   C N N 155 
GLY C    C N N 156 
GLY O    O N N 157 
GLY OXT  O N N 158 
GLY H    H N N 159 
GLY H2   H N N 160 
GLY HA2  H N N 161 
GLY HA3  H N N 162 
GLY HXT  H N N 163 
HIS N    N N N 164 
HIS CA   C N S 165 
HIS C    C N N 166 
HIS O    O N N 167 
HIS CB   C N N 168 
HIS CG   C Y N 169 
HIS ND1  N Y N 170 
HIS CD2  C Y N 171 
HIS CE1  C Y N 172 
HIS NE2  N Y N 173 
HIS OXT  O N N 174 
HIS H    H N N 175 
HIS H2   H N N 176 
HIS HA   H N N 177 
HIS HB2  H N N 178 
HIS HB3  H N N 179 
HIS HD1  H N N 180 
HIS HD2  H N N 181 
HIS HE1  H N N 182 
HIS HE2  H N N 183 
HIS HXT  H N N 184 
HOH O    O N N 185 
HOH H1   H N N 186 
HOH H2   H N N 187 
ILE N    N N N 188 
ILE CA   C N S 189 
ILE C    C N N 190 
ILE O    O N N 191 
ILE CB   C N S 192 
ILE CG1  C N N 193 
ILE CG2  C N N 194 
ILE CD1  C N N 195 
ILE OXT  O N N 196 
ILE H    H N N 197 
ILE H2   H N N 198 
ILE HA   H N N 199 
ILE HB   H N N 200 
ILE HG12 H N N 201 
ILE HG13 H N N 202 
ILE HG21 H N N 203 
ILE HG22 H N N 204 
ILE HG23 H N N 205 
ILE HD11 H N N 206 
ILE HD12 H N N 207 
ILE HD13 H N N 208 
ILE HXT  H N N 209 
LEU N    N N N 210 
LEU CA   C N S 211 
LEU C    C N N 212 
LEU O    O N N 213 
LEU CB   C N N 214 
LEU CG   C N N 215 
LEU CD1  C N N 216 
LEU CD2  C N N 217 
LEU OXT  O N N 218 
LEU H    H N N 219 
LEU H2   H N N 220 
LEU HA   H N N 221 
LEU HB2  H N N 222 
LEU HB3  H N N 223 
LEU HG   H N N 224 
LEU HD11 H N N 225 
LEU HD12 H N N 226 
LEU HD13 H N N 227 
LEU HD21 H N N 228 
LEU HD22 H N N 229 
LEU HD23 H N N 230 
LEU HXT  H N N 231 
MET N    N N N 232 
MET CA   C N S 233 
MET C    C N N 234 
MET O    O N N 235 
MET CB   C N N 236 
MET CG   C N N 237 
MET SD   S N N 238 
MET CE   C N N 239 
MET OXT  O N N 240 
MET H    H N N 241 
MET H2   H N N 242 
MET HA   H N N 243 
MET HB2  H N N 244 
MET HB3  H N N 245 
MET HG2  H N N 246 
MET HG3  H N N 247 
MET HE1  H N N 248 
MET HE2  H N N 249 
MET HE3  H N N 250 
MET HXT  H N N 251 
PHA N    N N N 252 
PHA CA   C N S 253 
PHA C    C N N 254 
PHA O    O N N 255 
PHA CB   C N N 256 
PHA CG   C Y N 257 
PHA CD1  C Y N 258 
PHA CD2  C Y N 259 
PHA CE1  C Y N 260 
PHA CE2  C Y N 261 
PHA CZ   C Y N 262 
PHA H    H N N 263 
PHA H2   H N N 264 
PHA HA   H N N 265 
PHA HC   H N N 266 
PHA HB2  H N N 267 
PHA HB3  H N N 268 
PHA HD1  H N N 269 
PHA HD2  H N N 270 
PHA HE1  H N N 271 
PHA HE2  H N N 272 
PHA HZ   H N N 273 
PHE N    N N N 274 
PHE CA   C N S 275 
PHE C    C N N 276 
PHE O    O N N 277 
PHE CB   C N N 278 
PHE CG   C Y N 279 
PHE CD1  C Y N 280 
PHE CD2  C Y N 281 
PHE CE1  C Y N 282 
PHE CE2  C Y N 283 
PHE CZ   C Y N 284 
PHE OXT  O N N 285 
PHE H    H N N 286 
PHE H2   H N N 287 
PHE HA   H N N 288 
PHE HB2  H N N 289 
PHE HB3  H N N 290 
PHE HD1  H N N 291 
PHE HD2  H N N 292 
PHE HE1  H N N 293 
PHE HE2  H N N 294 
PHE HZ   H N N 295 
PHE HXT  H N N 296 
PRO N    N N N 297 
PRO CA   C N S 298 
PRO C    C N N 299 
PRO O    O N N 300 
PRO CB   C N N 301 
PRO CG   C N N 302 
PRO CD   C N N 303 
PRO OXT  O N N 304 
PRO H    H N N 305 
PRO HA   H N N 306 
PRO HB2  H N N 307 
PRO HB3  H N N 308 
PRO HG2  H N N 309 
PRO HG3  H N N 310 
PRO HD2  H N N 311 
PRO HD3  H N N 312 
PRO HXT  H N N 313 
SER N    N N N 314 
SER CA   C N S 315 
SER C    C N N 316 
SER O    O N N 317 
SER CB   C N N 318 
SER OG   O N N 319 
SER OXT  O N N 320 
SER H    H N N 321 
SER H2   H N N 322 
SER HA   H N N 323 
SER HB2  H N N 324 
SER HB3  H N N 325 
SER HG   H N N 326 
SER HXT  H N N 327 
THR N    N N N 328 
THR CA   C N S 329 
THR C    C N N 330 
THR O    O N N 331 
THR CB   C N R 332 
THR OG1  O N N 333 
THR CG2  C N N 334 
THR OXT  O N N 335 
THR H    H N N 336 
THR H2   H N N 337 
THR HA   H N N 338 
THR HB   H N N 339 
THR HG1  H N N 340 
THR HG21 H N N 341 
THR HG22 H N N 342 
THR HG23 H N N 343 
THR HXT  H N N 344 
TRP N    N N N 345 
TRP CA   C N S 346 
TRP C    C N N 347 
TRP O    O N N 348 
TRP CB   C N N 349 
TRP CG   C Y N 350 
TRP CD1  C Y N 351 
TRP CD2  C Y N 352 
TRP NE1  N Y N 353 
TRP CE2  C Y N 354 
TRP CE3  C Y N 355 
TRP CZ2  C Y N 356 
TRP CZ3  C Y N 357 
TRP CH2  C Y N 358 
TRP OXT  O N N 359 
TRP H    H N N 360 
TRP H2   H N N 361 
TRP HA   H N N 362 
TRP HB2  H N N 363 
TRP HB3  H N N 364 
TRP HD1  H N N 365 
TRP HE1  H N N 366 
TRP HE3  H N N 367 
TRP HZ2  H N N 368 
TRP HZ3  H N N 369 
TRP HH2  H N N 370 
TRP HXT  H N N 371 
TYR N    N N N 372 
TYR CA   C N S 373 
TYR C    C N N 374 
TYR O    O N N 375 
TYR CB   C N N 376 
TYR CG   C Y N 377 
TYR CD1  C Y N 378 
TYR CD2  C Y N 379 
TYR CE1  C Y N 380 
TYR CE2  C Y N 381 
TYR CZ   C Y N 382 
TYR OH   O N N 383 
TYR OXT  O N N 384 
TYR H    H N N 385 
TYR H2   H N N 386 
TYR HA   H N N 387 
TYR HB2  H N N 388 
TYR HB3  H N N 389 
TYR HD1  H N N 390 
TYR HD2  H N N 391 
TYR HE1  H N N 392 
TYR HE2  H N N 393 
TYR HH   H N N 394 
TYR HXT  H N N 395 
VAL N    N N N 396 
VAL CA   C N S 397 
VAL C    C N N 398 
VAL O    O N N 399 
VAL CB   C N N 400 
VAL CG1  C N N 401 
VAL CG2  C N N 402 
VAL OXT  O N N 403 
VAL H    H N N 404 
VAL H2   H N N 405 
VAL HA   H N N 406 
VAL HB   H N N 407 
VAL HG11 H N N 408 
VAL HG12 H N N 409 
VAL HG13 H N N 410 
VAL HG21 H N N 411 
VAL HG22 H N N 412 
VAL HG23 H N N 413 
VAL HXT  H N N 414 
# 
loop_
_chem_comp_bond.comp_id 
_chem_comp_bond.atom_id_1 
_chem_comp_bond.atom_id_2 
_chem_comp_bond.value_order 
_chem_comp_bond.pdbx_aromatic_flag 
_chem_comp_bond.pdbx_stereo_config 
_chem_comp_bond.pdbx_ordinal 
ALA N   CA   sing N N 1   
ALA N   H    sing N N 2   
ALA N   H2   sing N N 3   
ALA CA  C    sing N N 4   
ALA CA  CB   sing N N 5   
ALA CA  HA   sing N N 6   
ALA C   O    doub N N 7   
ALA C   OXT  sing N N 8   
ALA CB  HB1  sing N N 9   
ALA CB  HB2  sing N N 10  
ALA CB  HB3  sing N N 11  
ALA OXT HXT  sing N N 12  
ARG N   CA   sing N N 13  
ARG N   H    sing N N 14  
ARG N   H2   sing N N 15  
ARG CA  C    sing N N 16  
ARG CA  CB   sing N N 17  
ARG CA  HA   sing N N 18  
ARG C   O    doub N N 19  
ARG C   OXT  sing N N 20  
ARG CB  CG   sing N N 21  
ARG CB  HB2  sing N N 22  
ARG CB  HB3  sing N N 23  
ARG CG  CD   sing N N 24  
ARG CG  HG2  sing N N 25  
ARG CG  HG3  sing N N 26  
ARG CD  NE   sing N N 27  
ARG CD  HD2  sing N N 28  
ARG CD  HD3  sing N N 29  
ARG NE  CZ   sing N N 30  
ARG NE  HE   sing N N 31  
ARG CZ  NH1  sing N N 32  
ARG CZ  NH2  doub N N 33  
ARG NH1 HH11 sing N N 34  
ARG NH1 HH12 sing N N 35  
ARG NH2 HH21 sing N N 36  
ARG NH2 HH22 sing N N 37  
ARG OXT HXT  sing N N 38  
ASN N   CA   sing N N 39  
ASN N   H    sing N N 40  
ASN N   H2   sing N N 41  
ASN CA  C    sing N N 42  
ASN CA  CB   sing N N 43  
ASN CA  HA   sing N N 44  
ASN C   O    doub N N 45  
ASN C   OXT  sing N N 46  
ASN CB  CG   sing N N 47  
ASN CB  HB2  sing N N 48  
ASN CB  HB3  sing N N 49  
ASN CG  OD1  doub N N 50  
ASN CG  ND2  sing N N 51  
ASN ND2 HD21 sing N N 52  
ASN ND2 HD22 sing N N 53  
ASN OXT HXT  sing N N 54  
ASP N   CA   sing N N 55  
ASP N   H    sing N N 56  
ASP N   H2   sing N N 57  
ASP CA  C    sing N N 58  
ASP CA  CB   sing N N 59  
ASP CA  HA   sing N N 60  
ASP C   O    doub N N 61  
ASP C   OXT  sing N N 62  
ASP CB  CG   sing N N 63  
ASP CB  HB2  sing N N 64  
ASP CB  HB3  sing N N 65  
ASP CG  OD1  doub N N 66  
ASP CG  OD2  sing N N 67  
ASP OD2 HD2  sing N N 68  
ASP OXT HXT  sing N N 69  
CSI NE  CD2  sing N N 70  
CSI NE  CD1  sing N N 71  
CSI NE  HE   sing N N 72  
CSI CD2 NH   doub N N 73  
CSI CD2 NG2  sing N N 74  
CSI CD1 CG1  sing N N 75  
CSI CD1 HD13 sing N N 76  
CSI CD1 HD12 sing N N 77  
CSI NH  HH   sing N N 78  
CSI CB  CG1  sing N N 79  
CSI CB  NG2  sing N N 80  
CSI CB  CA   sing N N 81  
CSI CB  HB   sing N N 82  
CSI CG1 HG13 sing N N 83  
CSI CG1 HG12 sing N N 84  
CSI NG2 HG2  sing N N 85  
CSI N   CA   sing N N 86  
CSI N   H    sing N N 87  
CSI CA  C    sing N N 88  
CSI CA  HCA  sing N N 89  
CSI C   O    doub N N 90  
CSI C   OXT  sing N N 91  
CSI OXT HXT  sing N N 92  
CSI C7  O3   doub N N 93  
CSI C7  O4   sing N N 94  
CSI O4  H12  sing N N 95  
CSI N   C7   sing N N 96  
CYS N   CA   sing N N 97  
CYS N   H    sing N N 98  
CYS N   H2   sing N N 99  
CYS CA  C    sing N N 100 
CYS CA  CB   sing N N 101 
CYS CA  HA   sing N N 102 
CYS C   O    doub N N 103 
CYS C   OXT  sing N N 104 
CYS CB  SG   sing N N 105 
CYS CB  HB2  sing N N 106 
CYS CB  HB3  sing N N 107 
CYS SG  HG   sing N N 108 
CYS OXT HXT  sing N N 109 
GLN N   CA   sing N N 110 
GLN N   H    sing N N 111 
GLN N   H2   sing N N 112 
GLN CA  C    sing N N 113 
GLN CA  CB   sing N N 114 
GLN CA  HA   sing N N 115 
GLN C   O    doub N N 116 
GLN C   OXT  sing N N 117 
GLN CB  CG   sing N N 118 
GLN CB  HB2  sing N N 119 
GLN CB  HB3  sing N N 120 
GLN CG  CD   sing N N 121 
GLN CG  HG2  sing N N 122 
GLN CG  HG3  sing N N 123 
GLN CD  OE1  doub N N 124 
GLN CD  NE2  sing N N 125 
GLN NE2 HE21 sing N N 126 
GLN NE2 HE22 sing N N 127 
GLN OXT HXT  sing N N 128 
GLU N   CA   sing N N 129 
GLU N   H    sing N N 130 
GLU N   H2   sing N N 131 
GLU CA  C    sing N N 132 
GLU CA  CB   sing N N 133 
GLU CA  HA   sing N N 134 
GLU C   O    doub N N 135 
GLU C   OXT  sing N N 136 
GLU CB  CG   sing N N 137 
GLU CB  HB2  sing N N 138 
GLU CB  HB3  sing N N 139 
GLU CG  CD   sing N N 140 
GLU CG  HG2  sing N N 141 
GLU CG  HG3  sing N N 142 
GLU CD  OE1  doub N N 143 
GLU CD  OE2  sing N N 144 
GLU OE2 HE2  sing N N 145 
GLU OXT HXT  sing N N 146 
GLY N   CA   sing N N 147 
GLY N   H    sing N N 148 
GLY N   H2   sing N N 149 
GLY CA  C    sing N N 150 
GLY CA  HA2  sing N N 151 
GLY CA  HA3  sing N N 152 
GLY C   O    doub N N 153 
GLY C   OXT  sing N N 154 
GLY OXT HXT  sing N N 155 
HIS N   CA   sing N N 156 
HIS N   H    sing N N 157 
HIS N   H2   sing N N 158 
HIS CA  C    sing N N 159 
HIS CA  CB   sing N N 160 
HIS CA  HA   sing N N 161 
HIS C   O    doub N N 162 
HIS C   OXT  sing N N 163 
HIS CB  CG   sing N N 164 
HIS CB  HB2  sing N N 165 
HIS CB  HB3  sing N N 166 
HIS CG  ND1  sing Y N 167 
HIS CG  CD2  doub Y N 168 
HIS ND1 CE1  doub Y N 169 
HIS ND1 HD1  sing N N 170 
HIS CD2 NE2  sing Y N 171 
HIS CD2 HD2  sing N N 172 
HIS CE1 NE2  sing Y N 173 
HIS CE1 HE1  sing N N 174 
HIS NE2 HE2  sing N N 175 
HIS OXT HXT  sing N N 176 
HOH O   H1   sing N N 177 
HOH O   H2   sing N N 178 
ILE N   CA   sing N N 179 
ILE N   H    sing N N 180 
ILE N   H2   sing N N 181 
ILE CA  C    sing N N 182 
ILE CA  CB   sing N N 183 
ILE CA  HA   sing N N 184 
ILE C   O    doub N N 185 
ILE C   OXT  sing N N 186 
ILE CB  CG1  sing N N 187 
ILE CB  CG2  sing N N 188 
ILE CB  HB   sing N N 189 
ILE CG1 CD1  sing N N 190 
ILE CG1 HG12 sing N N 191 
ILE CG1 HG13 sing N N 192 
ILE CG2 HG21 sing N N 193 
ILE CG2 HG22 sing N N 194 
ILE CG2 HG23 sing N N 195 
ILE CD1 HD11 sing N N 196 
ILE CD1 HD12 sing N N 197 
ILE CD1 HD13 sing N N 198 
ILE OXT HXT  sing N N 199 
LEU N   CA   sing N N 200 
LEU N   H    sing N N 201 
LEU N   H2   sing N N 202 
LEU CA  C    sing N N 203 
LEU CA  CB   sing N N 204 
LEU CA  HA   sing N N 205 
LEU C   O    doub N N 206 
LEU C   OXT  sing N N 207 
LEU CB  CG   sing N N 208 
LEU CB  HB2  sing N N 209 
LEU CB  HB3  sing N N 210 
LEU CG  CD1  sing N N 211 
LEU CG  CD2  sing N N 212 
LEU CG  HG   sing N N 213 
LEU CD1 HD11 sing N N 214 
LEU CD1 HD12 sing N N 215 
LEU CD1 HD13 sing N N 216 
LEU CD2 HD21 sing N N 217 
LEU CD2 HD22 sing N N 218 
LEU CD2 HD23 sing N N 219 
LEU OXT HXT  sing N N 220 
MET N   CA   sing N N 221 
MET N   H    sing N N 222 
MET N   H2   sing N N 223 
MET CA  C    sing N N 224 
MET CA  CB   sing N N 225 
MET CA  HA   sing N N 226 
MET C   O    doub N N 227 
MET C   OXT  sing N N 228 
MET CB  CG   sing N N 229 
MET CB  HB2  sing N N 230 
MET CB  HB3  sing N N 231 
MET CG  SD   sing N N 232 
MET CG  HG2  sing N N 233 
MET CG  HG3  sing N N 234 
MET SD  CE   sing N N 235 
MET CE  HE1  sing N N 236 
MET CE  HE2  sing N N 237 
MET CE  HE3  sing N N 238 
MET OXT HXT  sing N N 239 
PHA N   CA   sing N N 240 
PHA N   H    sing N N 241 
PHA N   H2   sing N N 242 
PHA CA  C    sing N N 243 
PHA CA  CB   sing N N 244 
PHA CA  HA   sing N N 245 
PHA C   O    doub N N 246 
PHA C   HC   sing N N 247 
PHA CB  CG   sing N N 248 
PHA CB  HB2  sing N N 249 
PHA CB  HB3  sing N N 250 
PHA CG  CD1  doub Y N 251 
PHA CG  CD2  sing Y N 252 
PHA CD1 CE1  sing Y N 253 
PHA CD1 HD1  sing N N 254 
PHA CD2 CE2  doub Y N 255 
PHA CD2 HD2  sing N N 256 
PHA CE1 CZ   doub Y N 257 
PHA CE1 HE1  sing N N 258 
PHA CE2 CZ   sing Y N 259 
PHA CE2 HE2  sing N N 260 
PHA CZ  HZ   sing N N 261 
PHE N   CA   sing N N 262 
PHE N   H    sing N N 263 
PHE N   H2   sing N N 264 
PHE CA  C    sing N N 265 
PHE CA  CB   sing N N 266 
PHE CA  HA   sing N N 267 
PHE C   O    doub N N 268 
PHE C   OXT  sing N N 269 
PHE CB  CG   sing N N 270 
PHE CB  HB2  sing N N 271 
PHE CB  HB3  sing N N 272 
PHE CG  CD1  doub Y N 273 
PHE CG  CD2  sing Y N 274 
PHE CD1 CE1  sing Y N 275 
PHE CD1 HD1  sing N N 276 
PHE CD2 CE2  doub Y N 277 
PHE CD2 HD2  sing N N 278 
PHE CE1 CZ   doub Y N 279 
PHE CE1 HE1  sing N N 280 
PHE CE2 CZ   sing Y N 281 
PHE CE2 HE2  sing N N 282 
PHE CZ  HZ   sing N N 283 
PHE OXT HXT  sing N N 284 
PRO N   CA   sing N N 285 
PRO N   CD   sing N N 286 
PRO N   H    sing N N 287 
PRO CA  C    sing N N 288 
PRO CA  CB   sing N N 289 
PRO CA  HA   sing N N 290 
PRO C   O    doub N N 291 
PRO C   OXT  sing N N 292 
PRO CB  CG   sing N N 293 
PRO CB  HB2  sing N N 294 
PRO CB  HB3  sing N N 295 
PRO CG  CD   sing N N 296 
PRO CG  HG2  sing N N 297 
PRO CG  HG3  sing N N 298 
PRO CD  HD2  sing N N 299 
PRO CD  HD3  sing N N 300 
PRO OXT HXT  sing N N 301 
SER N   CA   sing N N 302 
SER N   H    sing N N 303 
SER N   H2   sing N N 304 
SER CA  C    sing N N 305 
SER CA  CB   sing N N 306 
SER CA  HA   sing N N 307 
SER C   O    doub N N 308 
SER C   OXT  sing N N 309 
SER CB  OG   sing N N 310 
SER CB  HB2  sing N N 311 
SER CB  HB3  sing N N 312 
SER OG  HG   sing N N 313 
SER OXT HXT  sing N N 314 
THR N   CA   sing N N 315 
THR N   H    sing N N 316 
THR N   H2   sing N N 317 
THR CA  C    sing N N 318 
THR CA  CB   sing N N 319 
THR CA  HA   sing N N 320 
THR C   O    doub N N 321 
THR C   OXT  sing N N 322 
THR CB  OG1  sing N N 323 
THR CB  CG2  sing N N 324 
THR CB  HB   sing N N 325 
THR OG1 HG1  sing N N 326 
THR CG2 HG21 sing N N 327 
THR CG2 HG22 sing N N 328 
THR CG2 HG23 sing N N 329 
THR OXT HXT  sing N N 330 
TRP N   CA   sing N N 331 
TRP N   H    sing N N 332 
TRP N   H2   sing N N 333 
TRP CA  C    sing N N 334 
TRP CA  CB   sing N N 335 
TRP CA  HA   sing N N 336 
TRP C   O    doub N N 337 
TRP C   OXT  sing N N 338 
TRP CB  CG   sing N N 339 
TRP CB  HB2  sing N N 340 
TRP CB  HB3  sing N N 341 
TRP CG  CD1  doub Y N 342 
TRP CG  CD2  sing Y N 343 
TRP CD1 NE1  sing Y N 344 
TRP CD1 HD1  sing N N 345 
TRP CD2 CE2  doub Y N 346 
TRP CD2 CE3  sing Y N 347 
TRP NE1 CE2  sing Y N 348 
TRP NE1 HE1  sing N N 349 
TRP CE2 CZ2  sing Y N 350 
TRP CE3 CZ3  doub Y N 351 
TRP CE3 HE3  sing N N 352 
TRP CZ2 CH2  doub Y N 353 
TRP CZ2 HZ2  sing N N 354 
TRP CZ3 CH2  sing Y N 355 
TRP CZ3 HZ3  sing N N 356 
TRP CH2 HH2  sing N N 357 
TRP OXT HXT  sing N N 358 
TYR N   CA   sing N N 359 
TYR N   H    sing N N 360 
TYR N   H2   sing N N 361 
TYR CA  C    sing N N 362 
TYR CA  CB   sing N N 363 
TYR CA  HA   sing N N 364 
TYR C   O    doub N N 365 
TYR C   OXT  sing N N 366 
TYR CB  CG   sing N N 367 
TYR CB  HB2  sing N N 368 
TYR CB  HB3  sing N N 369 
TYR CG  CD1  doub Y N 370 
TYR CG  CD2  sing Y N 371 
TYR CD1 CE1  sing Y N 372 
TYR CD1 HD1  sing N N 373 
TYR CD2 CE2  doub Y N 374 
TYR CD2 HD2  sing N N 375 
TYR CE1 CZ   doub Y N 376 
TYR CE1 HE1  sing N N 377 
TYR CE2 CZ   sing Y N 378 
TYR CE2 HE2  sing N N 379 
TYR CZ  OH   sing N N 380 
TYR OH  HH   sing N N 381 
TYR OXT HXT  sing N N 382 
VAL N   CA   sing N N 383 
VAL N   H    sing N N 384 
VAL N   H2   sing N N 385 
VAL CA  C    sing N N 386 
VAL CA  CB   sing N N 387 
VAL CA  HA   sing N N 388 
VAL C   O    doub N N 389 
VAL C   OXT  sing N N 390 
VAL CB  CG1  sing N N 391 
VAL CB  CG2  sing N N 392 
VAL CB  HB   sing N N 393 
VAL CG1 HG11 sing N N 394 
VAL CG1 HG12 sing N N 395 
VAL CG1 HG13 sing N N 396 
VAL CG2 HG21 sing N N 397 
VAL CG2 HG22 sing N N 398 
VAL CG2 HG23 sing N N 399 
VAL OXT HXT  sing N N 400 
# 
_atom_sites.entry_id                    1SGC 
_atom_sites.fract_transf_matrix[1][1]   -0.01706206 
_atom_sites.fract_transf_matrix[1][2]   -0.00623315 
_atom_sites.fract_transf_matrix[1][3]   0.00003362 
_atom_sites.fract_transf_matrix[2][1]   -0.00507920 
_atom_sites.fract_transf_matrix[2][2]   0.01384616 
_atom_sites.fract_transf_matrix[2][3]   -0.01060438 
_atom_sites.fract_transf_matrix[3][1]   0.00364101 
_atom_sites.fract_transf_matrix[3][2]   -0.01004674 
_atom_sites.fract_transf_matrix[3][3]   -0.01486200 
_atom_sites.fract_transf_vector[1]      -0.157010 
_atom_sites.fract_transf_vector[2]      0.272158 
_atom_sites.fract_transf_vector[3]      0.372392 
# 
loop_
_atom_sites_footnote.id 
_atom_sites_footnote.text 
1 'RESIDUE 99A IS A CIS-PROLINE.'                                                                                   
2 'THE SIDE CHAIN ATOMS OF ARG 221 BEYOND CB WERE NOT WELL DEFINED AND, THEREFORE, ARE NOT INCLUDED IN THIS ENTRY.' 
# 
loop_
_atom_type.symbol 
C 
N 
O 
S 
# 
loop_
_atom_site.group_PDB 
_atom_site.id 
_atom_site.type_symbol 
_atom_site.label_atom_id 
_atom_site.label_alt_id 
_atom_site.label_comp_id 
_atom_site.label_asym_id 
_atom_site.label_entity_id 
_atom_site.label_seq_id 
_atom_site.pdbx_PDB_ins_code 
_atom_site.Cartn_x 
_atom_site.Cartn_y 
_atom_site.Cartn_z 
_atom_site.occupancy 
_atom_site.B_iso_or_equiv 
_atom_site.pdbx_formal_charge 
_atom_site.auth_seq_id 
_atom_site.auth_comp_id 
_atom_site.auth_asym_id 
_atom_site.auth_atom_id 
_atom_site.pdbx_PDB_model_num 
ATOM   1    N N   . ILE A 1 1   ? -0.863  -15.098 -0.401  1.00 9.44  ? 16  ILE A N   1 
ATOM   2    C CA  . ILE A 1 1   ? -0.138  -13.848 -0.632  1.00 9.33  ? 16  ILE A CA  1 
ATOM   3    C C   . ILE A 1 1   ? -0.409  -12.880 0.499   1.00 10.13 ? 16  ILE A C   1 
ATOM   4    O O   . ILE A 1 1   ? -1.557  -12.564 0.937   1.00 11.23 ? 16  ILE A O   1 
ATOM   5    C CB  . ILE A 1 1   ? -0.567  -13.371 -2.115  1.00 6.87  ? 16  ILE A CB  1 
ATOM   6    C CG1 . ILE A 1 1   ? 0.431   -12.360 -2.578  1.00 11.64 ? 16  ILE A CG1 1 
ATOM   7    C CG2 . ILE A 1 1   ? -2.091  -13.052 -2.051  1.00 9.63  ? 16  ILE A CG2 1 
ATOM   8    C CD1 . ILE A 1 1   ? 0.302   -11.631 -3.898  1.00 13.08 ? 16  ILE A CD1 1 
ATOM   9    N N   . ALA A 1 2   ? 0.679   -12.265 0.970   1.00 9.66  ? 17  ALA A N   1 
ATOM   10   C CA  . ALA A 1 2   ? 0.709   -11.376 2.100   1.00 8.42  ? 17  ALA A CA  1 
ATOM   11   C C   . ALA A 1 2   ? 1.022   -9.942  1.688   1.00 12.14 ? 17  ALA A C   1 
ATOM   12   O O   . ALA A 1 2   ? 1.220   -9.674  0.500   1.00 7.26  ? 17  ALA A O   1 
ATOM   13   C CB  . ALA A 1 2   ? 1.733   -11.908 3.129   1.00 4.61  ? 17  ALA A CB  1 
ATOM   14   N N   . GLY A 1 3   ? 1.022   -9.057  2.655   1.00 10.22 ? 18  GLY A N   1 
ATOM   15   C CA  . GLY A 1 3   ? 1.327   -7.638  2.486   1.00 5.03  ? 18  GLY A CA  1 
ATOM   16   C C   . GLY A 1 3   ? 2.704   -7.526  1.819   1.00 11.06 ? 18  GLY A C   1 
ATOM   17   O O   . GLY A 1 3   ? 3.641   -8.255  2.197   1.00 6.89  ? 18  GLY A O   1 
ATOM   18   N N   . GLY A 1 4   ? 2.845   -6.594  0.889   1.00 10.54 ? 19  GLY A N   1 
ATOM   19   C CA  . GLY A 1 4   ? 4.064   -6.291  0.202   1.00 7.04  ? 19  GLY A CA  1 
ATOM   20   C C   . GLY A 1 4   ? 4.484   -7.198  -0.918  1.00 14.68 ? 19  GLY A C   1 
ATOM   21   O O   . GLY A 1 4   ? 5.557   -6.974  -1.485  1.00 12.73 ? 19  GLY A O   1 
ATOM   22   N N   . GLU A 1 5   ? 3.616   -8.202  -1.174  1.00 10.93 ? 29  GLU A N   1 
ATOM   23   C CA  . GLU A 1 5   ? 4.073   -9.132  -2.307  1.00 9.69  ? 29  GLU A CA  1 
ATOM   24   C C   . GLU A 1 5   ? 3.568   -8.646  -3.647  1.00 8.50  ? 29  GLU A C   1 
ATOM   25   O O   . GLU A 1 5   ? 2.655   -7.867  -3.615  1.00 11.68 ? 29  GLU A O   1 
ATOM   26   C CB  . GLU A 1 5   ? 3.712   -10.527 -1.964  1.00 13.76 ? 29  GLU A CB  1 
ATOM   27   C CG  . GLU A 1 5   ? 4.544   -11.060 -0.777  1.00 10.47 ? 29  GLU A CG  1 
ATOM   28   C CD  . GLU A 1 5   ? 4.272   -12.543 -0.589  1.00 21.22 ? 29  GLU A CD  1 
ATOM   29   O OE1 . GLU A 1 5   ? 3.413   -13.033 0.098   1.00 9.78  ? 29  GLU A OE1 1 
ATOM   30   O OE2 . GLU A 1 5   ? 5.064   -13.264 -1.206  1.00 20.01 ? 29  GLU A OE2 1 
ATOM   31   N N   . ALA A 1 6   ? 4.157   -9.170  -4.718  1.00 11.46 ? 30  ALA A N   1 
ATOM   32   C CA  . ALA A 1 6   ? 3.775   -8.716  -6.090  1.00 10.58 ? 30  ALA A CA  1 
ATOM   33   C C   . ALA A 1 6   ? 2.444   -9.091  -6.501  1.00 9.44  ? 30  ALA A C   1 
ATOM   34   O O   . ALA A 1 6   ? 1.986   -10.199 -6.232  1.00 11.51 ? 30  ALA A O   1 
ATOM   35   C CB  . ALA A 1 6   ? 4.839   -9.262  -7.139  1.00 2.66  ? 30  ALA A CB  1 
ATOM   36   N N   . ILE A 1 7   ? 1.727   -8.160  -7.208  1.00 5.24  ? 31  ILE A N   1 
ATOM   37   C CA  . ILE A 1 7   ? 0.384   -8.413  -7.777  1.00 11.24 ? 31  ILE A CA  1 
ATOM   38   C C   . ILE A 1 7   ? 0.602   -7.857  -9.239  1.00 9.77  ? 31  ILE A C   1 
ATOM   39   O O   . ILE A 1 7   ? 1.178   -6.806  -9.294  1.00 8.48  ? 31  ILE A O   1 
ATOM   40   C CB  . ILE A 1 7   ? -0.819  -7.847  -7.053  1.00 13.40 ? 31  ILE A CB  1 
ATOM   41   C CG1 . ILE A 1 7   ? -0.484  -6.387  -6.632  1.00 12.73 ? 31  ILE A CG1 1 
ATOM   42   C CG2 . ILE A 1 7   ? -1.197  -8.725  -5.818  1.00 8.86  ? 31  ILE A CG2 1 
ATOM   43   C CD1 . ILE A 1 7   ? -1.741  -5.506  -6.363  1.00 13.01 ? 31  ILE A CD1 1 
ATOM   44   N N   . THR A 1 8   ? 0.142   -8.536  -10.270 1.00 12.81 ? 32  THR A N   1 
ATOM   45   C CA  . THR A 1 8   ? 0.436   -7.956  -11.605 1.00 11.10 ? 32  THR A CA  1 
ATOM   46   C C   . THR A 1 8   ? -0.826  -7.983  -12.426 1.00 11.26 ? 32  THR A C   1 
ATOM   47   O O   . THR A 1 8   ? -1.843  -8.638  -12.063 1.00 10.80 ? 32  THR A O   1 
ATOM   48   C CB  . THR A 1 8   ? 1.570   -8.860  -12.275 1.00 12.07 ? 32  THR A CB  1 
ATOM   49   O OG1 . THR A 1 8   ? 0.946   -10.196 -12.263 1.00 13.61 ? 32  THR A OG1 1 
ATOM   50   C CG2 . THR A 1 8   ? 2.846   -8.850  -11.456 1.00 14.61 ? 32  THR A CG2 1 
ATOM   51   N N   . THR A 1 9   ? -0.746  -7.255  -13.516 1.00 9.09  ? 33  THR A N   1 
ATOM   52   C CA  . THR A 1 9   ? -1.854  -7.201  -14.520 1.00 11.60 ? 33  THR A CA  1 
ATOM   53   C C   . THR A 1 9   ? -1.096  -7.016  -15.820 1.00 19.87 ? 33  THR A C   1 
ATOM   54   O O   . THR A 1 9   ? -0.374  -6.026  -15.923 1.00 21.66 ? 33  THR A O   1 
ATOM   55   C CB  . THR A 1 9   ? -2.898  -6.149  -14.194 1.00 15.94 ? 33  THR A CB  1 
ATOM   56   O OG1 . THR A 1 9   ? -3.934  -6.289  -15.242 1.00 14.39 ? 33  THR A OG1 1 
ATOM   57   C CG2 . THR A 1 9   ? -2.362  -4.724  -14.172 1.00 13.54 ? 33  THR A CG2 1 
ATOM   58   N N   . GLY A 1 10  ? -1.170  -7.956  -16.691 1.00 25.85 ? 34  GLY A N   1 
ATOM   59   C CA  . GLY A 1 10  ? -0.471  -7.942  -18.022 1.00 21.53 ? 34  GLY A CA  1 
ATOM   60   C C   . GLY A 1 10  ? 0.994   -7.720  -17.612 1.00 27.66 ? 34  GLY A C   1 
ATOM   61   O O   . GLY A 1 10  ? 1.380   -8.387  -16.632 1.00 27.91 ? 34  GLY A O   1 
ATOM   62   N N   . GLY A 1 11  ? 1.620   -6.747  -18.258 1.00 28.05 ? 39  GLY A N   1 
ATOM   63   C CA  . GLY A 1 11  ? 3.000   -6.447  -17.830 1.00 30.10 ? 39  GLY A CA  1 
ATOM   64   C C   . GLY A 1 11  ? 3.143   -5.535  -16.607 1.00 30.02 ? 39  GLY A C   1 
ATOM   65   O O   . GLY A 1 11  ? 4.365   -5.242  -16.324 1.00 34.82 ? 39  GLY A O   1 
ATOM   66   N N   . SER A 1 12  ? 2.119   -5.094  -15.898 1.00 21.29 ? 40  SER A N   1 
ATOM   67   C CA  . SER A 1 12  ? 2.316   -4.189  -14.775 1.00 18.07 ? 40  SER A CA  1 
ATOM   68   C C   . SER A 1 12  ? 2.462   -4.878  -13.417 1.00 15.98 ? 40  SER A C   1 
ATOM   69   O O   . SER A 1 12  ? 1.723   -5.840  -13.141 1.00 20.74 ? 40  SER A O   1 
ATOM   70   C CB  . SER A 1 12  ? 1.175   -3.198  -14.616 1.00 22.73 ? 40  SER A CB  1 
ATOM   71   O OG  . SER A 1 12  ? 1.044   -2.387  -15.734 1.00 24.41 ? 40  SER A OG  1 
ATOM   72   N N   . ARG A 1 13  ? 3.331   -4.256  -12.622 1.00 13.22 ? 41  ARG A N   1 
ATOM   73   C CA  . ARG A 1 13  ? 3.496   -4.855  -11.257 1.00 15.62 ? 41  ARG A CA  1 
ATOM   74   C C   . ARG A 1 13  ? 3.406   -3.804  -10.164 1.00 12.47 ? 41  ARG A C   1 
ATOM   75   O O   . ARG A 1 13  ? 4.010   -2.743  -10.263 1.00 12.69 ? 41  ARG A O   1 
ATOM   76   C CB  . ARG A 1 13  ? 4.785   -5.639  -11.187 1.00 15.07 ? 41  ARG A CB  1 
ATOM   77   C CG  . ARG A 1 13  ? 5.122   -6.245  -9.869  1.00 14.78 ? 41  ARG A CG  1 
ATOM   78   C CD  . ARG A 1 13  ? 6.404   -6.972  -9.848  1.00 23.81 ? 41  ARG A CD  1 
ATOM   79   N NE  . ARG A 1 13  ? 7.563   -6.236  -10.297 1.00 15.92 ? 41  ARG A NE  1 
ATOM   80   C CZ  . ARG A 1 13  ? 8.350   -5.394  -9.617  1.00 28.12 ? 41  ARG A CZ  1 
ATOM   81   N NH1 . ARG A 1 13  ? 8.221   -4.994  -8.361  1.00 24.43 ? 41  ARG A NH1 1 
ATOM   82   N NH2 . ARG A 1 13  ? 9.375   -4.844  -10.300 1.00 23.02 ? 41  ARG A NH2 1 
ATOM   83   N N   . CYS A 1 14  ? 2.659   -4.156  -9.145  1.00 12.49 ? 42  CYS A N   1 
ATOM   84   C CA  . CYS A 1 14  ? 2.412   -3.311  -7.952  1.00 11.56 ? 42  CYS A CA  1 
ATOM   85   C C   . CYS A 1 14  ? 2.594   -4.240  -6.788  1.00 7.25  ? 42  CYS A C   1 
ATOM   86   O O   . CYS A 1 14  ? 2.985   -5.397  -7.050  1.00 9.42  ? 42  CYS A O   1 
ATOM   87   C CB  . CYS A 1 14  ? 1.022   -2.657  -7.915  1.00 9.10  ? 42  CYS A CB  1 
ATOM   88   S SG  . CYS A 1 14  ? 0.963   -1.298  -9.111  1.00 14.04 ? 42  CYS A SG  1 
ATOM   89   N N   . SER A 1 15  ? 2.412   -3.789  -5.553  1.00 11.33 ? 43  SER A N   1 
ATOM   90   C CA  . SER A 1 15  ? 2.582   -4.704  -4.391  1.00 6.62  ? 43  SER A CA  1 
ATOM   91   C C   . SER A 1 15  ? 1.224   -4.717  -3.681  1.00 3.13  ? 43  SER A C   1 
ATOM   92   O O   . SER A 1 15  ? 0.443   -3.744  -3.737  1.00 3.99  ? 43  SER A O   1 
ATOM   93   C CB  . SER A 1 15  ? 3.678   -4.288  -3.442  1.00 3.71  ? 43  SER A CB  1 
ATOM   94   O OG  . SER A 1 15  ? 4.884   -4.039  -4.138  1.00 12.25 ? 43  SER A OG  1 
ATOM   95   N N   . LEU A 1 16  ? 0.941   -5.812  -3.014  1.00 7.00  ? 44  LEU A N   1 
ATOM   96   C CA  . LEU A 1 16  ? -0.345  -5.845  -2.203  1.00 4.03  ? 44  LEU A CA  1 
ATOM   97   C C   . LEU A 1 16  ? -0.179  -5.021  -0.966  1.00 6.41  ? 44  LEU A C   1 
ATOM   98   O O   . LEU A 1 16  ? 0.854   -5.101  -0.271  1.00 4.78  ? 44  LEU A O   1 
ATOM   99   C CB  . LEU A 1 16  ? -0.664  -7.362  -2.023  1.00 7.86  ? 44  LEU A CB  1 
ATOM   100  C CG  . LEU A 1 16  ? -1.961  -7.800  -1.425  1.00 14.60 ? 44  LEU A CG  1 
ATOM   101  C CD1 . LEU A 1 16  ? -2.135  -9.303  -1.674  1.00 4.62  ? 44  LEU A CD1 1 
ATOM   102  C CD2 . LEU A 1 16  ? -1.981  -7.702  0.099   1.00 5.53  ? 44  LEU A CD2 1 
ATOM   103  N N   . GLY A 1 17  ? -1.189  -4.261  -0.583  1.00 2.80  ? 45  GLY A N   1 
ATOM   104  C CA  . GLY A 1 17  ? -1.094  -3.430  0.652   1.00 4.86  ? 45  GLY A CA  1 
ATOM   105  C C   . GLY A 1 17  ? -1.521  -4.334  1.844   1.00 8.97  ? 45  GLY A C   1 
ATOM   106  O O   . GLY A 1 17  ? -0.614  -4.705  2.600   1.00 7.75  ? 45  GLY A O   1 
ATOM   107  N N   . PHE A 1 18  ? -2.787  -4.655  1.957   1.00 7.23  ? 46  PHE A N   1 
ATOM   108  C CA  . PHE A 1 18  ? -3.292  -5.443  3.045   1.00 8.38  ? 46  PHE A CA  1 
ATOM   109  C C   . PHE A 1 18  ? -4.457  -6.301  2.611   1.00 10.45 ? 46  PHE A C   1 
ATOM   110  O O   . PHE A 1 18  ? -5.220  -5.895  1.769   1.00 8.33  ? 46  PHE A O   1 
ATOM   111  C CB  . PHE A 1 18  ? -3.819  -4.623  4.298   1.00 2.00  ? 46  PHE A CB  1 
ATOM   112  C CG  . PHE A 1 18  ? -2.684  -3.807  4.912   1.00 4.30  ? 46  PHE A CG  1 
ATOM   113  C CD1 . PHE A 1 18  ? -1.730  -4.413  5.814   1.00 5.62  ? 46  PHE A CD1 1 
ATOM   114  C CD2 . PHE A 1 18  ? -2.571  -2.515  4.579   1.00 6.05  ? 46  PHE A CD2 1 
ATOM   115  C CE1 . PHE A 1 18  ? -0.677  -3.570  6.272   1.00 4.16  ? 46  PHE A CE1 1 
ATOM   116  C CE2 . PHE A 1 18  ? -1.544  -1.713  5.034   1.00 5.40  ? 46  PHE A CE2 1 
ATOM   117  C CZ  . PHE A 1 18  ? -0.539  -2.269  5.902   1.00 8.71  ? 46  PHE A CZ  1 
ATOM   118  N N   . ASN A 1 19  ? -4.541  -7.490  3.178   1.00 6.11  ? 47  ASN A N   1 
ATOM   119  C CA  . ASN A 1 19  ? -5.632  -8.396  2.951   1.00 3.02  ? 47  ASN A CA  1 
ATOM   120  C C   . ASN A 1 19  ? -6.717  -7.981  3.927   1.00 4.96  ? 47  ASN A C   1 
ATOM   121  O O   . ASN A 1 19  ? -6.411  -7.704  5.048   1.00 11.49 ? 47  ASN A O   1 
ATOM   122  C CB  . ASN A 1 19  ? -5.306  -9.893  3.015   1.00 6.61  ? 47  ASN A CB  1 
ATOM   123  C CG  . ASN A 1 19  ? -4.462  -10.290 1.853   1.00 2.00  ? 47  ASN A CG  1 
ATOM   124  O OD1 . ASN A 1 19  ? -4.971  -10.131 0.733   1.00 5.58  ? 47  ASN A OD1 1 
ATOM   125  N ND2 . ASN A 1 19  ? -3.265  -10.789 2.037   1.00 7.99  ? 47  ASN A ND2 1 
ATOM   126  N N   . VAL A 1 20  ? -7.960  -7.802  3.375   1.00 7.65  ? 48  VAL A N   1 
ATOM   127  C CA  . VAL A 1 20  ? -9.007  -7.280  4.286   1.00 3.40  ? 48  VAL A CA  1 
ATOM   128  C C   . VAL A 1 20  ? -10.289 -8.087  4.050   1.00 6.62  ? 48  VAL A C   1 
ATOM   129  O O   . VAL A 1 20  ? -10.299 -8.873  3.097   1.00 10.63 ? 48  VAL A O   1 
ATOM   130  C CB  . VAL A 1 20  ? -9.234  -5.767  4.003   1.00 10.38 ? 48  VAL A CB  1 
ATOM   131  C CG1 . VAL A 1 20  ? -7.937  -4.971  4.244   1.00 9.08  ? 48  VAL A CG1 1 
ATOM   132  C CG2 . VAL A 1 20  ? -9.709  -5.547  2.552   1.00 10.87 ? 48  VAL A CG2 1 
ATOM   133  N N   . SER A 1 21  A -11.304 -7.779  4.863   1.00 6.11  ? 48  SER A N   1 
ATOM   134  C CA  . SER A 1 21  A -12.584 -8.456  4.719   1.00 9.99  ? 48  SER A CA  1 
ATOM   135  C C   . SER A 1 21  A -13.680 -7.402  4.565   1.00 10.05 ? 48  SER A C   1 
ATOM   136  O O   . SER A 1 21  A -13.617 -6.339  5.206   1.00 12.87 ? 48  SER A O   1 
ATOM   137  C CB  . SER A 1 21  A -12.773 -9.387  5.930   1.00 11.05 ? 48  SER A CB  1 
ATOM   138  O OG  . SER A 1 21  A -14.144 -9.810  5.873   1.00 15.59 ? 48  SER A OG  1 
ATOM   139  N N   . VAL A 1 22  B -14.623 -7.701  3.653   1.00 13.96 ? 48  VAL A N   1 
ATOM   140  C CA  . VAL A 1 22  B -15.769 -6.790  3.486   1.00 15.42 ? 48  VAL A CA  1 
ATOM   141  C C   . VAL A 1 22  B -16.958 -7.739  3.726   1.00 15.73 ? 48  VAL A C   1 
ATOM   142  O O   . VAL A 1 22  B -17.113 -8.589  2.877   1.00 15.31 ? 48  VAL A O   1 
ATOM   143  C CB  . VAL A 1 22  B -15.923 -6.113  2.118   1.00 14.73 ? 48  VAL A CB  1 
ATOM   144  C CG1 . VAL A 1 22  B -17.273 -5.385  2.000   1.00 15.23 ? 48  VAL A CG1 1 
ATOM   145  C CG2 . VAL A 1 22  B -14.799 -5.196  1.712   1.00 13.11 ? 48  VAL A CG2 1 
ATOM   146  N N   . ASN A 1 23  C -17.648 -7.603  4.819   1.00 15.14 ? 48  ASN A N   1 
ATOM   147  C CA  . ASN A 1 23  C -18.812 -8.512  5.036   1.00 20.18 ? 48  ASN A CA  1 
ATOM   148  C C   . ASN A 1 23  C -18.393 -9.977  4.833   1.00 20.02 ? 48  ASN A C   1 
ATOM   149  O O   . ASN A 1 23  C -19.080 -10.723 4.180   1.00 17.47 ? 48  ASN A O   1 
ATOM   150  C CB  . ASN A 1 23  C -20.011 -8.173  4.135   1.00 29.55 ? 48  ASN A CB  1 
ATOM   151  C CG  . ASN A 1 23  C -20.698 -6.873  4.404   1.00 38.79 ? 48  ASN A CG  1 
ATOM   152  O OD1 . ASN A 1 23  C -20.283 -6.040  5.234   1.00 53.28 ? 48  ASN A OD1 1 
ATOM   153  N ND2 . ASN A 1 23  C -21.820 -6.659  3.698   1.00 54.82 ? 48  ASN A ND2 1 
ATOM   154  N N   . GLY A 1 24  D -17.223 -10.287 5.360   1.00 17.72 ? 48  GLY A N   1 
ATOM   155  C CA  . GLY A 1 24  D -16.674 -11.621 5.347   1.00 19.68 ? 48  GLY A CA  1 
ATOM   156  C C   . GLY A 1 24  D -15.993 -12.102 4.082   1.00 20.58 ? 48  GLY A C   1 
ATOM   157  O O   . GLY A 1 24  D -15.422 -13.219 4.174   1.00 23.90 ? 48  GLY A O   1 
ATOM   158  N N   . VAL A 1 25  ? -16.101 -11.303 3.043   1.00 18.58 ? 49  VAL A N   1 
ATOM   159  C CA  . VAL A 1 25  ? -15.500 -11.609 1.733   1.00 4.90  ? 49  VAL A CA  1 
ATOM   160  C C   . VAL A 1 25  ? -14.080 -11.049 1.647   1.00 11.15 ? 49  VAL A C   1 
ATOM   161  O O   . VAL A 1 25  ? -13.900 -9.810  1.873   1.00 7.57  ? 49  VAL A O   1 
ATOM   162  C CB  . VAL A 1 25  ? -16.388 -11.057 0.584   1.00 13.99 ? 49  VAL A CB  1 
ATOM   163  C CG1 . VAL A 1 25  ? -15.771 -11.442 -0.823  1.00 8.93  ? 49  VAL A CG1 1 
ATOM   164  C CG2 . VAL A 1 25  ? -17.822 -11.457 0.640   1.00 18.32 ? 49  VAL A CG2 1 
ATOM   165  N N   . ALA A 1 26  ? -13.165 -11.912 1.300   1.00 5.24  ? 50  ALA A N   1 
ATOM   166  C CA  . ALA A 1 26  ? -11.723 -11.548 1.175   1.00 7.38  ? 50  ALA A CA  1 
ATOM   167  C C   . ALA A 1 26  ? -11.396 -10.755 -0.031  1.00 8.99  ? 50  ALA A C   1 
ATOM   168  O O   . ALA A 1 26  ? -11.746 -10.960 -1.203  1.00 10.06 ? 50  ALA A O   1 
ATOM   169  C CB  . ALA A 1 26  ? -10.906 -12.896 1.142   1.00 11.39 ? 50  ALA A CB  1 
ATOM   170  N N   . HIS A 1 27  ? -10.684 -9.599  0.278   1.00 6.29  ? 51  HIS A N   1 
ATOM   171  C CA  . HIS A 1 27  ? -10.260 -8.641  -0.700  1.00 9.32  ? 51  HIS A CA  1 
ATOM   172  C C   . HIS A 1 27  ? -8.859  -8.195  -0.305  1.00 7.00  ? 51  HIS A C   1 
ATOM   173  O O   . HIS A 1 27  ? -8.307  -8.519  0.798   1.00 8.01  ? 51  HIS A O   1 
ATOM   174  C CB  . HIS A 1 27  ? -11.110 -7.348  -0.744  1.00 5.13  ? 51  HIS A CB  1 
ATOM   175  C CG  . HIS A 1 27  ? -12.540 -7.511  -1.155  1.00 4.33  ? 51  HIS A CG  1 
ATOM   176  N ND1 . HIS A 1 27  ? -13.527 -8.125  -0.347  1.00 7.58  ? 51  HIS A ND1 1 
ATOM   177  C CD2 . HIS A 1 27  ? -13.164 -7.064  -2.256  1.00 4.59  ? 51  HIS A CD2 1 
ATOM   178  C CE1 . HIS A 1 27  ? -14.655 -8.060  -0.951  1.00 12.24 ? 51  HIS A CE1 1 
ATOM   179  N NE2 . HIS A 1 27  ? -14.482 -7.476  -2.130  1.00 5.35  ? 51  HIS A NE2 1 
ATOM   180  N N   . ALA A 1 28  ? -8.276  -7.467  -1.216  1.00 10.33 ? 52  ALA A N   1 
ATOM   181  C CA  . ALA A 1 28  ? -6.927  -6.917  -0.964  1.00 4.96  ? 52  ALA A CA  1 
ATOM   182  C C   . ALA A 1 28  ? -6.903  -5.431  -1.342  1.00 3.32  ? 52  ALA A C   1 
ATOM   183  O O   . ALA A 1 28  ? -7.339  -5.121  -2.415  1.00 3.35  ? 52  ALA A O   1 
ATOM   184  C CB  . ALA A 1 28  ? -5.897  -7.658  -1.837  1.00 9.02  ? 52  ALA A CB  1 
ATOM   185  N N   . LEU A 1 29  ? -6.272  -4.628  -0.531  1.00 5.73  ? 53  LEU A N   1 
ATOM   186  C CA  . LEU A 1 29  ? -6.075  -3.219  -0.808  1.00 6.55  ? 53  LEU A CA  1 
ATOM   187  C C   . LEU A 1 29  ? -4.728  -3.034  -1.476  1.00 3.28  ? 53  LEU A C   1 
ATOM   188  O O   . LEU A 1 29  ? -3.796  -3.672  -1.098  1.00 6.59  ? 53  LEU A O   1 
ATOM   189  C CB  . LEU A 1 29  ? -5.937  -2.418  0.554   1.00 6.96  ? 53  LEU A CB  1 
ATOM   190  C CG  . LEU A 1 29  ? -7.075  -1.619  1.108   1.00 19.74 ? 53  LEU A CG  1 
ATOM   191  C CD1 . LEU A 1 29  ? -8.470  -1.840  0.512   1.00 12.03 ? 53  LEU A CD1 1 
ATOM   192  C CD2 . LEU A 1 29  ? -7.285  -1.753  2.608   1.00 14.63 ? 53  LEU A CD2 1 
ATOM   193  N N   . THR A 1 30  ? -4.743  -2.007  -2.352  1.00 6.51  ? 54  THR A N   1 
ATOM   194  C CA  . THR A 1 30  ? -3.467  -1.716  -3.045  1.00 3.20  ? 54  THR A CA  1 
ATOM   195  C C   . THR A 1 30  ? -3.549  -0.250  -3.488  1.00 2.00  ? 54  THR A C   1 
ATOM   196  O O   . THR A 1 30  ? -4.491  0.435   -2.991  1.00 2.86  ? 54  THR A O   1 
ATOM   197  C CB  . THR A 1 30  ? -3.256  -2.687  -4.262  1.00 4.03  ? 54  THR A CB  1 
ATOM   198  O OG1 . THR A 1 30  ? -1.887  -2.299  -4.648  1.00 6.80  ? 54  THR A OG1 1 
ATOM   199  C CG2 . THR A 1 30  ? -4.319  -2.581  -5.389  1.00 8.01  ? 54  THR A CG2 1 
ATOM   200  N N   . ALA A 1 31  ? -2.582  0.241   -4.281  1.00 2.50  ? 55  ALA A N   1 
ATOM   201  C CA  . ALA A 1 31  ? -2.750  1.698   -4.615  1.00 4.10  ? 55  ALA A CA  1 
ATOM   202  C C   . ALA A 1 31  ? -3.787  1.815   -5.735  1.00 5.87  ? 55  ALA A C   1 
ATOM   203  O O   . ALA A 1 31  ? -3.962  0.994   -6.540  1.00 7.87  ? 55  ALA A O   1 
ATOM   204  C CB  . ALA A 1 31  ? -1.386  2.171   -5.177  1.00 2.10  ? 55  ALA A CB  1 
ATOM   205  N N   . GLY A 1 32  ? -4.443  2.994   -5.716  1.00 5.74  ? 56  GLY A N   1 
ATOM   206  C CA  . GLY A 1 32  ? -5.437  3.329   -6.697  1.00 6.21  ? 56  GLY A CA  1 
ATOM   207  C C   . GLY A 1 32  ? -4.815  3.614   -8.073  1.00 5.76  ? 56  GLY A C   1 
ATOM   208  O O   . GLY A 1 32  ? -5.445  3.279   -9.052  1.00 4.98  ? 56  GLY A O   1 
ATOM   209  N N   . HIS A 1 33  ? -3.565  4.088   -8.108  1.00 7.44  ? 57  HIS A N   1 
ATOM   210  C CA  . HIS A 1 33  ? -2.980  4.376   -9.459  1.00 9.37  ? 57  HIS A CA  1 
ATOM   211  C C   . HIS A 1 33  ? -2.665  3.003   -10.069 1.00 9.09  ? 57  HIS A C   1 
ATOM   212  O O   . HIS A 1 33  ? -2.513  2.854   -11.308 1.00 8.19  ? 57  HIS A O   1 
ATOM   213  C CB  . HIS A 1 33  ? -1.821  5.349   -9.281  1.00 7.30  ? 57  HIS A CB  1 
ATOM   214  C CG  . HIS A 1 33  ? -0.581  4.763   -8.628  1.00 13.52 ? 57  HIS A CG  1 
ATOM   215  N ND1 . HIS A 1 33  ? -0.208  5.062   -7.332  1.00 18.43 ? 57  HIS A ND1 1 
ATOM   216  C CD2 . HIS A 1 33  ? 0.461   3.989   -9.150  1.00 14.93 ? 57  HIS A CD2 1 
ATOM   217  C CE1 . HIS A 1 33  ? 0.915   4.488   -6.947  1.00 7.66  ? 57  HIS A CE1 1 
ATOM   218  N NE2 . HIS A 1 33  ? 1.302   3.850   -8.094  1.00 10.22 ? 57  HIS A NE2 1 
ATOM   219  N N   . CYS A 1 34  ? -2.581  1.941   -9.242  1.00 12.41 ? 58  CYS A N   1 
ATOM   220  C CA  . CYS A 1 34  ? -2.378  0.622   -9.742  1.00 6.48  ? 58  CYS A CA  1 
ATOM   221  C C   . CYS A 1 34  ? -3.687  0.048   -10.294 1.00 8.57  ? 58  CYS A C   1 
ATOM   222  O O   . CYS A 1 34  ? -3.810  -0.449  -11.395 1.00 8.43  ? 58  CYS A O   1 
ATOM   223  C CB  . CYS A 1 34  ? -1.891  -0.415  -8.619  1.00 5.41  ? 58  CYS A CB  1 
ATOM   224  S SG  . CYS A 1 34  ? -0.177  0.078   -8.239  1.00 12.03 ? 58  CYS A SG  1 
ATOM   225  N N   . THR A 1 35  ? -4.756  0.068   -9.439  1.00 10.20 ? 59  THR A N   1 
ATOM   226  C CA  . THR A 1 35  ? -6.047  -0.521  -9.851  1.00 7.91  ? 59  THR A CA  1 
ATOM   227  C C   . THR A 1 35  ? -6.693  0.279   -11.024 1.00 5.82  ? 59  THR A C   1 
ATOM   228  O O   . THR A 1 35  ? -7.518  -0.340  -11.673 1.00 11.74 ? 59  THR A O   1 
ATOM   229  C CB  . THR A 1 35  ? -7.071  -0.754  -8.688  1.00 6.03  ? 59  THR A CB  1 
ATOM   230  O OG1 . THR A 1 35  ? -7.017  0.477   -7.902  1.00 9.61  ? 59  THR A OG1 1 
ATOM   231  C CG2 . THR A 1 35  ? -6.740  -1.972  -7.837  1.00 13.38 ? 59  THR A CG2 1 
ATOM   232  N N   . ASN A 1 36  ? -6.251  1.553   -11.208 1.00 8.78  ? 62  ASN A N   1 
ATOM   233  C CA  . ASN A 1 36  ? -6.902  2.266   -12.406 1.00 9.26  ? 62  ASN A CA  1 
ATOM   234  C C   . ASN A 1 36  ? -6.522  1.592   -13.713 1.00 9.13  ? 62  ASN A C   1 
ATOM   235  O O   . ASN A 1 36  ? -7.227  1.766   -14.729 1.00 10.79 ? 62  ASN A O   1 
ATOM   236  C CB  . ASN A 1 36  ? -6.360  3.709   -12.386 1.00 6.58  ? 62  ASN A CB  1 
ATOM   237  C CG  . ASN A 1 36  ? -7.233  4.684   -11.633 1.00 3.69  ? 62  ASN A CG  1 
ATOM   238  O OD1 . ASN A 1 36  ? -8.067  4.260   -10.808 1.00 13.75 ? 62  ASN A OD1 1 
ATOM   239  N ND2 . ASN A 1 36  ? -6.914  6.012   -11.748 1.00 7.31  ? 62  ASN A ND2 1 
ATOM   240  N N   . ILE A 1 37  ? -5.380  0.878   -13.703 1.00 10.36 ? 63  ILE A N   1 
ATOM   241  C CA  . ILE A 1 37  ? -4.813  0.233   -14.892 1.00 10.76 ? 63  ILE A CA  1 
ATOM   242  C C   . ILE A 1 37  ? -5.760  -0.797  -15.481 1.00 9.86  ? 63  ILE A C   1 
ATOM   243  O O   . ILE A 1 37  ? -6.036  -0.752  -16.721 1.00 13.05 ? 63  ILE A O   1 
ATOM   244  C CB  . ILE A 1 37  ? -3.411  -0.438  -14.640 1.00 15.32 ? 63  ILE A CB  1 
ATOM   245  C CG1 . ILE A 1 37  ? -2.318  0.589   -14.280 1.00 18.31 ? 63  ILE A CG1 1 
ATOM   246  C CG2 . ILE A 1 37  ? -2.817  -1.268  -15.837 1.00 13.17 ? 63  ILE A CG2 1 
ATOM   247  C CD1 . ILE A 1 37  ? -1.097  -0.152  -13.481 1.00 17.25 ? 63  ILE A CD1 1 
ATOM   248  N N   . SER A 1 38  ? -6.228  -1.711  -14.645 1.00 9.35  ? 64  SER A N   1 
ATOM   249  C CA  . SER A 1 38  ? -7.104  -2.787  -15.172 1.00 13.96 ? 64  SER A CA  1 
ATOM   250  C C   . SER A 1 38  ? -8.018  -3.348  -14.108 1.00 11.96 ? 64  SER A C   1 
ATOM   251  O O   . SER A 1 38  ? -7.728  -3.175  -12.899 1.00 9.69  ? 64  SER A O   1 
ATOM   252  C CB  . SER A 1 38  ? -6.074  -3.891  -15.604 1.00 17.70 ? 64  SER A CB  1 
ATOM   253  O OG  . SER A 1 38  ? -6.762  -4.989  -16.136 1.00 23.13 ? 64  SER A OG  1 
ATOM   254  N N   . ALA A 1 39  ? -9.021  -4.085  -14.493 1.00 6.03  ? 65  ALA A N   1 
ATOM   255  C CA  . ALA A 1 39  ? -9.905  -4.762  -13.582 1.00 8.66  ? 65  ALA A CA  1 
ATOM   256  C C   . ALA A 1 39  ? -9.404  -6.159  -13.340 1.00 10.54 ? 65  ALA A C   1 
ATOM   257  O O   . ALA A 1 39  ? -9.865  -6.805  -12.395 1.00 11.42 ? 65  ALA A O   1 
ATOM   258  C CB  . ALA A 1 39  ? -11.345 -4.813  -14.141 1.00 7.89  ? 65  ALA A CB  1 
ATOM   259  N N   . SER A 1 40  A -8.464  -6.626  -14.160 1.00 12.52 ? 65  SER A N   1 
ATOM   260  C CA  . SER A 1 40  A -7.993  -8.030  -14.030 1.00 13.76 ? 65  SER A CA  1 
ATOM   261  C C   . SER A 1 40  A -6.601  -8.135  -13.497 1.00 9.09  ? 65  SER A C   1 
ATOM   262  O O   . SER A 1 40  A -5.650  -7.606  -14.070 1.00 14.84 ? 65  SER A O   1 
ATOM   263  C CB  . SER A 1 40  A -8.282  -8.692  -15.400 1.00 13.40 ? 65  SER A CB  1 
ATOM   264  O OG  . SER A 1 40  A -7.956  -10.051 -15.275 1.00 29.80 ? 65  SER A OG  1 
ATOM   265  N N   . TRP A 1 41  ? -6.406  -8.771  -12.347 1.00 10.53 ? 66  TRP A N   1 
ATOM   266  C CA  . TRP A 1 41  ? -5.192  -8.941  -11.601 1.00 7.88  ? 66  TRP A CA  1 
ATOM   267  C C   . TRP A 1 41  ? -4.881  -10.384 -11.357 1.00 4.67  ? 66  TRP A C   1 
ATOM   268  O O   . TRP A 1 41  ? -5.774  -11.213 -11.381 1.00 9.79  ? 66  TRP A O   1 
ATOM   269  C CB  . TRP A 1 41  ? -5.414  -8.215  -10.165 1.00 8.61  ? 66  TRP A CB  1 
ATOM   270  C CG  . TRP A 1 41  ? -5.430  -6.758  -10.466 1.00 6.63  ? 66  TRP A CG  1 
ATOM   271  C CD1 . TRP A 1 41  ? -6.531  -5.987  -10.826 1.00 8.15  ? 66  TRP A CD1 1 
ATOM   272  C CD2 . TRP A 1 41  ? -4.294  -5.890  -10.528 1.00 9.34  ? 66  TRP A CD2 1 
ATOM   273  N NE1 . TRP A 1 41  ? -6.072  -4.719  -11.150 1.00 9.26  ? 66  TRP A NE1 1 
ATOM   274  C CE2 . TRP A 1 41  ? -4.738  -4.632  -10.936 1.00 7.84  ? 66  TRP A CE2 1 
ATOM   275  C CE3 . TRP A 1 41  ? -2.945  -6.085  -10.211 1.00 9.22  ? 66  TRP A CE3 1 
ATOM   276  C CZ2 . TRP A 1 41  ? -3.882  -3.540  -11.052 1.00 11.39 ? 66  TRP A CZ2 1 
ATOM   277  C CZ3 . TRP A 1 41  ? -2.075  -4.993  -10.348 1.00 7.14  ? 66  TRP A CZ3 1 
ATOM   278  C CH2 . TRP A 1 41  ? -2.542  -3.700  -10.810 1.00 8.73  ? 66  TRP A CH2 1 
ATOM   279  N N   . SER A 1 42  ? -3.661  -10.731 -11.176 1.00 8.69  ? 84  SER A N   1 
ATOM   280  C CA  . SER A 1 42  ? -3.227  -12.126 -10.852 1.00 10.52 ? 84  SER A CA  1 
ATOM   281  C C   . SER A 1 42  ? -4.049  -12.702 -9.730  1.00 11.84 ? 84  SER A C   1 
ATOM   282  O O   . SER A 1 42  ? -4.364  -13.917 -9.836  1.00 15.59 ? 84  SER A O   1 
ATOM   283  C CB  . SER A 1 42  ? -1.789  -12.051 -10.502 1.00 8.22  ? 84  SER A CB  1 
ATOM   284  O OG  . SER A 1 42  ? -1.533  -11.100 -9.462  1.00 9.50  ? 84  SER A OG  1 
ATOM   285  N N   . ILE A 1 43  ? -4.428  -11.845 -8.738  1.00 12.45 ? 85  ILE A N   1 
ATOM   286  C CA  . ILE A 1 43  ? -5.210  -12.367 -7.582  1.00 6.96  ? 85  ILE A CA  1 
ATOM   287  C C   . ILE A 1 43  ? -6.681  -12.233 -7.650  1.00 7.10  ? 85  ILE A C   1 
ATOM   288  O O   . ILE A 1 43  ? -7.404  -12.758 -6.752  1.00 8.51  ? 85  ILE A O   1 
ATOM   289  C CB  . ILE A 1 43  ? -4.710  -11.731 -6.202  1.00 5.06  ? 85  ILE A CB  1 
ATOM   290  C CG1 . ILE A 1 43  ? -4.886  -10.166 -6.225  1.00 7.91  ? 85  ILE A CG1 1 
ATOM   291  C CG2 . ILE A 1 43  ? -3.238  -12.136 -5.922  1.00 9.54  ? 85  ILE A CG2 1 
ATOM   292  C CD1 . ILE A 1 43  ? -4.900  -9.481  -4.838  1.00 17.51 ? 85  ILE A CD1 1 
ATOM   293  N N   . GLY A 1 44  ? -7.214  -11.576 -8.736  1.00 5.41  ? 86  GLY A N   1 
ATOM   294  C CA  . GLY A 1 44  ? -8.688  -11.470 -8.690  1.00 3.62  ? 86  GLY A CA  1 
ATOM   295  C C   . GLY A 1 44  ? -9.105  -10.286 -9.544  1.00 6.31  ? 86  GLY A C   1 
ATOM   296  O O   . GLY A 1 44  ? -8.361  -9.873  -10.371 1.00 7.72  ? 86  GLY A O   1 
ATOM   297  N N   . THR A 1 45  ? -10.322 -9.835  -9.270  1.00 10.67 ? 87  THR A N   1 
ATOM   298  C CA  . THR A 1 45  ? -10.981 -8.760  -9.951  1.00 5.00  ? 87  THR A CA  1 
ATOM   299  C C   . THR A 1 45  ? -11.089 -7.523  -9.044  1.00 5.79  ? 87  THR A C   1 
ATOM   300  O O   . THR A 1 45  ? -11.440 -7.556  -7.909  1.00 7.62  ? 87  THR A O   1 
ATOM   301  C CB  . THR A 1 45  ? -12.490 -9.165  -10.402 1.00 11.00 ? 87  THR A CB  1 
ATOM   302  O OG1 . THR A 1 45  ? -12.345 -10.386 -11.154 1.00 8.14  ? 87  THR A OG1 1 
ATOM   303  C CG2 . THR A 1 45  ? -13.165 -8.075  -11.267 1.00 11.84 ? 87  THR A CG2 1 
ATOM   304  N N   . ARG A 1 46  ? -10.750 -6.417  -9.732  1.00 7.48  ? 88  ARG A N   1 
ATOM   305  C CA  . ARG A 1 46  ? -10.844 -5.094  -9.041  1.00 5.68  ? 88  ARG A CA  1 
ATOM   306  C C   . ARG A 1 46  ? -12.243 -4.819  -8.691  1.00 7.23  ? 88  ARG A C   1 
ATOM   307  O O   . ARG A 1 46  ? -13.065 -4.885  -9.634  1.00 9.45  ? 88  ARG A O   1 
ATOM   308  C CB  . ARG A 1 46  ? -10.366 -4.089  -10.074 1.00 2.00  ? 88  ARG A CB  1 
ATOM   309  C CG  . ARG A 1 46  ? -10.461 -2.606  -9.568  1.00 7.26  ? 88  ARG A CG  1 
ATOM   310  C CD  . ARG A 1 46  ? -10.143 -1.646  -10.626 1.00 8.19  ? 88  ARG A CD  1 
ATOM   311  N NE  . ARG A 1 46  ? -11.172 -1.653  -11.671 1.00 12.42 ? 88  ARG A NE  1 
ATOM   312  C CZ  . ARG A 1 46  ? -10.984 -1.118  -12.852 1.00 13.25 ? 88  ARG A CZ  1 
ATOM   313  N NH1 . ARG A 1 46  ? -9.839  -0.554  -13.203 1.00 6.88  ? 88  ARG A NH1 1 
ATOM   314  N NH2 . ARG A 1 46  ? -12.021 -1.173  -13.680 1.00 8.42  ? 88  ARG A NH2 1 
ATOM   315  N N   . THR A 1 47  ? -12.585 -4.271  -7.528  1.00 6.34  ? 89  THR A N   1 
ATOM   316  C CA  . THR A 1 47  ? -13.989 -3.958  -7.225  1.00 6.70  ? 89  THR A CA  1 
ATOM   317  C C   . THR A 1 47  ? -14.144 -2.520  -6.779  1.00 2.80  ? 89  THR A C   1 
ATOM   318  O O   . THR A 1 47  ? -15.274 -2.040  -6.522  1.00 12.27 ? 89  THR A O   1 
ATOM   319  C CB  . THR A 1 47  ? -14.687 -4.898  -6.165  1.00 6.88  ? 89  THR A CB  1 
ATOM   320  O OG1 . THR A 1 47  ? -13.875 -4.815  -4.975  1.00 12.70 ? 89  THR A OG1 1 
ATOM   321  C CG2 . THR A 1 47  ? -14.948 -6.318  -6.785  1.00 5.41  ? 89  THR A CG2 1 
ATOM   322  N N   . GLY A 1 48  ? -12.985 -1.770  -6.896  1.00 5.62  ? 90  GLY A N   1 
ATOM   323  C CA  . GLY A 1 48  ? -13.084 -0.343  -6.443  1.00 8.72  ? 90  GLY A CA  1 
ATOM   324  C C   . GLY A 1 48  ? -11.807 0.373   -6.830  1.00 4.77  ? 90  GLY A C   1 
ATOM   325  O O   . GLY A 1 48  ? -10.742 -0.314  -6.663  1.00 4.15  ? 90  GLY A O   1 
ATOM   326  N N   . THR A 1 49  ? -11.826 1.642   -7.124  1.00 3.96  ? 91  THR A N   1 
ATOM   327  C CA  . THR A 1 49  ? -10.470 2.329   -7.369  1.00 2.92  ? 91  THR A CA  1 
ATOM   328  C C   . THR A 1 49  ? -10.693 3.852   -7.104  1.00 6.74  ? 91  THR A C   1 
ATOM   329  O O   . THR A 1 49  ? -11.798 4.282   -7.396  1.00 7.04  ? 91  THR A O   1 
ATOM   330  C CB  . THR A 1 49  ? -9.965  2.016   -8.805  1.00 9.02  ? 91  THR A CB  1 
ATOM   331  O OG1 . THR A 1 49  ? -8.570  2.415   -8.746  1.00 3.81  ? 91  THR A OG1 1 
ATOM   332  C CG2 . THR A 1 49  ? -10.751 2.606   -9.964  1.00 13.55 ? 91  THR A CG2 1 
ATOM   333  N N   . SER A 1 50  ? -9.660  4.516   -6.617  1.00 8.94  ? 93  SER A N   1 
ATOM   334  C CA  . SER A 1 50  ? -9.820  5.946   -6.362  1.00 6.10  ? 93  SER A CA  1 
ATOM   335  C C   . SER A 1 50  ? -8.433  6.607   -6.557  1.00 8.02  ? 93  SER A C   1 
ATOM   336  O O   . SER A 1 50  ? -7.604  6.476   -5.662  1.00 10.05 ? 93  SER A O   1 
ATOM   337  C CB  . SER A 1 50  ? -10.388 6.255   -4.966  1.00 7.85  ? 93  SER A CB  1 
ATOM   338  O OG  . SER A 1 50  ? -10.845 7.653   -5.120  1.00 6.65  ? 93  SER A OG  1 
ATOM   339  N N   . PHE A 1 51  ? -8.215  7.160   -7.704  1.00 7.49  ? 94  PHE A N   1 
ATOM   340  C CA  . PHE A 1 51  ? -6.964  7.876   -7.995  1.00 12.51 ? 94  PHE A CA  1 
ATOM   341  C C   . PHE A 1 51  ? -7.196  8.839   -9.193  1.00 3.90  ? 94  PHE A C   1 
ATOM   342  O O   . PHE A 1 51  ? -7.765  8.434   -10.220 1.00 5.13  ? 94  PHE A O   1 
ATOM   343  C CB  . PHE A 1 51  ? -5.784  6.873   -8.122  1.00 5.13  ? 94  PHE A CB  1 
ATOM   344  C CG  . PHE A 1 51  ? -4.484  7.638   -8.589  1.00 4.04  ? 94  PHE A CG  1 
ATOM   345  C CD1 . PHE A 1 51  ? -3.595  8.053   -7.619  1.00 8.93  ? 94  PHE A CD1 1 
ATOM   346  C CD2 . PHE A 1 51  ? -4.314  7.857   -9.916  1.00 6.91  ? 94  PHE A CD2 1 
ATOM   347  C CE1 . PHE A 1 51  ? -2.483  8.747   -8.027  1.00 6.32  ? 94  PHE A CE1 1 
ATOM   348  C CE2 . PHE A 1 51  ? -3.236  8.558   -10.366 1.00 10.38 ? 94  PHE A CE2 1 
ATOM   349  C CZ  . PHE A 1 51  ? -2.310  9.013   -9.401  1.00 11.35 ? 94  PHE A CZ  1 
ATOM   350  N N   . PRO A 1 52  A -6.675  10.010  -9.112  1.00 8.38  ? 99  PRO A N   1 
ATOM   351  C CA  . PRO A 1 52  A -5.984  10.679  -7.990  1.00 2.67  ? 99  PRO A CA  1 
ATOM   352  C C   . PRO A 1 52  A -6.886  11.212  -6.940  1.00 3.73  ? 99  PRO A C   1 
ATOM   353  O O   . PRO A 1 52  A -7.980  10.718  -6.670  1.00 5.08  ? 99  PRO A O   1 
ATOM   354  C CB  . PRO A 1 52  A -5.074  11.663  -8.691  1.00 7.62  ? 99  PRO A CB  1 
ATOM   355  C CG  . PRO A 1 52  A -5.925  12.139  -9.848  1.00 5.31  ? 99  PRO A CG  1 
ATOM   356  C CD  . PRO A 1 52  A -6.848  10.976  -10.264 1.00 6.47  ? 99  PRO A CD  1 
ATOM   357  N N   . ASN A 1 53  ? -6.392  12.310  -6.177  1.00 5.98  ? 100 ASN A N   1 
ATOM   358  C CA  . ASN A 1 53  ? -7.109  12.838  -5.038  1.00 6.75  ? 100 ASN A CA  1 
ATOM   359  C C   . ASN A 1 53  ? -6.740  11.857  -3.835  1.00 8.75  ? 100 ASN A C   1 
ATOM   360  O O   . ASN A 1 53  ? -6.062  12.270  -2.951  1.00 8.66  ? 100 ASN A O   1 
ATOM   361  C CB  . ASN A 1 53  ? -8.554  13.119  -5.116  1.00 14.20 ? 100 ASN A CB  1 
ATOM   362  C CG  . ASN A 1 53  ? -9.196  13.612  -3.850  1.00 13.53 ? 100 ASN A CG  1 
ATOM   363  O OD1 . ASN A 1 53  ? -8.657  14.458  -3.141  1.00 22.17 ? 100 ASN A OD1 1 
ATOM   364  N ND2 . ASN A 1 53  ? -10.401 13.164  -3.503  1.00 10.35 ? 100 ASN A ND2 1 
ATOM   365  N N   . ASN A 1 54  ? -7.254  10.664  -3.961  1.00 9.68  ? 101 ASN A N   1 
ATOM   366  C CA  . ASN A 1 54  ? -6.919  9.559   -3.076  1.00 8.79  ? 101 ASN A CA  1 
ATOM   367  C C   . ASN A 1 54  ? -5.894  8.694   -3.842  1.00 8.54  ? 101 ASN A C   1 
ATOM   368  O O   . ASN A 1 54  ? -5.483  8.901   -5.032  1.00 5.03  ? 101 ASN A O   1 
ATOM   369  C CB  . ASN A 1 54  ? -8.098  8.705   -2.695  1.00 9.90  ? 101 ASN A CB  1 
ATOM   370  C CG  . ASN A 1 54  ? -9.333  9.375   -2.139  1.00 8.68  ? 101 ASN A CG  1 
ATOM   371  O OD1 . ASN A 1 54  ? -10.426 9.218   -2.676  1.00 16.26 ? 101 ASN A OD1 1 
ATOM   372  N ND2 . ASN A 1 54  ? -9.140  10.168  -1.142  1.00 12.49 ? 101 ASN A ND2 1 
ATOM   373  N N   . ASP A 1 55  ? -5.393  7.625   -3.243  1.00 8.28  ? 102 ASP A N   1 
ATOM   374  C CA  . ASP A 1 55  ? -4.516  6.655   -3.866  1.00 7.62  ? 102 ASP A CA  1 
ATOM   375  C C   . ASP A 1 55  ? -4.809  5.307   -3.239  1.00 4.69  ? 102 ASP A C   1 
ATOM   376  O O   . ASP A 1 55  ? -3.941  4.754   -2.565  1.00 9.32  ? 102 ASP A O   1 
ATOM   377  C CB  . ASP A 1 55  ? -3.023  7.022   -3.990  1.00 8.33  ? 102 ASP A CB  1 
ATOM   378  C CG  . ASP A 1 55  ? -2.332  6.191   -5.018  1.00 5.95  ? 102 ASP A CG  1 
ATOM   379  O OD1 . ASP A 1 55  ? -1.079  6.357   -5.273  1.00 7.75  ? 102 ASP A OD1 1 
ATOM   380  O OD2 . ASP A 1 55  ? -2.883  5.261   -5.635  1.00 8.75  ? 102 ASP A OD2 1 
ATOM   381  N N   . TYR A 1 56  ? -6.027  4.789   -3.455  1.00 7.74  ? 103 TYR A N   1 
ATOM   382  C CA  . TYR A 1 56  ? -6.347  3.407   -2.917  1.00 8.97  ? 103 TYR A CA  1 
ATOM   383  C C   . TYR A 1 56  ? -7.252  2.683   -3.893  1.00 8.65  ? 103 TYR A C   1 
ATOM   384  O O   . TYR A 1 56  ? -7.932  3.328   -4.678  1.00 6.34  ? 103 TYR A O   1 
ATOM   385  C CB  . TYR A 1 56  ? -6.964  3.518   -1.493  1.00 8.24  ? 103 TYR A CB  1 
ATOM   386  C CG  . TYR A 1 56  ? -8.208  4.359   -1.334  1.00 3.32  ? 103 TYR A CG  1 
ATOM   387  C CD1 . TYR A 1 56  ? -8.204  5.431   -0.472  1.00 6.09  ? 103 TYR A CD1 1 
ATOM   388  C CD2 . TYR A 1 56  ? -9.390  3.969   -1.980  1.00 6.18  ? 103 TYR A CD2 1 
ATOM   389  C CE1 . TYR A 1 56  ? -9.397  6.226   -0.281  1.00 2.00  ? 103 TYR A CE1 1 
ATOM   390  C CE2 . TYR A 1 56  ? -10.563 4.732   -1.823  1.00 7.19  ? 103 TYR A CE2 1 
ATOM   391  C CZ  . TYR A 1 56  ? -10.526 5.793   -1.004  1.00 8.88  ? 103 TYR A CZ  1 
ATOM   392  O OH  . TYR A 1 56  ? -11.680 6.562   -0.774  1.00 9.64  ? 103 TYR A OH  1 
ATOM   393  N N   . GLY A 1 57  ? -7.323  1.357   -3.879  1.00 6.05  ? 104 GLY A N   1 
ATOM   394  C CA  . GLY A 1 57  ? -8.161  0.546   -4.751  1.00 7.58  ? 104 GLY A CA  1 
ATOM   395  C C   . GLY A 1 57  ? -8.293  -0.808  -4.014  1.00 9.80  ? 104 GLY A C   1 
ATOM   396  O O   . GLY A 1 57  ? -7.575  -1.096  -3.073  1.00 5.15  ? 104 GLY A O   1 
ATOM   397  N N   . ILE A 1 58  ? -9.266  -1.618  -4.494  1.00 11.90 ? 105 ILE A N   1 
ATOM   398  C CA  . ILE A 1 58  ? -9.550  -2.872  -3.850  1.00 4.54  ? 105 ILE A CA  1 
ATOM   399  C C   . ILE A 1 58  ? -9.850  -3.931  -4.904  1.00 3.43  ? 105 ILE A C   1 
ATOM   400  O O   . ILE A 1 58  ? -10.419 -3.684  -5.979  1.00 5.88  ? 105 ILE A O   1 
ATOM   401  C CB  . ILE A 1 58  ? -10.671 -2.634  -2.755  1.00 4.47  ? 105 ILE A CB  1 
ATOM   402  C CG1 . ILE A 1 58  ? -10.849 -3.929  -1.910  1.00 6.03  ? 105 ILE A CG1 1 
ATOM   403  C CG2 . ILE A 1 58  ? -12.006 -2.197  -3.499  1.00 2.00  ? 105 ILE A CG2 1 
ATOM   404  C CD1 . ILE A 1 58  ? -11.836 -3.583  -0.740  1.00 4.44  ? 105 ILE A CD1 1 
ATOM   405  N N   . ILE A 1 59  ? -9.333  -5.104  -4.613  1.00 5.79  ? 106 ILE A N   1 
ATOM   406  C CA  . ILE A 1 59  ? -9.453  -6.310  -5.456  1.00 7.99  ? 106 ILE A CA  1 
ATOM   407  C C   . ILE A 1 59  ? -10.038 -7.480  -4.668  1.00 11.77 ? 106 ILE A C   1 
ATOM   408  O O   . ILE A 1 59  ? -9.530  -7.800  -3.564  1.00 6.63  ? 106 ILE A O   1 
ATOM   409  C CB  . ILE A 1 59  ? -8.069  -6.740  -5.995  1.00 5.66  ? 106 ILE A CB  1 
ATOM   410  C CG1 . ILE A 1 59  ? -7.411  -5.569  -6.792  1.00 4.87  ? 106 ILE A CG1 1 
ATOM   411  C CG2 . ILE A 1 59  ? -8.063  -8.063  -6.769  1.00 3.23  ? 106 ILE A CG2 1 
ATOM   412  C CD1 . ILE A 1 59  ? -5.865  -5.801  -6.924  1.00 11.35 ? 106 ILE A CD1 1 
ATOM   413  N N   . ARG A 1 60  ? -11.066 -8.030  -5.299  1.00 5.26  ? 107 ARG A N   1 
ATOM   414  C CA  . ARG A 1 60  ? -11.659 -9.290  -4.587  1.00 4.38  ? 107 ARG A CA  1 
ATOM   415  C C   . ARG A 1 60  ? -10.837 -10.455 -5.004  1.00 4.85  ? 107 ARG A C   1 
ATOM   416  O O   . ARG A 1 60  ? -10.557 -10.722 -6.191  1.00 6.78  ? 107 ARG A O   1 
ATOM   417  C CB  . ARG A 1 60  ? -13.102 -9.344  -5.010  1.00 4.59  ? 107 ARG A CB  1 
ATOM   418  C CG  . ARG A 1 60  ? -13.729 -10.769 -4.425  1.00 6.73  ? 107 ARG A CG  1 
ATOM   419  C CD  . ARG A 1 60  ? -15.195 -10.611 -4.500  1.00 11.38 ? 107 ARG A CD  1 
ATOM   420  N NE  . ARG A 1 60  ? -15.733 -11.937 -4.050  1.00 6.60  ? 107 ARG A NE  1 
ATOM   421  C CZ  . ARG A 1 60  ? -17.068 -12.166 -3.937  1.00 11.31 ? 107 ARG A CZ  1 
ATOM   422  N NH1 . ARG A 1 60  ? -18.058 -11.402 -4.215  1.00 16.07 ? 107 ARG A NH1 1 
ATOM   423  N NH2 . ARG A 1 60  ? -17.385 -13.393 -3.485  1.00 15.38 ? 107 ARG A NH2 1 
ATOM   424  N N   . HIS A 1 61  ? -10.374 -11.313 -4.032  1.00 4.87  ? 108 HIS A N   1 
ATOM   425  C CA  . HIS A 1 61  ? -9.628  -12.523 -4.329  1.00 6.97  ? 108 HIS A CA  1 
ATOM   426  C C   . HIS A 1 61  ? -10.424 -13.626 -5.019  1.00 7.19  ? 108 HIS A C   1 
ATOM   427  O O   . HIS A 1 61  ? -11.566 -13.954 -4.611  1.00 7.79  ? 108 HIS A O   1 
ATOM   428  C CB  . HIS A 1 61  ? -9.221  -13.170 -2.965  1.00 3.01  ? 108 HIS A CB  1 
ATOM   429  C CG  . HIS A 1 61  ? -7.996  -12.562 -2.402  1.00 10.26 ? 108 HIS A CG  1 
ATOM   430  N ND1 . HIS A 1 61  ? -6.709  -12.868 -2.784  1.00 6.10  ? 108 HIS A ND1 1 
ATOM   431  C CD2 . HIS A 1 61  ? -7.931  -11.637 -1.409  1.00 3.95  ? 108 HIS A CD2 1 
ATOM   432  C CE1 . HIS A 1 61  ? -5.889  -12.149 -1.990  1.00 12.20 ? 108 HIS A CE1 1 
ATOM   433  N NE2 . HIS A 1 61  ? -6.595  -11.388 -1.175  1.00 6.20  ? 108 HIS A NE2 1 
ATOM   434  N N   . SER A 1 62  ? -9.860  -14.207 -6.043  1.00 6.60  ? 109 SER A N   1 
ATOM   435  C CA  . SER A 1 62  ? -10.359 -15.377 -6.756  1.00 11.85 ? 109 SER A CA  1 
ATOM   436  C C   . SER A 1 62  ? -10.241 -16.616 -5.882  1.00 9.84  ? 109 SER A C   1 
ATOM   437  O O   . SER A 1 62  ? -11.094 -17.547 -5.896  1.00 9.76  ? 109 SER A O   1 
ATOM   438  C CB  . SER A 1 62  ? -9.430  -15.611 -7.989  1.00 8.78  ? 109 SER A CB  1 
ATOM   439  O OG  . SER A 1 62  ? -9.963  -14.627 -8.853  1.00 22.89 ? 109 SER A OG  1 
ATOM   440  N N   . ASN A 1 63  ? -9.227  -16.534 -5.025  1.00 11.20 ? 110 ASN A N   1 
ATOM   441  C CA  . ASN A 1 63  ? -8.909  -17.595 -4.056  1.00 10.93 ? 110 ASN A CA  1 
ATOM   442  C C   . ASN A 1 63  ? -8.900  -17.024 -2.609  1.00 8.73  ? 110 ASN A C   1 
ATOM   443  O O   . ASN A 1 63  ? -7.854  -16.489 -2.204  1.00 13.32 ? 110 ASN A O   1 
ATOM   444  C CB  . ASN A 1 63  ? -7.549  -18.182 -4.410  1.00 11.26 ? 110 ASN A CB  1 
ATOM   445  C CG  . ASN A 1 63  ? -7.074  -19.259 -3.451  1.00 9.74  ? 110 ASN A CG  1 
ATOM   446  O OD1 . ASN A 1 63  ? -7.927  -19.870 -2.774  1.00 11.27 ? 110 ASN A OD1 1 
ATOM   447  N ND2 . ASN A 1 63  ? -5.794  -19.535 -3.532  1.00 11.83 ? 110 ASN A ND2 1 
ATOM   448  N N   . PRO A 1 64  ? -9.975  -17.213 -1.936  1.00 10.21 ? 111 PRO A N   1 
ATOM   449  C CA  . PRO A 1 64  ? -10.119 -16.704 -0.531  1.00 12.92 ? 111 PRO A CA  1 
ATOM   450  C C   . PRO A 1 64  ? -9.081  -17.215 0.420   1.00 11.89 ? 111 PRO A C   1 
ATOM   451  O O   . PRO A 1 64  ? -8.707  -16.557 1.385   1.00 8.89  ? 111 PRO A O   1 
ATOM   452  C CB  . PRO A 1 64  ? -11.591 -17.050 -0.195  1.00 12.37 ? 111 PRO A CB  1 
ATOM   453  C CG  . PRO A 1 64  ? -12.225 -17.341 -1.466  1.00 16.04 ? 111 PRO A CG  1 
ATOM   454  C CD  . PRO A 1 64  ? -11.228 -17.863 -2.436  1.00 15.09 ? 111 PRO A CD  1 
ATOM   455  N N   . ALA A 1 65  ? -8.561  -18.416 0.192   1.00 10.68 ? 112 ALA A N   1 
ATOM   456  C CA  . ALA A 1 65  ? -7.554  -19.045 1.068   1.00 11.02 ? 112 ALA A CA  1 
ATOM   457  C C   . ALA A 1 65  ? -6.249  -18.297 0.902   1.00 8.56  ? 112 ALA A C   1 
ATOM   458  O O   . ALA A 1 65  ? -5.361  -18.532 1.746   1.00 12.74 ? 112 ALA A O   1 
ATOM   459  C CB  . ALA A 1 65  ? -7.340  -20.483 0.675   1.00 14.16 ? 112 ALA A CB  1 
ATOM   460  N N   . ALA A 1 66  ? -6.093  -17.459 -0.102  1.00 9.13  ? 113 ALA A N   1 
ATOM   461  C CA  . ALA A 1 66  ? -4.850  -16.724 -0.329  1.00 7.23  ? 113 ALA A CA  1 
ATOM   462  C C   . ALA A 1 66  ? -4.827  -15.412 0.509   1.00 5.56  ? 113 ALA A C   1 
ATOM   463  O O   . ALA A 1 66  ? -3.813  -14.680 0.390   1.00 11.72 ? 113 ALA A O   1 
ATOM   464  C CB  . ALA A 1 66  ? -4.644  -16.313 -1.809  1.00 8.99  ? 113 ALA A CB  1 
ATOM   465  N N   . ALA A 1 67  ? -5.963  -15.091 1.134   1.00 5.70  ? 114 ALA A N   1 
ATOM   466  C CA  . ALA A 1 67  ? -6.034  -13.843 1.907   1.00 6.43  ? 114 ALA A CA  1 
ATOM   467  C C   . ALA A 1 67  ? -5.347  -13.999 3.241   1.00 6.38  ? 114 ALA A C   1 
ATOM   468  O O   . ALA A 1 67  ? -5.921  -14.169 4.313   1.00 12.18 ? 114 ALA A O   1 
ATOM   469  C CB  . ALA A 1 67  ? -7.458  -13.393 2.066   1.00 2.00  ? 114 ALA A CB  1 
ATOM   470  N N   . ASP A 1 68  ? -4.021  -13.822 3.198   1.00 7.13  ? 115 ASP A N   1 
ATOM   471  C CA  . ASP A 1 68  ? -3.133  -13.923 4.349   1.00 2.52  ? 115 ASP A CA  1 
ATOM   472  C C   . ASP A 1 68  ? -2.988  -12.609 5.152   1.00 5.12  ? 115 ASP A C   1 
ATOM   473  O O   . ASP A 1 68  ? -2.469  -11.692 4.520   1.00 5.64  ? 115 ASP A O   1 
ATOM   474  C CB  . ASP A 1 68  ? -1.739  -14.314 3.762   1.00 7.89  ? 115 ASP A CB  1 
ATOM   475  C CG  . ASP A 1 68  ? -0.741  -14.694 4.756   1.00 11.41 ? 115 ASP A CG  1 
ATOM   476  O OD1 . ASP A 1 68  ? -1.034  -14.654 5.978   1.00 9.78  ? 115 ASP A OD1 1 
ATOM   477  O OD2 . ASP A 1 68  ? 0.414   -15.125 4.494   1.00 10.34 ? 115 ASP A OD2 1 
ATOM   478  N N   . GLY A 1 69  ? -3.529  -12.551 6.311   1.00 6.13  ? 116 GLY A N   1 
ATOM   479  C CA  . GLY A 1 69  ? -3.517  -11.360 7.141   1.00 9.56  ? 116 GLY A CA  1 
ATOM   480  C C   . GLY A 1 69  ? -2.182  -10.962 7.719   1.00 7.59  ? 116 GLY A C   1 
ATOM   481  O O   . GLY A 1 69  ? -2.098  -10.617 8.919   1.00 7.53  ? 116 GLY A O   1 
ATOM   482  N N   . ARG A 1 70  ? -1.159  -10.943 6.957   1.00 11.40 ? 117 ARG A N   1 
ATOM   483  C CA  . ARG A 1 70  ? 0.191   -10.623 7.430   1.00 10.80 ? 117 ARG A CA  1 
ATOM   484  C C   . ARG A 1 70  ? 0.873   -9.793  6.348   1.00 8.76  ? 117 ARG A C   1 
ATOM   485  O O   . ARG A 1 70  ? 0.409   -9.500  5.246   1.00 10.40 ? 117 ARG A O   1 
ATOM   486  C CB  . ARG A 1 70  ? 0.955   -11.988 7.603   1.00 8.13  ? 117 ARG A CB  1 
ATOM   487  C CG  . ARG A 1 70  ? 0.258   -12.915 8.640   1.00 7.31  ? 117 ARG A CG  1 
ATOM   488  C CD  . ARG A 1 70  ? 1.062   -14.146 8.834   1.00 11.77 ? 117 ARG A CD  1 
ATOM   489  N NE  . ARG A 1 70  ? 1.342   -14.996 7.687   1.00 4.21  ? 117 ARG A NE  1 
ATOM   490  C CZ  . ARG A 1 70  ? 2.100   -16.027 7.464   1.00 16.18 ? 117 ARG A CZ  1 
ATOM   491  N NH1 . ARG A 1 70  ? 2.888   -16.427 8.484   1.00 16.60 ? 117 ARG A NH1 1 
ATOM   492  N NH2 . ARG A 1 70  ? 2.175   -16.687 6.315   1.00 8.62  ? 117 ARG A NH2 1 
ATOM   493  N N   . VAL A 1 71  ? 2.076   -9.422  6.659   1.00 7.96  ? 118 VAL A N   1 
ATOM   494  C CA  . VAL A 1 71  ? 2.975   -8.644  5.849   1.00 9.93  ? 118 VAL A CA  1 
ATOM   495  C C   . VAL A 1 71  ? 4.255   -9.456  5.758   1.00 9.72  ? 118 VAL A C   1 
ATOM   496  O O   . VAL A 1 71  ? 4.801   -9.931  6.811   1.00 8.48  ? 118 VAL A O   1 
ATOM   497  C CB  . VAL A 1 71  ? 3.192   -7.170  6.321   1.00 7.44  ? 118 VAL A CB  1 
ATOM   498  C CG1 . VAL A 1 71  ? 4.183   -6.533  5.267   1.00 6.58  ? 118 VAL A CG1 1 
ATOM   499  C CG2 . VAL A 1 71  ? 2.023   -6.231  6.376   1.00 8.94  ? 118 VAL A CG2 1 
ATOM   500  N N   . TYR A 1 72  ? 4.692   -9.619  4.495   1.00 4.99  ? 119 TYR A N   1 
ATOM   501  C CA  . TYR A 1 72  ? 5.922   -10.430 4.252   1.00 12.82 ? 119 TYR A CA  1 
ATOM   502  C C   . TYR A 1 72  ? 7.167   -9.567  4.519   1.00 12.80 ? 119 TYR A C   1 
ATOM   503  O O   . TYR A 1 72  ? 7.208   -8.526  3.967   1.00 12.88 ? 119 TYR A O   1 
ATOM   504  C CB  . TYR A 1 72  ? 5.910   -11.057 2.838   1.00 11.66 ? 119 TYR A CB  1 
ATOM   505  C CG  . TYR A 1 72  ? 7.110   -11.988 2.639   1.00 10.45 ? 119 TYR A CG  1 
ATOM   506  C CD1 . TYR A 1 72  ? 7.452   -12.995 3.550   1.00 12.91 ? 119 TYR A CD1 1 
ATOM   507  C CD2 . TYR A 1 72  ? 7.948   -11.750 1.511   1.00 8.32  ? 119 TYR A CD2 1 
ATOM   508  C CE1 . TYR A 1 72  ? 8.619   -13.734 3.364   1.00 10.34 ? 119 TYR A CE1 1 
ATOM   509  C CE2 . TYR A 1 72  ? 9.129   -12.513 1.367   1.00 19.92 ? 119 TYR A CE2 1 
ATOM   510  C CZ  . TYR A 1 72  ? 9.435   -13.512 2.259   1.00 13.96 ? 119 TYR A CZ  1 
ATOM   511  O OH  . TYR A 1 72  ? 10.521  -14.284 2.014   1.00 21.01 ? 119 TYR A OH  1 
ATOM   512  N N   . LEU A 1 73  ? 8.134   -10.089 5.324   1.00 15.09 ? 120 LEU A N   1 
ATOM   513  C CA  . LEU A 1 73  ? 9.311   -9.326  5.687   1.00 17.16 ? 120 LEU A CA  1 
ATOM   514  C C   . LEU A 1 73  ? 10.517  -9.536  4.797   1.00 15.36 ? 120 LEU A C   1 
ATOM   515  O O   . LEU A 1 73  ? 11.539  -8.857  5.030   1.00 15.88 ? 120 LEU A O   1 
ATOM   516  C CB  . LEU A 1 73  ? 9.542   -9.597  7.200   1.00 11.36 ? 120 LEU A CB  1 
ATOM   517  C CG  . LEU A 1 73  ? 8.385   -9.178  8.098   1.00 4.78  ? 120 LEU A CG  1 
ATOM   518  C CD1 . LEU A 1 73  ? 8.790   -9.509  9.512   1.00 5.32  ? 120 LEU A CD1 1 
ATOM   519  C CD2 . LEU A 1 73  ? 7.943   -7.716  7.977   1.00 13.74 ? 120 LEU A CD2 1 
ATOM   520  N N   . TYR A 1 74  A 10.405  -10.322 3.769   1.00 11.26 ? 120 TYR A N   1 
ATOM   521  C CA  . TYR A 1 74  A 11.362  -10.550 2.759   1.00 14.65 ? 120 TYR A CA  1 
ATOM   522  C C   . TYR A 1 74  A 12.622  -11.213 3.327   1.00 22.84 ? 120 TYR A C   1 
ATOM   523  O O   . TYR A 1 74  A 13.686  -11.062 2.720   1.00 21.57 ? 120 TYR A O   1 
ATOM   524  C CB  . TYR A 1 74  A 11.695  -9.187  2.010   1.00 15.76 ? 120 TYR A CB  1 
ATOM   525  C CG  . TYR A 1 74  A 10.619  -8.983  0.962   1.00 13.01 ? 120 TYR A CG  1 
ATOM   526  C CD1 . TYR A 1 74  A 10.697  -9.686  -0.271  1.00 18.83 ? 120 TYR A CD1 1 
ATOM   527  C CD2 . TYR A 1 74  A 9.513   -8.198  1.199   1.00 17.09 ? 120 TYR A CD2 1 
ATOM   528  C CE1 . TYR A 1 74  A 9.669   -9.541  -1.207  1.00 14.89 ? 120 TYR A CE1 1 
ATOM   529  C CE2 . TYR A 1 74  A 8.519   -8.077  0.262   1.00 11.45 ? 120 TYR A CE2 1 
ATOM   530  C CZ  . TYR A 1 74  A 8.605   -8.745  -0.936  1.00 14.65 ? 120 TYR A CZ  1 
ATOM   531  O OH  . TYR A 1 74  A 7.570   -8.564  -1.833  1.00 16.25 ? 120 TYR A OH  1 
ATOM   532  N N   . ASN A 1 75  B 12.395  -11.875 4.444   1.00 23.98 ? 120 ASN A N   1 
ATOM   533  C CA  . ASN A 1 75  B 13.550  -12.602 5.115   1.00 26.19 ? 120 ASN A CA  1 
ATOM   534  C C   . ASN A 1 75  B 13.083  -13.985 5.530   1.00 21.88 ? 120 ASN A C   1 
ATOM   535  O O   . ASN A 1 75  B 13.610  -14.569 6.487   1.00 23.42 ? 120 ASN A O   1 
ATOM   536  C CB  . ASN A 1 75  B 14.032  -11.736 6.268   1.00 26.67 ? 120 ASN A CB  1 
ATOM   537  C CG  . ASN A 1 75  B 12.923  -11.615 7.363   1.00 28.20 ? 120 ASN A CG  1 
ATOM   538  O OD1 . ASN A 1 75  B 11.856  -12.238 7.316   1.00 18.97 ? 120 ASN A OD1 1 
ATOM   539  N ND2 . ASN A 1 75  B 13.255  -10.814 8.374   1.00 32.14 ? 120 ASN A ND2 1 
ATOM   540  N N   . GLY A 1 76  C 12.080  -14.501 4.929   1.00 17.08 ? 120 GLY A N   1 
ATOM   541  C CA  . GLY A 1 76  C 11.414  -15.762 5.119   1.00 17.64 ? 120 GLY A CA  1 
ATOM   542  C C   . GLY A 1 76  C 10.423  -15.733 6.248   1.00 19.72 ? 120 GLY A C   1 
ATOM   543  O O   . GLY A 1 76  C 9.811   -16.768 6.633   1.00 24.69 ? 120 GLY A O   1 
ATOM   544  N N   . SER A 1 77  D 10.241  -14.531 6.798   1.00 22.15 ? 120 SER A N   1 
ATOM   545  C CA  . SER A 1 77  D 9.341   -14.293 7.914   1.00 20.71 ? 120 SER A CA  1 
ATOM   546  C C   . SER A 1 77  D 8.227   -13.297 7.538   1.00 18.16 ? 120 SER A C   1 
ATOM   547  O O   . SER A 1 77  D 8.289   -12.628 6.495   1.00 18.29 ? 120 SER A O   1 
ATOM   548  C CB  . SER A 1 77  D 10.215  -13.756 9.063   1.00 29.30 ? 120 SER A CB  1 
ATOM   549  O OG  . SER A 1 77  D 9.571   -14.014 10.288  1.00 37.86 ? 120 SER A OG  1 
ATOM   550  N N   . TYR A 1 78  ? 7.257   -13.280 8.402   1.00 12.34 ? 121 TYR A N   1 
ATOM   551  C CA  . TYR A 1 78  ? 6.055   -12.390 8.252   1.00 12.92 ? 121 TYR A CA  1 
ATOM   552  C C   . TYR A 1 78  ? 5.714   -11.701 9.512   1.00 13.40 ? 121 TYR A C   1 
ATOM   553  O O   . TYR A 1 78  ? 6.002   -12.215 10.619  1.00 16.45 ? 121 TYR A O   1 
ATOM   554  C CB  . TYR A 1 78  ? 4.754   -13.229 7.889   1.00 7.62  ? 121 TYR A CB  1 
ATOM   555  C CG  . TYR A 1 78  ? 4.831   -13.982 6.572   1.00 16.25 ? 121 TYR A CG  1 
ATOM   556  C CD1 . TYR A 1 78  ? 5.597   -15.154 6.493   1.00 14.50 ? 121 TYR A CD1 1 
ATOM   557  C CD2 . TYR A 1 78  ? 4.117   -13.549 5.434   1.00 11.61 ? 121 TYR A CD2 1 
ATOM   558  C CE1 . TYR A 1 78  ? 5.708   -15.860 5.309   1.00 9.62  ? 121 TYR A CE1 1 
ATOM   559  C CE2 . TYR A 1 78  ? 4.232   -14.267 4.227   1.00 16.81 ? 121 TYR A CE2 1 
ATOM   560  C CZ  . TYR A 1 78  ? 4.989   -15.404 4.195   1.00 17.25 ? 121 TYR A CZ  1 
ATOM   561  O OH  . TYR A 1 78  ? 5.088   -16.104 3.056   1.00 12.77 ? 121 TYR A OH  1 
ATOM   562  N N   . GLN A 1 79  ? 5.044   -10.560 9.417   1.00 11.12 ? 122 GLN A N   1 
ATOM   563  C CA  . GLN A 1 79  ? 4.527   -9.760  10.551  1.00 6.46  ? 122 GLN A CA  1 
ATOM   564  C C   . GLN A 1 79  ? 3.007   -9.949  10.521  1.00 10.81 ? 122 GLN A C   1 
ATOM   565  O O   . GLN A 1 79  ? 2.285   -9.657  9.509   1.00 15.35 ? 122 GLN A O   1 
ATOM   566  C CB  . GLN A 1 79  ? 4.802   -8.265  10.485  1.00 10.49 ? 122 GLN A CB  1 
ATOM   567  C CG  . GLN A 1 79  ? 4.125   -7.290  11.474  1.00 8.08  ? 122 GLN A CG  1 
ATOM   568  C CD  . GLN A 1 79  ? 4.558   -7.595  12.890  1.00 13.74 ? 122 GLN A CD  1 
ATOM   569  O OE1 . GLN A 1 79  ? 3.680   -7.896  13.751  1.00 20.94 ? 122 GLN A OE1 1 
ATOM   570  N NE2 . GLN A 1 79  ? 5.844   -7.462  13.008  1.00 15.39 ? 122 GLN A NE2 1 
ATOM   571  N N   . ASP A 1 80  ? 2.477   -10.364 11.664  1.00 14.11 ? 123 ASP A N   1 
ATOM   572  C CA  . ASP A 1 80  ? 1.016   -10.491 11.736  1.00 8.14  ? 123 ASP A CA  1 
ATOM   573  C C   . ASP A 1 80  ? 0.417   -9.087  11.863  1.00 7.00  ? 123 ASP A C   1 
ATOM   574  O O   . ASP A 1 80  ? 0.899   -8.287  12.654  1.00 9.93  ? 123 ASP A O   1 
ATOM   575  C CB  . ASP A 1 80  ? 0.621   -11.456 12.837  1.00 10.60 ? 123 ASP A CB  1 
ATOM   576  C CG  . ASP A 1 80  ? -0.733  -12.068 12.661  1.00 11.72 ? 123 ASP A CG  1 
ATOM   577  O OD1 . ASP A 1 80  ? -1.491  -11.934 11.707  1.00 12.06 ? 123 ASP A OD1 1 
ATOM   578  O OD2 . ASP A 1 80  ? -1.175  -12.698 13.672  1.00 16.28 ? 123 ASP A OD2 1 
ATOM   579  N N   . ILE A 1 81  ? -0.669  -8.909  11.148  1.00 7.38  ? 124 ILE A N   1 
ATOM   580  C CA  . ILE A 1 81  ? -1.412  -7.618  11.245  1.00 5.57  ? 124 ILE A CA  1 
ATOM   581  C C   . ILE A 1 81  ? -2.657  -7.936  12.115  1.00 7.07  ? 124 ILE A C   1 
ATOM   582  O O   . ILE A 1 81  ? -3.290  -8.920  11.837  1.00 9.03  ? 124 ILE A O   1 
ATOM   583  C CB  . ILE A 1 81  ? -1.722  -7.057  9.832   1.00 7.61  ? 124 ILE A CB  1 
ATOM   584  C CG1 . ILE A 1 81  ? -0.411  -6.709  9.089   1.00 11.36 ? 124 ILE A CG1 1 
ATOM   585  C CG2 . ILE A 1 81  ? -2.766  -5.864  9.935   1.00 8.02  ? 124 ILE A CG2 1 
ATOM   586  C CD1 . ILE A 1 81  ? 0.524   -5.632  9.797   1.00 8.28  ? 124 ILE A CD1 1 
ATOM   587  N N   . THR A 1 82  ? -3.037  -7.035  12.997  1.00 11.57 ? 125 THR A N   1 
ATOM   588  C CA  . THR A 1 82  ? -4.266  -7.306  13.774  1.00 11.87 ? 125 THR A CA  1 
ATOM   589  C C   . THR A 1 82  ? -5.198  -6.090  13.762  1.00 11.27 ? 125 THR A C   1 
ATOM   590  O O   . THR A 1 82  ? -6.413  -6.209  13.841  1.00 13.55 ? 125 THR A O   1 
ATOM   591  C CB  . THR A 1 82  ? -3.853  -7.910  15.170  1.00 19.50 ? 125 THR A CB  1 
ATOM   592  O OG1 . THR A 1 82  ? -3.564  -6.779  15.999  1.00 22.98 ? 125 THR A OG1 1 
ATOM   593  C CG2 . THR A 1 82  ? -2.652  -8.870  15.164  1.00 19.09 ? 125 THR A CG2 1 
ATOM   594  N N   . THR A 1 83  ? -4.671  -4.895  13.544  1.00 14.64 ? 126 THR A N   1 
ATOM   595  C CA  . THR A 1 83  ? -5.475  -3.676  13.504  1.00 7.36  ? 126 THR A CA  1 
ATOM   596  C C   . THR A 1 83  ? -5.018  -2.661  12.499  1.00 11.71 ? 126 THR A C   1 
ATOM   597  O O   . THR A 1 83  ? -3.970  -2.867  11.869  1.00 6.98  ? 126 THR A O   1 
ATOM   598  C CB  . THR A 1 83  ? -5.456  -3.213  15.064  1.00 15.94 ? 126 THR A CB  1 
ATOM   599  O OG1 . THR A 1 83  ? -6.642  -2.413  15.161  1.00 26.25 ? 126 THR A OG1 1 
ATOM   600  C CG2 . THR A 1 83  ? -4.150  -2.585  15.408  1.00 8.60  ? 126 THR A CG2 1 
ATOM   601  N N   . ALA A 1 84  ? -5.704  -1.561  12.280  1.00 7.43  ? 127 ALA A N   1 
ATOM   602  C CA  . ALA A 1 84  ? -5.346  -0.460  11.356  1.00 9.88  ? 127 ALA A CA  1 
ATOM   603  C C   . ALA A 1 84  ? -5.250  0.757   12.255  1.00 8.20  ? 127 ALA A C   1 
ATOM   604  O O   . ALA A 1 84  ? -5.935  0.694   13.323  1.00 13.62 ? 127 ALA A O   1 
ATOM   605  C CB  . ALA A 1 84  ? -6.360  -0.159  10.190  1.00 4.15  ? 127 ALA A CB  1 
ATOM   606  N N   . GLY A 1 85  ? -4.331  1.673   11.951  1.00 12.38 ? 128 GLY A N   1 
ATOM   607  C CA  . GLY A 1 85  ? -4.257  2.837   12.865  1.00 6.56  ? 128 GLY A CA  1 
ATOM   608  C C   . GLY A 1 85  ? -3.902  4.044   12.044  1.00 11.01 ? 128 GLY A C   1 
ATOM   609  O O   . GLY A 1 85  ? -3.838  3.937   10.810  1.00 13.31 ? 128 GLY A O   1 
ATOM   610  N N   . ASN A 1 86  ? -3.672  5.098   12.833  1.00 9.91  ? 129 ASN A N   1 
ATOM   611  C CA  . ASN A 1 86  ? -3.320  6.399   12.167  1.00 12.61 ? 129 ASN A CA  1 
ATOM   612  C C   . ASN A 1 86  ? -1.890  6.673   12.582  1.00 14.71 ? 129 ASN A C   1 
ATOM   613  O O   . ASN A 1 86  ? -1.546  6.443   13.715  1.00 17.70 ? 129 ASN A O   1 
ATOM   614  C CB  . ASN A 1 86  ? -4.231  7.527   12.600  1.00 23.58 ? 129 ASN A CB  1 
ATOM   615  C CG  . ASN A 1 86  ? -5.655  7.388   11.985  1.00 21.19 ? 129 ASN A CG  1 
ATOM   616  O OD1 . ASN A 1 86  ? -5.729  7.337   10.738  1.00 24.79 ? 129 ASN A OD1 1 
ATOM   617  N ND2 . ASN A 1 86  ? -6.522  7.323   12.973  1.00 30.54 ? 129 ASN A ND2 1 
ATOM   618  N N   . ALA A 1 87  ? -1.109  7.135   11.643  1.00 11.74 ? 130 ALA A N   1 
ATOM   619  C CA  . ALA A 1 87  ? 0.284   7.463   11.791  1.00 9.66  ? 130 ALA A CA  1 
ATOM   620  C C   . ALA A 1 87  ? 0.428   8.768   12.541  1.00 7.58  ? 130 ALA A C   1 
ATOM   621  O O   . ALA A 1 87  ? -0.436  9.647   12.636  1.00 11.56 ? 130 ALA A O   1 
ATOM   622  C CB  . ALA A 1 87  ? 0.961   7.535   10.412  1.00 9.97  ? 130 ALA A CB  1 
ATOM   623  N N   . PHE A 1 88  ? 1.638   8.846   13.153  1.00 10.72 ? 131 PHE A N   1 
ATOM   624  C CA  . PHE A 1 88  ? 2.019   10.041  13.954  1.00 9.63  ? 131 PHE A CA  1 
ATOM   625  C C   . PHE A 1 88  ? 3.437   10.364  13.627  1.00 9.07  ? 131 PHE A C   1 
ATOM   626  O O   . PHE A 1 88  ? 4.243   9.519   13.264  1.00 14.81 ? 131 PHE A O   1 
ATOM   627  C CB  . PHE A 1 88  ? 1.796   9.890   15.509  1.00 10.62 ? 131 PHE A CB  1 
ATOM   628  C CG  . PHE A 1 88  ? 2.533   8.828   16.226  1.00 11.10 ? 131 PHE A CG  1 
ATOM   629  C CD1 . PHE A 1 88  ? 1.898   7.588   16.362  1.00 8.25  ? 131 PHE A CD1 1 
ATOM   630  C CD2 . PHE A 1 88  ? 3.833   8.955   16.764  1.00 7.64  ? 131 PHE A CD2 1 
ATOM   631  C CE1 . PHE A 1 88  ? 2.486   6.503   17.040  1.00 13.91 ? 131 PHE A CE1 1 
ATOM   632  C CE2 . PHE A 1 88  ? 4.413   7.880   17.423  1.00 15.33 ? 131 PHE A CE2 1 
ATOM   633  C CZ  . PHE A 1 88  ? 3.733   6.679   17.595  1.00 7.80  ? 131 PHE A CZ  1 
ATOM   634  N N   . VAL A 1 89  ? 3.690   11.708  13.685  1.00 15.92 ? 132 VAL A N   1 
ATOM   635  C CA  . VAL A 1 89  ? 5.046   12.236  13.377  1.00 13.08 ? 132 VAL A CA  1 
ATOM   636  C C   . VAL A 1 89  ? 6.059   11.714  14.379  1.00 12.19 ? 132 VAL A C   1 
ATOM   637  O O   . VAL A 1 89  ? 5.854   11.861  15.592  1.00 12.12 ? 132 VAL A O   1 
ATOM   638  C CB  . VAL A 1 89  ? 5.007   13.755  13.233  1.00 15.20 ? 132 VAL A CB  1 
ATOM   639  C CG1 . VAL A 1 89  ? 6.405   14.410  13.149  1.00 20.93 ? 132 VAL A CG1 1 
ATOM   640  C CG2 . VAL A 1 89  ? 4.154   14.155  12.001  1.00 11.68 ? 132 VAL A CG2 1 
ATOM   641  N N   . GLY A 1 90  ? 7.105   11.122  13.868  1.00 13.06 ? 133 GLY A N   1 
ATOM   642  C CA  . GLY A 1 90  ? 8.211   10.520  14.634  1.00 12.83 ? 133 GLY A CA  1 
ATOM   643  C C   . GLY A 1 90  ? 8.000   9.035   14.835  1.00 12.71 ? 133 GLY A C   1 
ATOM   644  O O   . GLY A 1 90  ? 8.847   8.386   15.522  1.00 18.01 ? 133 GLY A O   1 
ATOM   645  N N   . GLN A 1 91  ? 6.880   8.464   14.329  1.00 12.51 ? 134 GLN A N   1 
ATOM   646  C CA  . GLN A 1 91  ? 6.713   7.012   14.521  1.00 8.60  ? 134 GLN A CA  1 
ATOM   647  C C   . GLN A 1 91  ? 7.662   6.199   13.741  1.00 9.07  ? 134 GLN A C   1 
ATOM   648  O O   . GLN A 1 91  ? 7.912   6.464   12.528  1.00 13.61 ? 134 GLN A O   1 
ATOM   649  C CB  . GLN A 1 91  ? 5.322   6.668   14.029  1.00 9.92  ? 134 GLN A CB  1 
ATOM   650  C CG  . GLN A 1 91  ? 4.788   5.263   14.295  1.00 6.63  ? 134 GLN A CG  1 
ATOM   651  C CD  . GLN A 1 91  ? 3.336   5.164   13.959  1.00 9.93  ? 134 GLN A CD  1 
ATOM   652  O OE1 . GLN A 1 91  ? 2.853   5.970   13.189  1.00 11.96 ? 134 GLN A OE1 1 
ATOM   653  N NE2 . GLN A 1 91  ? 2.583   4.263   14.565  1.00 13.99 ? 134 GLN A NE2 1 
ATOM   654  N N   . ALA A 1 92  ? 8.230   5.170   14.309  1.00 10.58 ? 135 ALA A N   1 
ATOM   655  C CA  . ALA A 1 92  ? 9.092   4.161   13.720  1.00 12.28 ? 135 ALA A CA  1 
ATOM   656  C C   . ALA A 1 92  ? 8.188   3.284   12.834  1.00 11.59 ? 135 ALA A C   1 
ATOM   657  O O   . ALA A 1 92  ? 7.230   2.695   13.389  1.00 7.63  ? 135 ALA A O   1 
ATOM   658  C CB  . ALA A 1 92  ? 9.768   3.376   14.847  1.00 7.77  ? 135 ALA A CB  1 
ATOM   659  N N   . VAL A 1 93  ? 8.471   3.217   11.527  1.00 10.07 ? 136 VAL A N   1 
ATOM   660  C CA  . VAL A 1 93  ? 7.634   2.442   10.611  1.00 11.54 ? 136 VAL A CA  1 
ATOM   661  C C   . VAL A 1 93  ? 8.450   1.548   9.690   1.00 10.47 ? 136 VAL A C   1 
ATOM   662  O O   . VAL A 1 93  ? 9.677   1.717   9.523   1.00 9.65  ? 136 VAL A O   1 
ATOM   663  C CB  . VAL A 1 93  ? 6.762   3.385   9.714   1.00 9.31  ? 136 VAL A CB  1 
ATOM   664  C CG1 . VAL A 1 93  ? 5.609   4.082   10.540  1.00 5.22  ? 136 VAL A CG1 1 
ATOM   665  C CG2 . VAL A 1 93  ? 7.505   4.444   8.942   1.00 2.13  ? 136 VAL A CG2 1 
ATOM   666  N N   . GLN A 1 94  ? 7.796   0.619   9.034   1.00 10.14 ? 137 GLN A N   1 
ATOM   667  C CA  . GLN A 1 94  ? 8.457   -0.292  8.080   1.00 7.22  ? 137 GLN A CA  1 
ATOM   668  C C   . GLN A 1 94  ? 7.593   -0.275  6.794   1.00 9.24  ? 137 GLN A C   1 
ATOM   669  O O   . GLN A 1 94  ? 6.392   -0.052  6.964   1.00 4.89  ? 137 GLN A O   1 
ATOM   670  C CB  . GLN A 1 94  ? 8.515   -1.685  8.617   1.00 7.76  ? 137 GLN A CB  1 
ATOM   671  C CG  . GLN A 1 94  ? 9.603   -1.714  9.673   1.00 12.02 ? 137 GLN A CG  1 
ATOM   672  C CD  . GLN A 1 94  ? 9.791   -3.080  10.241  1.00 17.15 ? 137 GLN A CD  1 
ATOM   673  O OE1 . GLN A 1 94  ? 8.927   -3.715  10.842  1.00 20.88 ? 137 GLN A OE1 1 
ATOM   674  N NE2 . GLN A 1 94  ? 10.987  -3.578  10.026  1.00 16.55 ? 137 GLN A NE2 1 
ATOM   675  N N   . ARG A 1 95  ? 8.244   -0.610  5.710   1.00 7.60  ? 138 ARG A N   1 
ATOM   676  C CA  . ARG A 1 95  ? 7.442   -0.598  4.450   1.00 12.73 ? 138 ARG A CA  1 
ATOM   677  C C   . ARG A 1 95  ? 7.887   -1.868  3.792   1.00 8.87  ? 138 ARG A C   1 
ATOM   678  O O   . ARG A 1 95  ? 9.052   -2.224  3.909   1.00 10.22 ? 138 ARG A O   1 
ATOM   679  C CB  . ARG A 1 95  ? 7.754   0.686   3.643   1.00 6.54  ? 138 ARG A CB  1 
ATOM   680  C CG  . ARG A 1 95  ? 7.118   0.524   2.267   1.00 4.62  ? 138 ARG A CG  1 
ATOM   681  C CD  . ARG A 1 95  ? 7.664   1.529   1.264   1.00 7.03  ? 138 ARG A CD  1 
ATOM   682  N NE  . ARG A 1 95  ? 8.994   1.153   0.925   1.00 20.01 ? 138 ARG A NE  1 
ATOM   683  C CZ  . ARG A 1 95  ? 9.597   0.063   0.526   1.00 12.70 ? 138 ARG A CZ  1 
ATOM   684  N NH1 . ARG A 1 95  ? 9.090   -1.096  0.206   1.00 13.87 ? 138 ARG A NH1 1 
ATOM   685  N NH2 . ARG A 1 95  ? 10.961  0.211   0.359   1.00 16.53 ? 138 ARG A NH2 1 
ATOM   686  N N   . SER A 1 96  ? 6.980   -2.615  3.226   1.00 6.42  ? 139 SER A N   1 
ATOM   687  C CA  . SER A 1 96  ? 7.293   -3.903  2.571   1.00 7.04  ? 139 SER A CA  1 
ATOM   688  C C   . SER A 1 96  ? 6.762   -3.674  1.123   1.00 11.53 ? 139 SER A C   1 
ATOM   689  O O   . SER A 1 96  ? 5.669   -3.152  0.881   1.00 8.73  ? 139 SER A O   1 
ATOM   690  C CB  . SER A 1 96  ? 6.559   -5.125  3.132   1.00 10.81 ? 139 SER A CB  1 
ATOM   691  O OG  . SER A 1 96  ? 7.024   -6.282  2.455   1.00 10.74 ? 139 SER A OG  1 
ATOM   692  N N   . GLY A 1 97  ? 7.621   -4.085  0.210   1.00 9.94  ? 140 GLY A N   1 
ATOM   693  C CA  . GLY A 1 97  ? 7.256   -3.933  -1.231  1.00 13.06 ? 140 GLY A CA  1 
ATOM   694  C C   . GLY A 1 97  ? 8.048   -4.883  -2.076  1.00 8.15  ? 140 GLY A C   1 
ATOM   695  O O   . GLY A 1 97  ? 9.161   -5.311  -1.791  1.00 11.92 ? 140 GLY A O   1 
ATOM   696  N N   . SER A 1 98  ? 7.488   -5.120  -3.287  1.00 9.64  ? 141 SER A N   1 
ATOM   697  C CA  . SER A 1 98  ? 8.056   -6.120  -4.206  1.00 13.73 ? 141 SER A CA  1 
ATOM   698  C C   . SER A 1 98  ? 9.315   -5.697  -4.925  1.00 14.01 ? 141 SER A C   1 
ATOM   699  O O   . SER A 1 98  ? 9.900   -6.668  -5.448  1.00 14.88 ? 141 SER A O   1 
ATOM   700  C CB  . SER A 1 98  ? 6.968   -6.650  -5.023  1.00 11.05 ? 141 SER A CB  1 
ATOM   701  O OG  . SER A 1 98  ? 6.293   -6.130  -6.101  1.00 14.47 ? 141 SER A OG  1 
ATOM   702  N N   . THR A 1 99  ? 9.747   -4.475  -4.924  1.00 12.93 ? 142 THR A N   1 
ATOM   703  C CA  . THR A 1 99  ? 11.021  -4.197  -5.622  1.00 11.27 ? 142 THR A CA  1 
ATOM   704  C C   . THR A 1 99  ? 12.153  -4.214  -4.621  1.00 16.23 ? 142 THR A C   1 
ATOM   705  O O   . THR A 1 99  ? 13.144  -4.918  -4.818  1.00 18.52 ? 142 THR A O   1 
ATOM   706  C CB  . THR A 1 99  ? 10.984  -2.855  -6.434  1.00 23.45 ? 142 THR A CB  1 
ATOM   707  O OG1 . THR A 1 99  ? 9.983   -3.141  -7.402  1.00 14.53 ? 142 THR A OG1 1 
ATOM   708  C CG2 . THR A 1 99  ? 12.379  -2.646  -7.104  1.00 17.37 ? 142 THR A CG2 1 
ATOM   709  N N   . THR A 1 100 ? 11.973  -3.399  -3.608  1.00 10.70 ? 143 THR A N   1 
ATOM   710  C CA  . THR A 1 100 ? 13.010  -3.252  -2.576  1.00 10.54 ? 143 THR A CA  1 
ATOM   711  C C   . THR A 1 100 ? 12.792  -4.055  -1.348  1.00 14.45 ? 143 THR A C   1 
ATOM   712  O O   . THR A 1 100 ? 13.713  -3.887  -0.511  1.00 12.79 ? 143 THR A O   1 
ATOM   713  C CB  . THR A 1 100 ? 13.162  -1.724  -2.278  1.00 12.82 ? 143 THR A CB  1 
ATOM   714  O OG1 . THR A 1 100 ? 11.823  -1.357  -1.771  1.00 18.11 ? 143 THR A OG1 1 
ATOM   715  C CG2 . THR A 1 100 ? 13.520  -0.931  -3.489  1.00 7.99  ? 143 THR A CG2 1 
ATOM   716  N N   . GLY A 1 101 ? 11.743  -4.861  -1.263  1.00 14.65 ? 156 GLY A N   1 
ATOM   717  C CA  . GLY A 1 101 ? 11.665  -5.615  0.054   1.00 12.34 ? 156 GLY A CA  1 
ATOM   718  C C   . GLY A 1 101 ? 11.227  -4.844  1.228   1.00 16.08 ? 156 GLY A C   1 
ATOM   719  O O   . GLY A 1 101 ? 10.231  -4.083  1.172   1.00 13.71 ? 156 GLY A O   1 
ATOM   720  N N   . LEU A 1 102 ? 11.836  -4.994  2.434   1.00 13.37 ? 157 LEU A N   1 
ATOM   721  C CA  . LEU A 1 102 ? 11.500  -4.380  3.652   1.00 13.39 ? 157 LEU A CA  1 
ATOM   722  C C   . LEU A 1 102 ? 12.447  -3.219  3.915   1.00 15.45 ? 157 LEU A C   1 
ATOM   723  O O   . LEU A 1 102 ? 13.674  -3.433  3.760   1.00 19.76 ? 157 LEU A O   1 
ATOM   724  C CB  . LEU A 1 102 ? 11.456  -5.465  4.802   1.00 15.66 ? 157 LEU A CB  1 
ATOM   725  C CG  . LEU A 1 102 ? 11.098  -4.920  6.181   1.00 15.25 ? 157 LEU A CG  1 
ATOM   726  C CD1 . LEU A 1 102 ? 9.706   -4.347  6.208   1.00 12.64 ? 157 LEU A CD1 1 
ATOM   727  C CD2 . LEU A 1 102 ? 11.316  -6.033  7.245   1.00 17.96 ? 157 LEU A CD2 1 
ATOM   728  N N   . ARG A 1 103 ? 11.978  -2.070  4.194   1.00 11.09 ? 158 ARG A N   1 
ATOM   729  C CA  . ARG A 1 103 ? 12.769  -0.912  4.545   1.00 13.69 ? 158 ARG A CA  1 
ATOM   730  C C   . ARG A 1 103 ? 12.136  -0.304  5.768   1.00 13.82 ? 158 ARG A C   1 
ATOM   731  O O   . ARG A 1 103 ? 10.933  -0.398  6.067   1.00 15.38 ? 158 ARG A O   1 
ATOM   732  C CB  . ARG A 1 103 ? 12.881  0.104   3.383   1.00 18.42 ? 158 ARG A CB  1 
ATOM   733  C CG  . ARG A 1 103 ? 13.475  -0.534  2.124   1.00 23.77 ? 158 ARG A CG  1 
ATOM   734  C CD  . ARG A 1 103 ? 14.956  -0.784  2.335   1.00 20.27 ? 158 ARG A CD  1 
ATOM   735  N NE  . ARG A 1 103 ? 15.351  -1.667  1.255   1.00 37.55 ? 158 ARG A NE  1 
ATOM   736  C CZ  . ARG A 1 103 ? 16.554  -1.550  0.649   1.00 34.03 ? 158 ARG A CZ  1 
ATOM   737  N NH1 . ARG A 1 103 ? 17.473  -0.661  1.025   1.00 33.75 ? 158 ARG A NH1 1 
ATOM   738  N NH2 . ARG A 1 103 ? 16.695  -2.421  -0.334  1.00 26.97 ? 158 ARG A NH2 1 
ATOM   739  N N   . SER A 1 104 ? 12.955  0.468   6.535   1.00 17.50 ? 159 SER A N   1 
ATOM   740  C CA  . SER A 1 104 ? 12.405  1.124   7.707   1.00 12.96 ? 159 SER A CA  1 
ATOM   741  C C   . SER A 1 104 ? 12.809  2.573   7.817   1.00 17.30 ? 159 SER A C   1 
ATOM   742  O O   . SER A 1 104 ? 13.751  3.044   7.188   1.00 22.92 ? 159 SER A O   1 
ATOM   743  C CB  . SER A 1 104 ? 12.689  0.158   8.888   1.00 18.08 ? 159 SER A CB  1 
ATOM   744  O OG  . SER A 1 104 ? 13.984  0.299   9.225   1.00 25.39 ? 159 SER A OG  1 
ATOM   745  N N   . GLY A 1 105 ? 12.035  3.346   8.583   1.00 10.63 ? 160 GLY A N   1 
ATOM   746  C CA  . GLY A 1 105 ? 12.288  4.760   8.801   1.00 12.39 ? 160 GLY A CA  1 
ATOM   747  C C   . GLY A 1 105 ? 11.291  5.391   9.731   1.00 8.58  ? 160 GLY A C   1 
ATOM   748  O O   . GLY A 1 105 ? 10.870  4.657   10.668  1.00 14.14 ? 160 GLY A O   1 
ATOM   749  N N   . SER A 1 106 ? 10.983  6.642   9.586   1.00 10.44 ? 161 SER A N   1 
ATOM   750  C CA  . SER A 1 106 ? 10.029  7.257   10.535  1.00 14.91 ? 161 SER A CA  1 
ATOM   751  C C   . SER A 1 106 ? 9.168   8.205   9.737   1.00 16.57 ? 161 SER A C   1 
ATOM   752  O O   . SER A 1 106 ? 9.541   8.656   8.676   1.00 10.08 ? 161 SER A O   1 
ATOM   753  C CB  . SER A 1 106 ? 10.796  7.745   11.736  1.00 23.89 ? 161 SER A CB  1 
ATOM   754  O OG  . SER A 1 106 ? 11.640  8.772   11.461  1.00 28.21 ? 161 SER A OG  1 
ATOM   755  N N   . VAL A 1 107 ? 7.975   8.430   10.317  1.00 10.94 ? 162 VAL A N   1 
ATOM   756  C CA  . VAL A 1 107 ? 6.980   9.335   9.743   1.00 11.39 ? 162 VAL A CA  1 
ATOM   757  C C   . VAL A 1 107 ? 7.505   10.740  10.030  1.00 13.46 ? 162 VAL A C   1 
ATOM   758  O O   . VAL A 1 107 ? 7.782   11.107  11.185  1.00 16.67 ? 162 VAL A O   1 
ATOM   759  C CB  . VAL A 1 107 ? 5.626   9.075   10.430  1.00 10.90 ? 162 VAL A CB  1 
ATOM   760  C CG1 . VAL A 1 107 ? 4.604   10.175  10.012  1.00 11.57 ? 162 VAL A CG1 1 
ATOM   761  C CG2 . VAL A 1 107 ? 5.055   7.701   10.263  1.00 11.74 ? 162 VAL A CG2 1 
ATOM   762  N N   . THR A 1 108 ? 7.596   11.521  8.963   1.00 15.89 ? 163 THR A N   1 
ATOM   763  C CA  . THR A 1 108 ? 8.054   12.884  9.091   1.00 10.95 ? 163 THR A CA  1 
ATOM   764  C C   . THR A 1 108 ? 6.966   13.875  8.788   1.00 15.16 ? 163 THR A C   1 
ATOM   765  O O   . THR A 1 108 ? 7.186   15.059  9.095   1.00 16.51 ? 163 THR A O   1 
ATOM   766  C CB  . THR A 1 108 ? 9.313   13.085  8.216   1.00 8.86  ? 163 THR A CB  1 
ATOM   767  O OG1 . THR A 1 108 ? 8.794   12.852  6.922   1.00 15.01 ? 163 THR A OG1 1 
ATOM   768  C CG2 . THR A 1 108 ? 10.557  12.196  8.520   1.00 10.67 ? 163 THR A CG2 1 
ATOM   769  N N   . GLY A 1 109 ? 5.756   13.533  8.297   1.00 9.85  ? 164 GLY A N   1 
ATOM   770  C CA  . GLY A 1 109 ? 4.746   14.567  8.074   1.00 13.39 ? 164 GLY A CA  1 
ATOM   771  C C   . GLY A 1 109 ? 3.415   13.897  7.788   1.00 13.28 ? 164 GLY A C   1 
ATOM   772  O O   . GLY A 1 109 ? 3.414   12.706  7.447   1.00 16.87 ? 164 GLY A O   1 
ATOM   773  N N   . LEU A 1 110 ? 2.393   14.636  7.966   1.00 15.11 ? 165 LEU A N   1 
ATOM   774  C CA  . LEU A 1 110 ? 1.040   14.136  7.761   1.00 14.08 ? 165 LEU A CA  1 
ATOM   775  C C   . LEU A 1 110 ? 0.268   15.110  6.864   1.00 18.48 ? 165 LEU A C   1 
ATOM   776  O O   . LEU A 1 110 ? 0.659   16.279  6.775   1.00 19.86 ? 165 LEU A O   1 
ATOM   777  C CB  . LEU A 1 110 ? 0.332   13.941  9.122   1.00 9.60  ? 165 LEU A CB  1 
ATOM   778  C CG  . LEU A 1 110 ? 0.933   13.000  10.164  1.00 11.10 ? 165 LEU A CG  1 
ATOM   779  C CD1 . LEU A 1 110 ? 0.081   13.106  11.395  1.00 11.83 ? 165 LEU A CD1 1 
ATOM   780  C CD2 . LEU A 1 110 ? 0.987   11.559  9.660   1.00 11.79 ? 165 LEU A CD2 1 
ATOM   781  N N   . ASN A 1 111 ? -0.752  14.568  6.309   1.00 14.90 ? 166 ASN A N   1 
ATOM   782  C CA  . ASN A 1 111 ? -1.651  15.450  5.471   1.00 13.36 ? 166 ASN A CA  1 
ATOM   783  C C   . ASN A 1 111 ? -0.916  16.187  4.402   1.00 11.23 ? 166 ASN A C   1 
ATOM   784  O O   . ASN A 1 111 ? -1.273  17.370  4.073   1.00 16.73 ? 166 ASN A O   1 
ATOM   785  C CB  . ASN A 1 111 ? -2.496  16.298  6.444   1.00 22.78 ? 166 ASN A CB  1 
ATOM   786  C CG  . ASN A 1 111 ? -3.859  16.481  5.812   1.00 34.17 ? 166 ASN A CG  1 
ATOM   787  O OD1 . ASN A 1 111 ? -4.883  16.317  6.493   1.00 52.57 ? 166 ASN A OD1 1 
ATOM   788  N ND2 . ASN A 1 111 ? -3.944  16.769  4.516   1.00 42.59 ? 166 ASN A ND2 1 
ATOM   789  N N   . ALA A 1 112 ? 0.067   15.571  3.789   1.00 15.09 ? 167 ALA A N   1 
ATOM   790  C CA  . ALA A 1 112 ? 0.879   16.189  2.708   1.00 10.87 ? 167 ALA A CA  1 
ATOM   791  C C   . ALA A 1 112 ? 0.211   16.104  1.361   1.00 15.00 ? 167 ALA A C   1 
ATOM   792  O O   . ALA A 1 112 ? -0.475  15.103  1.042   1.00 15.64 ? 167 ALA A O   1 
ATOM   793  C CB  . ALA A 1 112 ? 2.262   15.547  2.737   1.00 15.89 ? 167 ALA A CB  1 
ATOM   794  N N   . THR A 1 113 ? 0.329   17.161  0.584   1.00 14.96 ? 168 THR A N   1 
ATOM   795  C CA  . THR A 1 113 ? -0.241  17.275  -0.783  1.00 13.22 ? 168 THR A CA  1 
ATOM   796  C C   . THR A 1 113 ? 0.859   16.866  -1.743  1.00 14.78 ? 168 THR A C   1 
ATOM   797  O O   . THR A 1 113 ? 2.014   17.411  -1.664  1.00 17.47 ? 168 THR A O   1 
ATOM   798  C CB  . THR A 1 113 ? -0.774  18.706  -1.021  1.00 5.02  ? 168 THR A CB  1 
ATOM   799  O OG1 . THR A 1 113 ? -1.954  18.873  -0.246  1.00 18.51 ? 168 THR A OG1 1 
ATOM   800  C CG2 . THR A 1 113 ? -1.062  19.012  -2.552  1.00 11.36 ? 168 THR A CG2 1 
ATOM   801  N N   . VAL A 1 114 ? 0.579   15.940  -2.677  1.00 16.97 ? 169 VAL A N   1 
ATOM   802  C CA  . VAL A 1 114 ? 1.617   15.483  -3.608  1.00 13.73 ? 169 VAL A CA  1 
ATOM   803  C C   . VAL A 1 114 ? 1.118   15.608  -5.035  1.00 12.90 ? 169 VAL A C   1 
ATOM   804  O O   . VAL A 1 114 ? 0.120   15.097  -5.444  1.00 12.97 ? 169 VAL A O   1 
ATOM   805  C CB  . VAL A 1 114 ? 2.147   14.053  -3.332  1.00 23.53 ? 169 VAL A CB  1 
ATOM   806  C CG1 . VAL A 1 114 ? 3.469   13.742  -4.097  1.00 21.35 ? 169 VAL A CG1 1 
ATOM   807  C CG2 . VAL A 1 114 ? 2.332   13.795  -1.861  1.00 19.68 ? 169 VAL A CG2 1 
ATOM   808  N N   . ASN A 1 115 ? 1.919   16.380  -5.774  1.00 16.40 ? 170 ASN A N   1 
ATOM   809  C CA  . ASN A 1 115 ? 1.732   16.698  -7.163  1.00 15.11 ? 170 ASN A CA  1 
ATOM   810  C C   . ASN A 1 115 ? 2.639   15.764  -7.985  1.00 13.13 ? 170 ASN A C   1 
ATOM   811  O O   . ASN A 1 115 ? 3.842   15.840  -7.996  1.00 18.40 ? 170 ASN A O   1 
ATOM   812  C CB  . ASN A 1 115 ? 2.029   18.155  -7.468  1.00 16.78 ? 170 ASN A CB  1 
ATOM   813  C CG  . ASN A 1 115 ? 1.574   18.534  -8.841  1.00 19.61 ? 170 ASN A CG  1 
ATOM   814  O OD1 . ASN A 1 115 ? 1.492   17.765  -9.765  1.00 20.22 ? 170 ASN A OD1 1 
ATOM   815  N ND2 . ASN A 1 115 ? 1.251   19.795  -9.048  1.00 29.55 ? 170 ASN A ND2 1 
ATOM   816  N N   . TYR A 1 116 ? 1.916   14.871  -8.723  1.00 17.01 ? 171 TYR A N   1 
ATOM   817  C CA  . TYR A 1 116 ? 2.571   13.930  -9.609  1.00 16.64 ? 171 TYR A CA  1 
ATOM   818  C C   . TYR A 1 116 ? 2.535   14.390  -11.080 1.00 18.37 ? 171 TYR A C   1 
ATOM   819  O O   . TYR A 1 116 ? 2.585   13.517  -11.969 1.00 22.21 ? 171 TYR A O   1 
ATOM   820  C CB  . TYR A 1 116 ? 1.941   12.543  -9.489  1.00 12.19 ? 171 TYR A CB  1 
ATOM   821  C CG  . TYR A 1 116 ? 2.167   11.877  -8.149  1.00 14.73 ? 171 TYR A CG  1 
ATOM   822  C CD1 . TYR A 1 116 ? 0.973   11.430  -7.470  1.00 15.75 ? 171 TYR A CD1 1 
ATOM   823  C CD2 . TYR A 1 116 ? 3.401   11.665  -7.613  1.00 14.06 ? 171 TYR A CD2 1 
ATOM   824  C CE1 . TYR A 1 116 ? 1.093   10.739  -6.264  1.00 14.02 ? 171 TYR A CE1 1 
ATOM   825  C CE2 . TYR A 1 116 ? 3.506   11.002  -6.370  1.00 16.51 ? 171 TYR A CE2 1 
ATOM   826  C CZ  . TYR A 1 116 ? 2.366   10.563  -5.713  1.00 13.82 ? 171 TYR A CZ  1 
ATOM   827  O OH  . TYR A 1 116 ? 2.491   9.898   -4.522  1.00 12.82 ? 171 TYR A OH  1 
ATOM   828  N N   . GLY A 1 117 ? 2.442   15.697  -11.303 1.00 22.16 ? 172 GLY A N   1 
ATOM   829  C CA  . GLY A 1 117 ? 2.428   16.163  -12.721 1.00 20.91 ? 172 GLY A CA  1 
ATOM   830  C C   . GLY A 1 117 ? 1.289   15.590  -13.529 1.00 21.33 ? 172 GLY A C   1 
ATOM   831  O O   . GLY A 1 117 ? 0.148   15.749  -13.132 1.00 22.78 ? 172 GLY A O   1 
ATOM   832  N N   . SER A 1 118 ? 1.604   14.938  -14.686 1.00 19.60 ? 173 SER A N   1 
ATOM   833  C CA  . SER A 1 118 ? 0.490   14.405  -15.518 1.00 21.36 ? 173 SER A CA  1 
ATOM   834  C C   . SER A 1 118 ? -0.432  13.413  -14.842 1.00 21.50 ? 173 SER A C   1 
ATOM   835  O O   . SER A 1 118 ? -1.611  13.306  -15.296 1.00 19.60 ? 173 SER A O   1 
ATOM   836  C CB  . SER A 1 118 ? 1.063   13.886  -16.825 1.00 21.80 ? 173 SER A CB  1 
ATOM   837  O OG  . SER A 1 118 ? 2.280   13.213  -16.500 1.00 37.03 ? 173 SER A OG  1 
ATOM   838  N N   . SER A 1 119 ? 0.011   12.748  -13.821 1.00 20.65 ? 174 SER A N   1 
ATOM   839  C CA  . SER A 1 119 ? -0.787  11.773  -13.028 1.00 16.84 ? 174 SER A CA  1 
ATOM   840  C C   . SER A 1 119 ? -1.695  12.456  -12.037 1.00 13.04 ? 174 SER A C   1 
ATOM   841  O O   . SER A 1 119 ? -2.593  11.728  -11.556 1.00 20.04 ? 174 SER A O   1 
ATOM   842  C CB  . SER A 1 119 ? 0.060   10.745  -12.316 1.00 16.72 ? 174 SER A CB  1 
ATOM   843  O OG  . SER A 1 119 ? 0.611   10.004  -13.375 1.00 19.55 ? 174 SER A OG  1 
ATOM   844  N N   . GLY A 1 120 ? -1.525  13.724  -11.759 1.00 16.31 ? 175 GLY A N   1 
ATOM   845  C CA  . GLY A 1 120 ? -2.474  14.393  -10.863 1.00 13.74 ? 175 GLY A CA  1 
ATOM   846  C C   . GLY A 1 120 ? -1.868  14.635  -9.452  1.00 11.97 ? 175 GLY A C   1 
ATOM   847  O O   . GLY A 1 120 ? -0.716  14.288  -9.270  1.00 12.64 ? 175 GLY A O   1 
ATOM   848  N N   . ILE A 1 121 ? -2.746  15.205  -8.654  1.00 5.56  ? 176 ILE A N   1 
ATOM   849  C CA  . ILE A 1 121 ? -2.457  15.619  -7.277  1.00 10.67 ? 176 ILE A CA  1 
ATOM   850  C C   . ILE A 1 121 ? -3.191  14.760  -6.313  1.00 9.92  ? 176 ILE A C   1 
ATOM   851  O O   . ILE A 1 121 ? -4.381  14.433  -6.533  1.00 11.06 ? 176 ILE A O   1 
ATOM   852  C CB  . ILE A 1 121 ? -2.794  17.130  -7.023  1.00 15.57 ? 176 ILE A CB  1 
ATOM   853  C CG1 . ILE A 1 121 ? -2.277  18.213  -7.998  1.00 23.94 ? 176 ILE A CG1 1 
ATOM   854  C CG2 . ILE A 1 121 ? -2.206  17.630  -5.659  1.00 11.29 ? 176 ILE A CG2 1 
ATOM   855  C CD1 . ILE A 1 121 ? -2.045  17.810  -9.466  1.00 36.19 ? 176 ILE A CD1 1 
ATOM   856  N N   . VAL A 1 122 ? -2.498  14.280  -5.256  1.00 11.47 ? 177 VAL A N   1 
ATOM   857  C CA  . VAL A 1 122 ? -3.099  13.535  -4.160  1.00 11.18 ? 177 VAL A CA  1 
ATOM   858  C C   . VAL A 1 122 ? -3.030  14.389  -2.926  1.00 9.17  ? 177 VAL A C   1 
ATOM   859  O O   . VAL A 1 122 ? -2.123  15.205  -2.705  1.00 10.57 ? 177 VAL A O   1 
ATOM   860  C CB  . VAL A 1 122 ? -2.503  12.115  -4.019  1.00 10.59 ? 177 VAL A CB  1 
ATOM   861  C CG1 . VAL A 1 122 ? -2.750  11.330  -5.326  1.00 4.31  ? 177 VAL A CG1 1 
ATOM   862  C CG2 . VAL A 1 122 ? -1.040  12.067  -3.704  1.00 12.13 ? 177 VAL A CG2 1 
ATOM   863  N N   . TYR A 1 123 ? -3.901  14.296  -2.022  1.00 9.62  ? 178 TYR A N   1 
ATOM   864  C CA  . TYR A 1 123 ? -4.005  15.018  -0.761  1.00 9.55  ? 178 TYR A CA  1 
ATOM   865  C C   . TYR A 1 123 ? -4.088  14.025  0.430   1.00 15.38 ? 178 TYR A C   1 
ATOM   866  O O   . TYR A 1 123 ? -4.525  12.885  0.258   1.00 11.34 ? 178 TYR A O   1 
ATOM   867  C CB  . TYR A 1 123 ? -5.345  15.824  -0.713  1.00 6.93  ? 178 TYR A CB  1 
ATOM   868  C CG  . TYR A 1 123 ? -5.452  16.766  -1.851  1.00 18.50 ? 178 TYR A CG  1 
ATOM   869  C CD1 . TYR A 1 123 ? -6.176  16.375  -2.986  1.00 17.80 ? 178 TYR A CD1 1 
ATOM   870  C CD2 . TYR A 1 123 ? -4.715  17.989  -1.854  1.00 11.83 ? 178 TYR A CD2 1 
ATOM   871  C CE1 . TYR A 1 123 ? -6.266  17.213  -4.101  1.00 19.50 ? 178 TYR A CE1 1 
ATOM   872  C CE2 . TYR A 1 123 ? -4.782  18.804  -2.995  1.00 23.33 ? 178 TYR A CE2 1 
ATOM   873  C CZ  . TYR A 1 123 ? -5.555  18.407  -4.081  1.00 26.52 ? 178 TYR A CZ  1 
ATOM   874  O OH  . TYR A 1 123 ? -5.599  19.290  -5.128  1.00 30.89 ? 178 TYR A OH  1 
ATOM   875  N N   . GLY A 1 124 ? -3.683  14.542  1.529   1.00 9.32  ? 179 GLY A N   1 
ATOM   876  C CA  . GLY A 1 124 ? -3.656  14.044  2.855   1.00 13.90 ? 179 GLY A CA  1 
ATOM   877  C C   . GLY A 1 124 ? -2.778  12.803  3.018   1.00 10.37 ? 179 GLY A C   1 
ATOM   878  O O   . GLY A 1 124 ? -3.178  11.895  3.663   1.00 14.48 ? 179 GLY A O   1 
ATOM   879  N N   . MET A 1 125 ? -1.626  12.807  2.505   1.00 7.74  ? 180 MET A N   1 
ATOM   880  C CA  . MET A 1 125 ? -0.706  11.730  2.450   1.00 8.31  ? 180 MET A CA  1 
ATOM   881  C C   . MET A 1 125 ? 0.242   11.733  3.654   1.00 6.38  ? 180 MET A C   1 
ATOM   882  O O   . MET A 1 125 ? 0.656   12.808  4.139   1.00 13.13 ? 180 MET A O   1 
ATOM   883  C CB  . MET A 1 125 ? 0.062   11.759  1.107   1.00 10.01 ? 180 MET A CB  1 
ATOM   884  C CG  . MET A 1 125 ? -0.953  11.828  -0.032  1.00 7.08  ? 180 MET A CG  1 
ATOM   885  S SD  . MET A 1 125 ? -1.756  10.183  -0.258  1.00 21.47 ? 180 MET A SD  1 
ATOM   886  C CE  . MET A 1 125 ? -0.499  9.380   -1.187  1.00 11.17 ? 180 MET A CE  1 
ATOM   887  N N   . ILE A 1 126 ? 0.512   10.503  4.116   1.00 13.97 ? 181 ILE A N   1 
ATOM   888  C CA  . ILE A 1 126 ? 1.495   10.298  5.193   1.00 9.85  ? 181 ILE A CA  1 
ATOM   889  C C   . ILE A 1 126 ? 2.855   10.454  4.457   1.00 10.62 ? 181 ILE A C   1 
ATOM   890  O O   . ILE A 1 126 ? 3.154   9.957   3.374   1.00 15.25 ? 181 ILE A O   1 
ATOM   891  C CB  . ILE A 1 126 ? 1.521   8.905   5.859   1.00 8.56  ? 181 ILE A CB  1 
ATOM   892  C CG1 . ILE A 1 126 ? 0.128   8.626   6.491   1.00 10.31 ? 181 ILE A CG1 1 
ATOM   893  C CG2 . ILE A 1 126 ? 2.662   8.693   6.889   1.00 8.93  ? 181 ILE A CG2 1 
ATOM   894  C CD1 . ILE A 1 126 ? -0.129  7.044   6.660   1.00 11.81 ? 181 ILE A CD1 1 
ATOM   895  N N   . GLN A 1 127 ? 3.736   11.175  5.168   1.00 13.68 ? 182 GLN A N   1 
ATOM   896  C CA  . GLN A 1 127 ? 5.088   11.447  4.643   1.00 12.79 ? 182 GLN A CA  1 
ATOM   897  C C   . GLN A 1 127 ? 6.115   10.728  5.440   1.00 7.00  ? 182 GLN A C   1 
ATOM   898  O O   . GLN A 1 127 ? 6.039   10.783  6.706   1.00 13.07 ? 182 GLN A O   1 
ATOM   899  C CB  . GLN A 1 127 ? 5.287   12.999  4.599   1.00 13.39 ? 182 GLN A CB  1 
ATOM   900  C CG  . GLN A 1 127 ? 6.725   13.160  3.997   1.00 17.10 ? 182 GLN A CG  1 
ATOM   901  C CD  . GLN A 1 127 ? 7.227   14.558  3.799   1.00 21.67 ? 182 GLN A CD  1 
ATOM   902  O OE1 . GLN A 1 127 ? 6.686   15.612  4.038   1.00 28.77 ? 182 GLN A OE1 1 
ATOM   903  N NE2 . GLN A 1 127 ? 8.468   14.529  3.267   1.00 34.25 ? 182 GLN A NE2 1 
ATOM   904  N N   . THR A 1 128 ? 7.092   10.038  4.836   1.00 13.15 ? 183 THR A N   1 
ATOM   905  C CA  . THR A 1 128 ? 8.158   9.365   5.553   1.00 9.76  ? 183 THR A CA  1 
ATOM   906  C C   . THR A 1 128 ? 9.517   9.530   4.899   1.00 8.03  ? 183 THR A C   1 
ATOM   907  O O   . THR A 1 128 ? 9.655   9.956   3.700   1.00 11.89 ? 183 THR A O   1 
ATOM   908  C CB  . THR A 1 128 ? 7.963   7.794   5.758   1.00 5.65  ? 183 THR A CB  1 
ATOM   909  O OG1 . THR A 1 128 ? 8.389   7.152   4.581   1.00 10.48 ? 183 THR A OG1 1 
ATOM   910  C CG2 . THR A 1 128 ? 6.489   7.483   6.133   1.00 5.17  ? 183 THR A CG2 1 
ATOM   911  N N   . ASN A 1 129 ? 10.554  9.121   5.657   1.00 13.64 ? 184 ASN A N   1 
ATOM   912  C CA  . ASN A 1 129 ? 11.931  9.182   5.102   1.00 15.53 ? 184 ASN A CA  1 
ATOM   913  C C   . ASN A 1 129 ? 12.341  7.794   4.665   1.00 15.82 ? 184 ASN A C   1 
ATOM   914  O O   . ASN A 1 129 ? 13.498  7.452   4.662   1.00 17.32 ? 184 ASN A O   1 
ATOM   915  C CB  . ASN A 1 129 ? 12.865  9.847   6.130   1.00 15.45 ? 184 ASN A CB  1 
ATOM   916  C CG  . ASN A 1 129 ? 13.019  8.999   7.372   1.00 19.82 ? 184 ASN A CG  1 
ATOM   917  O OD1 . ASN A 1 129 ? 12.527  7.885   7.469   1.00 16.03 ? 184 ASN A OD1 1 
ATOM   918  N ND2 . ASN A 1 129 ? 13.739  9.522   8.371   1.00 21.12 ? 184 ASN A ND2 1 
ATOM   919  N N   . VAL A 1 130 ? 11.355  6.923   4.354   1.00 20.15 ? 190 VAL A N   1 
ATOM   920  C CA  . VAL A 1 130 ? 11.610  5.579   3.891   1.00 14.34 ? 190 VAL A CA  1 
ATOM   921  C C   . VAL A 1 130 ? 11.704  5.612   2.378   1.00 15.18 ? 190 VAL A C   1 
ATOM   922  O O   . VAL A 1 130 ? 10.916  6.325   1.739   1.00 17.51 ? 190 VAL A O   1 
ATOM   923  C CB  . VAL A 1 130 ? 10.584  4.532   4.397   1.00 14.17 ? 190 VAL A CB  1 
ATOM   924  C CG1 . VAL A 1 130 ? 10.972  3.148   3.913   1.00 11.74 ? 190 VAL A CG1 1 
ATOM   925  C CG2 . VAL A 1 130 ? 10.299  4.702   5.839   1.00 12.54 ? 190 VAL A CG2 1 
ATOM   926  N N   . CYS A 1 131 ? 12.634  4.832   1.864   1.00 18.07 ? 191 CYS A N   1 
ATOM   927  C CA  . CYS A 1 131 ? 12.823  4.791   0.405   1.00 16.42 ? 191 CYS A CA  1 
ATOM   928  C C   . CYS A 1 131 ? 11.876  3.803   -0.263  1.00 13.97 ? 191 CYS A C   1 
ATOM   929  O O   . CYS A 1 131 ? 11.339  2.906   0.401   1.00 15.75 ? 191 CYS A O   1 
ATOM   930  C CB  . CYS A 1 131 ? 14.288  4.435   0.136   1.00 15.23 ? 191 CYS A CB  1 
ATOM   931  S SG  . CYS A 1 131 ? 14.782  2.680   0.447   1.00 17.48 ? 191 CYS A SG  1 
ATOM   932  N N   . ALA A 1 132 ? 11.674  4.015   -1.590  1.00 12.00 ? 192 ALA A N   1 
ATOM   933  C CA  . ALA A 1 132 ? 10.848  3.066   -2.379  1.00 13.40 ? 192 ALA A CA  1 
ATOM   934  C C   . ALA A 1 132 ? 11.291  3.191   -3.825  1.00 12.28 ? 192 ALA A C   1 
ATOM   935  O O   . ALA A 1 132 ? 12.014  4.136   -4.168  1.00 14.58 ? 192 ALA A O   1 
ATOM   936  C CB  . ALA A 1 132 ? 9.354   3.324   -2.169  1.00 14.22 ? 192 ALA A CB  1 
ATOM   937  N N   . GLN A 1 133 A 10.878  2.266   -4.666  1.00 14.84 ? 192 GLN A N   1 
ATOM   938  C CA  . GLN A 1 133 A 11.168  2.282   -6.116  1.00 14.34 ? 192 GLN A CA  1 
ATOM   939  C C   . GLN A 1 133 A 9.923   1.803   -6.821  1.00 14.85 ? 192 GLN A C   1 
ATOM   940  O O   . GLN A 1 133 A 8.926   1.291   -6.289  1.00 14.87 ? 192 GLN A O   1 
ATOM   941  C CB  . GLN A 1 133 A 12.432  1.469   -6.447  1.00 15.66 ? 192 GLN A CB  1 
ATOM   942  C CG  . GLN A 1 133 A 13.608  1.962   -5.580  1.00 21.67 ? 192 GLN A CG  1 
ATOM   943  C CD  . GLN A 1 133 A 14.934  1.329   -5.718  1.00 24.99 ? 192 GLN A CD  1 
ATOM   944  O OE1 . GLN A 1 133 A 15.953  1.717   -5.081  1.00 19.79 ? 192 GLN A OE1 1 
ATOM   945  N NE2 . GLN A 1 133 A 15.115  0.300   -6.538  1.00 27.10 ? 192 GLN A NE2 1 
ATOM   946  N N   . PRO A 1 134 B 9.902   1.962   -8.150  1.00 15.80 ? 192 PRO A N   1 
ATOM   947  C CA  . PRO A 1 134 B 8.811   1.550   -9.031  1.00 13.50 ? 192 PRO A CA  1 
ATOM   948  C C   . PRO A 1 134 B 8.633   0.075   -8.766  1.00 14.29 ? 192 PRO A C   1 
ATOM   949  O O   . PRO A 1 134 B 9.597   -0.662  -8.583  1.00 15.11 ? 192 PRO A O   1 
ATOM   950  C CB  . PRO A 1 134 B 9.233   1.894   -10.478 1.00 14.85 ? 192 PRO A CB  1 
ATOM   951  C CG  . PRO A 1 134 B 10.252  2.976   -10.207 1.00 8.14  ? 192 PRO A CG  1 
ATOM   952  C CD  . PRO A 1 134 B 11.013  2.634   -8.932  1.00 16.96 ? 192 PRO A CD  1 
ATOM   953  N N   . GLY A 1 135 ? 7.332   -0.334  -8.663  1.00 12.91 ? 193 GLY A N   1 
ATOM   954  C CA  . GLY A 1 135 ? 7.017   -1.731  -8.298  1.00 11.29 ? 193 GLY A CA  1 
ATOM   955  C C   . GLY A 1 135 ? 6.589   -1.804  -6.831  1.00 14.26 ? 193 GLY A C   1 
ATOM   956  O O   . GLY A 1 135 ? 5.884   -2.698  -6.460  1.00 8.10  ? 193 GLY A O   1 
ATOM   957  N N   . ASP A 1 136 ? 7.002   -0.854  -6.016  1.00 7.23  ? 194 ASP A N   1 
ATOM   958  C CA  . ASP A 1 136 ? 6.714   -0.869  -4.584  1.00 7.01  ? 194 ASP A CA  1 
ATOM   959  C C   . ASP A 1 136 ? 5.353   -0.299  -4.241  1.00 6.87  ? 194 ASP A C   1 
ATOM   960  O O   . ASP A 1 136 ? 4.899   -0.489  -3.108  1.00 8.17  ? 194 ASP A O   1 
ATOM   961  C CB  . ASP A 1 136 ? 7.776   -0.099  -3.746  1.00 11.10 ? 194 ASP A CB  1 
ATOM   962  C CG  . ASP A 1 136 ? 9.047   -0.918  -3.593  1.00 15.00 ? 194 ASP A CG  1 
ATOM   963  O OD1 . ASP A 1 136 ? 10.116  -0.281  -3.459  1.00 10.67 ? 194 ASP A OD1 1 
ATOM   964  O OD2 . ASP A 1 136 ? 9.157   -2.156  -3.708  1.00 10.51 ? 194 ASP A OD2 1 
ATOM   965  N N   . SER A 1 137 ? 4.766   0.391   -5.179  1.00 12.50 ? 195 SER A N   1 
ATOM   966  C CA  . SER A 1 137 ? 3.453   0.994   -4.932  1.00 6.20  ? 195 SER A CA  1 
ATOM   967  C C   . SER A 1 137 ? 2.342   -0.027  -4.543  1.00 8.74  ? 195 SER A C   1 
ATOM   968  O O   . SER A 1 137 ? 2.286   -1.076  -5.133  1.00 4.43  ? 195 SER A O   1 
ATOM   969  C CB  . SER A 1 137 ? 3.034   1.782   -6.193  1.00 9.42  ? 195 SER A CB  1 
ATOM   970  O OG  . SER A 1 137 ? 4.000   2.872   -6.267  1.00 15.76 ? 195 SER A OG  1 
ATOM   971  N N   . GLY A 1 138 ? 1.578   0.418   -3.625  1.00 8.25  ? 196 GLY A N   1 
ATOM   972  C CA  . GLY A 1 138 ? 0.446   -0.285  -3.035  1.00 9.16  ? 196 GLY A CA  1 
ATOM   973  C C   . GLY A 1 138 ? 0.866   -1.118  -1.836  1.00 10.68 ? 196 GLY A C   1 
ATOM   974  O O   . GLY A 1 138 ? -0.133  -1.582  -1.166  1.00 9.23  ? 196 GLY A O   1 
ATOM   975  N N   . GLY A 1 139 ? 2.144   -1.280  -1.662  1.00 5.54  ? 197 GLY A N   1 
ATOM   976  C CA  . GLY A 1 139 ? 2.647   -2.173  -0.555  1.00 5.52  ? 197 GLY A CA  1 
ATOM   977  C C   . GLY A 1 139 ? 2.421   -1.540  0.784   1.00 8.16  ? 197 GLY A C   1 
ATOM   978  O O   . GLY A 1 139 ? 2.029   -0.433  1.019   1.00 5.40  ? 197 GLY A O   1 
ATOM   979  N N   . SER A 1 140 ? 2.573   -2.262  1.877   1.00 5.29  ? 198 SER A N   1 
ATOM   980  C CA  . SER A 1 140 ? 2.316   -1.963  3.251   1.00 8.96  ? 198 SER A CA  1 
ATOM   981  C C   . SER A 1 140 ? 3.182   -1.032  4.040   1.00 10.66 ? 198 SER A C   1 
ATOM   982  O O   . SER A 1 140 ? 4.348   -1.276  3.981   1.00 8.26  ? 198 SER A O   1 
ATOM   983  C CB  . SER A 1 140 ? 2.499   -3.390  3.968   1.00 10.99 ? 198 SER A CB  1 
ATOM   984  O OG  . SER A 1 140 ? 2.018   -4.397  3.123   1.00 7.65  ? 198 SER A OG  1 
ATOM   985  N N   . LEU A 1 141 ? 2.547   -0.109  4.768   1.00 7.77  ? 199 LEU A N   1 
ATOM   986  C CA  . LEU A 1 141 ? 3.264   0.803   5.663   1.00 8.60  ? 199 LEU A CA  1 
ATOM   987  C C   . LEU A 1 141 ? 2.621   0.298   7.002   1.00 6.33  ? 199 LEU A C   1 
ATOM   988  O O   . LEU A 1 141 ? 1.388   0.270   7.062   1.00 7.32  ? 199 LEU A O   1 
ATOM   989  C CB  . LEU A 1 141 ? 3.114   2.289   5.425   1.00 9.77  ? 199 LEU A CB  1 
ATOM   990  C CG  . LEU A 1 141 ? 4.007   3.102   6.400   1.00 5.81  ? 199 LEU A CG  1 
ATOM   991  C CD1 . LEU A 1 141 ? 5.419   3.093   5.842   1.00 5.61  ? 199 LEU A CD1 1 
ATOM   992  C CD2 . LEU A 1 141 ? 3.442   4.463   6.560   1.00 9.54  ? 199 LEU A CD2 1 
ATOM   993  N N   . PHE A 1 142 ? 3.457   -0.157  7.907   1.00 7.57  ? 200 PHE A N   1 
ATOM   994  C CA  . PHE A 1 142 ? 2.949   -0.707  9.181   1.00 10.36 ? 200 PHE A CA  1 
ATOM   995  C C   . PHE A 1 142 ? 3.918   -0.419  10.337  1.00 6.84  ? 200 PHE A C   1 
ATOM   996  O O   . PHE A 1 142 ? 5.071   -0.084  10.143  1.00 10.75 ? 200 PHE A O   1 
ATOM   997  C CB  . PHE A 1 142 ? 2.730   -2.231  9.004   1.00 4.61  ? 200 PHE A CB  1 
ATOM   998  C CG  . PHE A 1 142 ? 3.973   -2.981  8.638   1.00 11.86 ? 200 PHE A CG  1 
ATOM   999  C CD1 . PHE A 1 142 ? 4.570   -3.706  9.678   1.00 13.64 ? 200 PHE A CD1 1 
ATOM   1000 C CD2 . PHE A 1 142 ? 4.533   -2.970  7.368   1.00 8.20  ? 200 PHE A CD2 1 
ATOM   1001 C CE1 . PHE A 1 142 ? 5.710   -4.428  9.513   1.00 10.20 ? 200 PHE A CE1 1 
ATOM   1002 C CE2 . PHE A 1 142 ? 5.736   -3.724  7.157   1.00 7.31  ? 200 PHE A CE2 1 
ATOM   1003 C CZ  . PHE A 1 142 ? 6.271   -4.453  8.232   1.00 10.37 ? 200 PHE A CZ  1 
ATOM   1004 N N   . ALA A 1 143 ? 3.414   -0.642  11.547  1.00 12.23 ? 201 ALA A N   1 
ATOM   1005 C CA  . ALA A 1 143 ? 4.212   -0.438  12.780  1.00 11.56 ? 201 ALA A CA  1 
ATOM   1006 C C   . ALA A 1 143 ? 3.827   -1.649  13.627  1.00 4.27  ? 201 ALA A C   1 
ATOM   1007 O O   . ALA A 1 143 ? 2.714   -1.627  14.192  1.00 12.66 ? 201 ALA A O   1 
ATOM   1008 C CB  . ALA A 1 143 ? 3.820   0.856   13.452  1.00 18.02 ? 201 ALA A CB  1 
ATOM   1009 N N   . GLY A 1 144 ? 4.713   -2.623  13.527  1.00 7.96  ? 202 GLY A N   1 
ATOM   1010 C CA  . GLY A 1 144 ? 4.264   -3.877  14.366  1.00 10.51 ? 202 GLY A CA  1 
ATOM   1011 C C   . GLY A 1 144 ? 3.018   -4.420  13.619  1.00 11.85 ? 202 GLY A C   1 
ATOM   1012 O O   . GLY A 1 144 ? 2.927   -4.576  12.381  1.00 11.21 ? 202 GLY A O   1 
ATOM   1013 N N   . SER A 1 145 ? 2.068   -4.737  14.504  1.00 9.20  ? 207 SER A N   1 
ATOM   1014 C CA  . SER A 1 145 ? 0.844   -5.387  13.941  1.00 9.33  ? 207 SER A CA  1 
ATOM   1015 C C   . SER A 1 145 ? -0.259  -4.413  13.607  1.00 6.62  ? 207 SER A C   1 
ATOM   1016 O O   . SER A 1 145 ? -1.378  -4.845  13.388  1.00 4.33  ? 207 SER A O   1 
ATOM   1017 C CB  . SER A 1 145 ? 0.512   -6.493  14.907  1.00 5.67  ? 207 SER A CB  1 
ATOM   1018 O OG  . SER A 1 145 ? 0.010   -5.828  16.109  1.00 16.58 ? 207 SER A OG  1 
ATOM   1019 N N   . THR A 1 146 ? 0.098   -3.142  13.499  1.00 12.45 ? 208 THR A N   1 
ATOM   1020 C CA  . THR A 1 146 ? -0.850  -2.072  13.133  1.00 8.72  ? 208 THR A CA  1 
ATOM   1021 C C   . THR A 1 146 ? -0.507  -1.599  11.674  1.00 9.54  ? 208 THR A C   1 
ATOM   1022 O O   . THR A 1 146 ? 0.566   -1.169  11.394  1.00 8.63  ? 208 THR A O   1 
ATOM   1023 C CB  . THR A 1 146 ? -0.768  -0.910  14.200  1.00 11.08 ? 208 THR A CB  1 
ATOM   1024 O OG1 . THR A 1 146 ? -0.940  -1.417  15.571  1.00 11.14 ? 208 THR A OG1 1 
ATOM   1025 C CG2 . THR A 1 146 ? -1.737  0.238   13.862  1.00 11.90 ? 208 THR A CG2 1 
ATOM   1026 N N   . ALA A 1 147 ? -1.537  -1.707  10.813  1.00 5.23  ? 209 ALA A N   1 
ATOM   1027 C CA  . ALA A 1 147 ? -1.559  -1.256  9.427   1.00 3.27  ? 209 ALA A CA  1 
ATOM   1028 C C   . ALA A 1 147 ? -1.760  0.255   9.427   1.00 6.77  ? 209 ALA A C   1 
ATOM   1029 O O   . ALA A 1 147 ? -2.675  0.685   10.164  1.00 6.25  ? 209 ALA A O   1 
ATOM   1030 C CB  . ALA A 1 147 ? -2.694  -1.886  8.605   1.00 2.63  ? 209 ALA A CB  1 
ATOM   1031 N N   . LEU A 1 148 ? -0.887  0.903   8.598   1.00 4.55  ? 210 LEU A N   1 
ATOM   1032 C CA  . LEU A 1 148 ? -1.006  2.342   8.534   1.00 9.58  ? 210 LEU A CA  1 
ATOM   1033 C C   . LEU A 1 148 ? -1.140  2.891   7.149   1.00 6.04  ? 210 LEU A C   1 
ATOM   1034 O O   . LEU A 1 148 ? -1.852  3.864   7.116   1.00 6.46  ? 210 LEU A O   1 
ATOM   1035 C CB  . LEU A 1 148 ? 0.227   3.074   9.129   1.00 11.19 ? 210 LEU A CB  1 
ATOM   1036 C CG  . LEU A 1 148 ? 0.647   2.569   10.556  1.00 9.71  ? 210 LEU A CG  1 
ATOM   1037 C CD1 . LEU A 1 148 ? 2.127   2.856   10.643  1.00 4.44  ? 210 LEU A CD1 1 
ATOM   1038 C CD2 . LEU A 1 148 ? -0.264  3.164   11.596  1.00 7.22  ? 210 LEU A CD2 1 
ATOM   1039 N N   . GLY A 1 149 ? -0.563  2.349   6.132   1.00 5.35  ? 211 GLY A N   1 
ATOM   1040 C CA  . GLY A 1 149 ? -0.701  3.050   4.810   1.00 6.31  ? 211 GLY A CA  1 
ATOM   1041 C C   . GLY A 1 149 ? -0.329  2.145   3.658   1.00 7.17  ? 211 GLY A C   1 
ATOM   1042 O O   . GLY A 1 149 ? -0.012  1.019   3.809   1.00 5.64  ? 211 GLY A O   1 
ATOM   1043 N N   . LEU A 1 150 ? -0.559  2.792   2.488   1.00 10.17 ? 212 LEU A N   1 
ATOM   1044 C CA  . LEU A 1 150 ? -0.324  2.089   1.196   1.00 5.61  ? 212 LEU A CA  1 
ATOM   1045 C C   . LEU A 1 150 ? 0.662   2.957   0.440   1.00 3.64  ? 212 LEU A C   1 
ATOM   1046 O O   . LEU A 1 150 ? 0.412   4.216   0.293   1.00 8.07  ? 212 LEU A O   1 
ATOM   1047 C CB  . LEU A 1 150 ? -1.659  1.910   0.494   1.00 5.37  ? 212 LEU A CB  1 
ATOM   1048 C CG  . LEU A 1 150 ? -2.750  1.150   1.196   1.00 9.90  ? 212 LEU A CG  1 
ATOM   1049 C CD1 . LEU A 1 150 ? -4.055  1.555   0.433   1.00 7.52  ? 212 LEU A CD1 1 
ATOM   1050 C CD2 . LEU A 1 150 ? -2.627  -0.325  1.033   1.00 9.32  ? 212 LEU A CD2 1 
ATOM   1051 N N   . THR A 1 151 ? 1.650   2.376   -0.072  1.00 8.03  ? 213 THR A N   1 
ATOM   1052 C CA  . THR A 1 151 ? 2.714   3.163   -0.809  1.00 6.23  ? 213 THR A CA  1 
ATOM   1053 C C   . THR A 1 151 ? 2.139   3.863   -2.038  1.00 8.90  ? 213 THR A C   1 
ATOM   1054 O O   . THR A 1 151 ? 1.549   3.104   -2.822  1.00 7.17  ? 213 THR A O   1 
ATOM   1055 C CB  . THR A 1 151 ? 3.886   2.261   -1.224  1.00 6.20  ? 213 THR A CB  1 
ATOM   1056 O OG1 . THR A 1 151 ? 4.310   1.597   -0.019  1.00 10.81 ? 213 THR A OG1 1 
ATOM   1057 C CG2 . THR A 1 151 ? 5.145   3.013   -1.770  1.00 3.28  ? 213 THR A CG2 1 
ATOM   1058 N N   . SER A 1 152 ? 2.395   5.143   -2.186  1.00 11.55 ? 214 SER A N   1 
ATOM   1059 C CA  . SER A 1 152 ? 1.859   5.850   -3.352  1.00 9.55  ? 214 SER A CA  1 
ATOM   1060 C C   . SER A 1 152 ? 2.943   6.305   -4.340  1.00 13.69 ? 214 SER A C   1 
ATOM   1061 O O   . SER A 1 152 ? 2.941   6.034   -5.561  1.00 14.84 ? 214 SER A O   1 
ATOM   1062 C CB  . SER A 1 152 ? 1.120   7.052   -2.776  1.00 4.64  ? 214 SER A CB  1 
ATOM   1063 O OG  . SER A 1 152 ? 0.630   7.852   -3.903  1.00 11.50 ? 214 SER A OG  1 
ATOM   1064 N N   . GLY A 1 153 ? 3.886   7.009   -3.773  1.00 11.38 ? 215 GLY A N   1 
ATOM   1065 C CA  . GLY A 1 153 ? 5.009   7.592   -4.550  1.00 11.76 ? 215 GLY A CA  1 
ATOM   1066 C C   . GLY A 1 153 ? 6.010   8.298   -3.672  1.00 12.20 ? 215 GLY A C   1 
ATOM   1067 O O   . GLY A 1 153 ? 6.064   8.133   -2.453  1.00 13.96 ? 215 GLY A O   1 
ATOM   1068 N N   . GLY A 1 154 ? 6.825   9.105   -4.350  1.00 14.17 ? 216 GLY A N   1 
ATOM   1069 C CA  . GLY A 1 154 ? 7.887   9.897   -3.654  1.00 9.79  ? 216 GLY A CA  1 
ATOM   1070 C C   . GLY A 1 154 ? 8.959   10.311  -4.622  1.00 14.24 ? 216 GLY A C   1 
ATOM   1071 O O   . GLY A 1 154 ? 8.733   10.488  -5.790  1.00 13.59 ? 216 GLY A O   1 
ATOM   1072 N N   . SER A 1 155 ? 10.137  10.414  -4.075  1.00 11.58 ? 217 SER A N   1 
ATOM   1073 C CA  . SER A 1 155 ? 11.355  10.827  -4.795  1.00 19.77 ? 217 SER A CA  1 
ATOM   1074 C C   . SER A 1 155 ? 12.512  10.001  -4.316  1.00 20.47 ? 217 SER A C   1 
ATOM   1075 O O   . SER A 1 155 ? 12.485  9.436   -3.218  1.00 17.16 ? 217 SER A O   1 
ATOM   1076 C CB  . SER A 1 155 ? 11.579  12.324  -4.542  1.00 23.73 ? 217 SER A CB  1 
ATOM   1077 O OG  . SER A 1 155 ? 11.609  12.523  -3.151  1.00 29.06 ? 217 SER A OG  1 
ATOM   1078 N N   . GLY A 1 156 ? 13.525  9.912   -5.171  1.00 19.08 ? 218 GLY A N   1 
ATOM   1079 C CA  . GLY A 1 156 ? 14.761  9.172   -4.780  1.00 24.41 ? 218 GLY A CA  1 
ATOM   1080 C C   . GLY A 1 156 ? 14.630  7.689   -5.011  1.00 21.16 ? 218 GLY A C   1 
ATOM   1081 O O   . GLY A 1 156 ? 13.791  7.274   -5.841  1.00 24.64 ? 218 GLY A O   1 
ATOM   1082 N N   . ASN A 1 157 ? 15.466  6.946   -4.262  1.00 21.91 ? 219 ASN A N   1 
ATOM   1083 C CA  . ASN A 1 157 ? 15.496  5.512   -4.375  1.00 18.14 ? 219 ASN A CA  1 
ATOM   1084 C C   . ASN A 1 157 ? 16.163  4.890   -3.153  1.00 18.24 ? 219 ASN A C   1 
ATOM   1085 O O   . ASN A 1 157 ? 16.578  5.619   -2.295  1.00 22.53 ? 219 ASN A O   1 
ATOM   1086 C CB  . ASN A 1 157 ? 16.156  5.098   -5.730  1.00 25.42 ? 219 ASN A CB  1 
ATOM   1087 C CG  . ASN A 1 157 ? 17.561  5.781   -5.744  1.00 29.77 ? 219 ASN A CG  1 
ATOM   1088 O OD1 . ASN A 1 157 ? 18.461  5.304   -5.050  1.00 34.31 ? 219 ASN A OD1 1 
ATOM   1089 N ND2 . ASN A 1 157 ? 17.549  6.898   -6.473  1.00 36.57 ? 219 ASN A ND2 1 
ATOM   1090 N N   . CYS A 1 158 ? 16.299  3.550   -3.244  1.00 22.28 ? 220 CYS A N   1 
ATOM   1091 C CA  . CYS A 1 158 ? 16.878  2.888   -2.051  1.00 22.76 ? 220 CYS A CA  1 
ATOM   1092 C C   . CYS A 1 158 ? 18.360  2.932   -1.974  1.00 30.06 ? 220 CYS A C   1 
ATOM   1093 O O   . CYS A 1 158 ? 18.856  2.341   -0.951  1.00 29.48 ? 220 CYS A O   1 
ATOM   1094 C CB  . CYS A 1 158 ? 16.163  1.534   -2.001  1.00 21.70 ? 220 CYS A CB  1 
ATOM   1095 S SG  . CYS A 1 158 ? 14.485  1.723   -1.289  1.00 16.60 ? 220 CYS A SG  1 
ATOM   1096 N N   . ARG A 1 159 ? 19.063  3.562   -2.918  1.00 28.44 ? 221 ARG A N   1 
ATOM   1097 C CA  . ARG A 1 159 ? 20.568  3.582   -2.742  1.00 35.03 ? 221 ARG A CA  1 
ATOM   1098 C C   . ARG A 1 159 ? 20.936  4.953   -2.229  1.00 35.03 ? 221 ARG A C   1 
ATOM   1099 O O   . ARG A 1 159 ? 21.751  5.084   -1.291  1.00 40.64 ? 221 ARG A O   1 
ATOM   1100 C CB  . ARG A 1 159 ? 21.265  3.133   -4.013  1.00 37.19 ? 221 ARG A CB  1 
ATOM   1101 N N   . THR A 1 160 ? 20.303  5.957   -2.797  1.00 35.73 ? 222 THR A N   1 
ATOM   1102 C CA  . THR A 1 160 ? 20.545  7.352   -2.407  1.00 36.30 ? 222 THR A CA  1 
ATOM   1103 C C   . THR A 1 160 ? 19.597  7.751   -1.292  1.00 37.52 ? 222 THR A C   1 
ATOM   1104 O O   . THR A 1 160 ? 19.828  8.794   -0.652  1.00 35.86 ? 222 THR A O   1 
ATOM   1105 C CB  . THR A 1 160 ? 20.456  8.345   -3.620  1.00 38.09 ? 222 THR A CB  1 
ATOM   1106 O OG1 . THR A 1 160 ? 19.110  8.960   -3.649  1.00 45.12 ? 222 THR A OG1 1 
ATOM   1107 C CG2 . THR A 1 160 ? 20.799  7.703   -4.974  1.00 43.63 ? 222 THR A CG2 1 
ATOM   1108 N N   . GLY A 1 161 ? 18.566  6.936   -1.146  1.00 34.94 ? 223 GLY A N   1 
ATOM   1109 C CA  . GLY A 1 161 ? 17.492  7.191   -0.150  1.00 30.47 ? 223 GLY A CA  1 
ATOM   1110 C C   . GLY A 1 161 ? 16.517  8.200   -0.825  1.00 29.89 ? 223 GLY A C   1 
ATOM   1111 O O   . GLY A 1 161 ? 16.825  8.672   -1.960  1.00 28.04 ? 223 GLY A O   1 
ATOM   1112 N N   . GLY A 1 162 ? 15.405  8.430   -0.137  1.00 24.52 ? 224 GLY A N   1 
ATOM   1113 C CA  . GLY A 1 162 ? 14.395  9.356   -0.658  1.00 26.01 ? 224 GLY A CA  1 
ATOM   1114 C C   . GLY A 1 162 ? 13.251  9.570   0.317   1.00 20.42 ? 224 GLY A C   1 
ATOM   1115 O O   . GLY A 1 162 ? 13.317  9.201   1.492   1.00 24.34 ? 224 GLY A O   1 
ATOM   1116 N N   . THR A 1 163 ? 12.200  10.219  -0.172  1.00 22.37 ? 225 THR A N   1 
ATOM   1117 C CA  . THR A 1 163 ? 10.990  10.609  0.548   1.00 16.69 ? 225 THR A CA  1 
ATOM   1118 C C   . THR A 1 163 ? 9.807   9.786   0.005   1.00 22.30 ? 225 THR A C   1 
ATOM   1119 O O   . THR A 1 163 ? 9.784   9.633   -1.215  1.00 23.44 ? 225 THR A O   1 
ATOM   1120 C CB  . THR A 1 163 ? 10.764  12.126  0.434   1.00 16.34 ? 225 THR A CB  1 
ATOM   1121 O OG1 . THR A 1 163 ? 11.882  12.635  1.193   1.00 30.60 ? 225 THR A OG1 1 
ATOM   1122 C CG2 . THR A 1 163 ? 9.492   12.765  1.005   1.00 23.09 ? 225 THR A CG2 1 
ATOM   1123 N N   . THR A 1 164 ? 9.003   9.275   0.884   1.00 14.28 ? 226 THR A N   1 
ATOM   1124 C CA  . THR A 1 164 ? 7.851   8.488   0.322   1.00 14.38 ? 226 THR A CA  1 
ATOM   1125 C C   . THR A 1 164 ? 6.609   8.956   0.990   1.00 8.85  ? 226 THR A C   1 
ATOM   1126 O O   . THR A 1 164 ? 6.546   9.459   2.128   1.00 10.55 ? 226 THR A O   1 
ATOM   1127 C CB  . THR A 1 164 ? 8.143   6.969   0.229   1.00 19.98 ? 226 THR A CB  1 
ATOM   1128 O OG1 . THR A 1 164 ? 8.422   6.474   1.570   1.00 16.49 ? 226 THR A OG1 1 
ATOM   1129 C CG2 . THR A 1 164 ? 9.307   6.745   -0.763  1.00 18.15 ? 226 THR A CG2 1 
ATOM   1130 N N   . PHE A 1 165 ? 5.532   8.841   0.131   1.00 5.77  ? 227 PHE A N   1 
ATOM   1131 C CA  . PHE A 1 165 ? 4.172   9.273   0.642   1.00 6.06  ? 227 PHE A CA  1 
ATOM   1132 C C   . PHE A 1 165 ? 3.238   8.050   0.596   1.00 7.29  ? 227 PHE A C   1 
ATOM   1133 O O   . PHE A 1 165 ? 3.324   7.246   -0.309  1.00 7.28  ? 227 PHE A O   1 
ATOM   1134 C CB  . PHE A 1 165 ? 3.617   10.349  -0.289  1.00 13.62 ? 227 PHE A CB  1 
ATOM   1135 C CG  . PHE A 1 165 ? 4.530   11.575  -0.173  1.00 11.63 ? 227 PHE A CG  1 
ATOM   1136 C CD1 . PHE A 1 165 ? 5.526   11.708  -1.124  1.00 17.75 ? 227 PHE A CD1 1 
ATOM   1137 C CD2 . PHE A 1 165 ? 4.346   12.490  0.819   1.00 17.12 ? 227 PHE A CD2 1 
ATOM   1138 C CE1 . PHE A 1 165 ? 6.392   12.818  -1.084  1.00 18.29 ? 227 PHE A CE1 1 
ATOM   1139 C CE2 . PHE A 1 165 ? 5.192   13.640  0.901   1.00 13.95 ? 227 PHE A CE2 1 
ATOM   1140 C CZ  . PHE A 1 165 ? 6.193   13.768  -0.079  1.00 25.03 ? 227 PHE A CZ  1 
ATOM   1141 N N   . TYR A 1 166 ? 2.414   7.941   1.632   1.00 8.75  ? 228 TYR A N   1 
ATOM   1142 C CA  . TYR A 1 166 ? 1.478   6.782   1.688   1.00 7.74  ? 228 TYR A CA  1 
ATOM   1143 C C   . TYR A 1 166 ? 0.078   7.258   1.891   1.00 5.87  ? 228 TYR A C   1 
ATOM   1144 O O   . TYR A 1 166 ? -0.237  8.270   2.554   1.00 6.97  ? 228 TYR A O   1 
ATOM   1145 C CB  . TYR A 1 166 ? 1.735   5.882   2.973   1.00 9.98  ? 228 TYR A CB  1 
ATOM   1146 C CG  . TYR A 1 166 ? 3.202   5.469   2.881   1.00 9.09  ? 228 TYR A CG  1 
ATOM   1147 C CD1 . TYR A 1 166 ? 3.534   4.195   2.428   1.00 2.80  ? 228 TYR A CD1 1 
ATOM   1148 C CD2 . TYR A 1 166 ? 4.179   6.348   3.166   1.00 5.23  ? 228 TYR A CD2 1 
ATOM   1149 C CE1 . TYR A 1 166 ? 4.831   3.776   2.243   1.00 2.00  ? 228 TYR A CE1 1 
ATOM   1150 C CE2 . TYR A 1 166 ? 5.537   5.969   2.968   1.00 4.73  ? 228 TYR A CE2 1 
ATOM   1151 C CZ  . TYR A 1 166 ? 5.830   4.729   2.525   1.00 6.31  ? 228 TYR A CZ  1 
ATOM   1152 O OH  . TYR A 1 166 ? 7.166   4.438   2.391   1.00 12.75 ? 228 TYR A OH  1 
ATOM   1153 N N   . GLN A 1 167 ? -0.836  6.467   1.292   1.00 4.95  ? 229 GLN A N   1 
ATOM   1154 C CA  . GLN A 1 167 ? -2.302  6.755   1.496   1.00 6.14  ? 229 GLN A CA  1 
ATOM   1155 C C   . GLN A 1 167 ? -2.645  6.136   2.839   1.00 2.00  ? 229 GLN A C   1 
ATOM   1156 O O   . GLN A 1 167 ? -2.361  4.952   3.098   1.00 5.87  ? 229 GLN A O   1 
ATOM   1157 C CB  . GLN A 1 167 ? -3.136  6.084   0.377   1.00 4.57  ? 229 GLN A CB  1 
ATOM   1158 C CG  . GLN A 1 167 ? -4.614  5.790   0.595   1.00 10.51 ? 229 GLN A CG  1 
ATOM   1159 C CD  . GLN A 1 167 ? -5.446  7.055   0.618   1.00 8.00  ? 229 GLN A CD  1 
ATOM   1160 O OE1 . GLN A 1 167 ? -5.483  7.807   -0.333  1.00 8.97  ? 229 GLN A OE1 1 
ATOM   1161 N NE2 . GLN A 1 167 ? -6.127  7.242   1.773   1.00 6.54  ? 229 GLN A NE2 1 
ATOM   1162 N N   . PRO A 1 168 ? -3.246  6.853   3.768   1.00 6.40  ? 230 PRO A N   1 
ATOM   1163 C CA  . PRO A 1 168 ? -3.676  6.389   5.046   1.00 3.33  ? 230 PRO A CA  1 
ATOM   1164 C C   . PRO A 1 168 ? -4.691  5.198   4.871   1.00 7.56  ? 230 PRO A C   1 
ATOM   1165 O O   . PRO A 1 168 ? -5.651  5.386   4.059   1.00 4.95  ? 230 PRO A O   1 
ATOM   1166 C CB  . PRO A 1 168 ? -4.320  7.567   5.727   1.00 8.22  ? 230 PRO A CB  1 
ATOM   1167 C CG  . PRO A 1 168 ? -3.654  8.754   5.027   1.00 4.89  ? 230 PRO A CG  1 
ATOM   1168 C CD  . PRO A 1 168 ? -3.571  8.296   3.569   1.00 4.00  ? 230 PRO A CD  1 
ATOM   1169 N N   . VAL A 1 169 ? -4.396  4.088   5.488   1.00 8.98  ? 231 VAL A N   1 
ATOM   1170 C CA  . VAL A 1 169 ? -5.193  2.887   5.321   1.00 9.26  ? 231 VAL A CA  1 
ATOM   1171 C C   . VAL A 1 169 ? -6.628  2.985   5.914   1.00 10.33 ? 231 VAL A C   1 
ATOM   1172 O O   . VAL A 1 169 ? -7.581  2.356   5.377   1.00 11.30 ? 231 VAL A O   1 
ATOM   1173 C CB  . VAL A 1 169 ? -4.411  1.552   5.752   1.00 6.67  ? 231 VAL A CB  1 
ATOM   1174 C CG1 . VAL A 1 169 ? -4.501  1.265   7.212   1.00 2.00  ? 231 VAL A CG1 1 
ATOM   1175 C CG2 . VAL A 1 169 ? -4.945  0.383   4.919   1.00 10.31 ? 231 VAL A CG2 1 
ATOM   1176 N N   . THR A 1 170 ? -6.751  3.743   6.977   1.00 5.64  ? 232 THR A N   1 
ATOM   1177 C CA  . THR A 1 170 ? -8.147  3.858   7.504   1.00 6.58  ? 232 THR A CA  1 
ATOM   1178 C C   . THR A 1 170 ? -9.097  4.507   6.557   1.00 4.93  ? 232 THR A C   1 
ATOM   1179 O O   . THR A 1 170 ? -10.301 4.187   6.589   1.00 9.85  ? 232 THR A O   1 
ATOM   1180 C CB  . THR A 1 170 ? -8.090  4.525   8.928   1.00 14.05 ? 232 THR A CB  1 
ATOM   1181 O OG1 . THR A 1 170 ? -7.398  5.785   8.495   1.00 19.54 ? 232 THR A OG1 1 
ATOM   1182 C CG2 . THR A 1 170 ? -7.257  3.846   9.989   1.00 15.69 ? 232 THR A CG2 1 
ATOM   1183 N N   . GLU A 1 171 ? -8.730  5.469   5.685   1.00 7.50  ? 233 GLU A N   1 
ATOM   1184 C CA  . GLU A 1 171 ? -9.620  6.090   4.725   1.00 12.71 ? 233 GLU A CA  1 
ATOM   1185 C C   . GLU A 1 171 ? -10.003 5.068   3.638   1.00 8.46  ? 233 GLU A C   1 
ATOM   1186 O O   . GLU A 1 171 ? -11.142 5.071   3.233   1.00 9.56  ? 233 GLU A O   1 
ATOM   1187 C CB  . GLU A 1 171 ? -9.052  7.359   4.176   1.00 11.84 ? 233 GLU A CB  1 
ATOM   1188 C CG  . GLU A 1 171 ? -9.547  8.154   3.056   1.00 33.00 ? 233 GLU A CG  1 
ATOM   1189 C CD  . GLU A 1 171 ? -8.730  9.204   2.378   1.00 36.16 ? 233 GLU A CD  1 
ATOM   1190 O OE1 . GLU A 1 171 ? -7.535  9.409   2.463   1.00 37.46 ? 233 GLU A OE1 1 
ATOM   1191 O OE2 . GLU A 1 171 ? -9.511  9.929   1.661   1.00 52.69 ? 233 GLU A OE2 1 
ATOM   1192 N N   . ALA A 1 172 ? -9.104  4.205   3.212   1.00 8.45  ? 234 ALA A N   1 
ATOM   1193 C CA  . ALA A 1 172 ? -9.447  3.144   2.263   1.00 5.34  ? 234 ALA A CA  1 
ATOM   1194 C C   . ALA A 1 172 ? -10.382 2.139   2.935   1.00 9.46  ? 234 ALA A C   1 
ATOM   1195 O O   . ALA A 1 172 ? -11.358 1.647   2.388   1.00 8.14  ? 234 ALA A O   1 
ATOM   1196 C CB  . ALA A 1 172 ? -8.098  2.491   1.751   1.00 9.30  ? 234 ALA A CB  1 
ATOM   1197 N N   . LEU A 1 173 ? -10.136 1.764   4.197   1.00 6.05  ? 235 LEU A N   1 
ATOM   1198 C CA  . LEU A 1 173 ? -11.031 0.790   4.895   1.00 10.68 ? 235 LEU A CA  1 
ATOM   1199 C C   . LEU A 1 173 ? -12.450 1.336   5.028   1.00 14.85 ? 235 LEU A C   1 
ATOM   1200 O O   . LEU A 1 173 ? -13.449 0.643   4.819   1.00 16.51 ? 235 LEU A O   1 
ATOM   1201 C CB  . LEU A 1 173 ? -10.460 0.344   6.218   1.00 15.02 ? 235 LEU A CB  1 
ATOM   1202 C CG  . LEU A 1 173 ? -9.102  -0.369  6.221   1.00 17.24 ? 235 LEU A CG  1 
ATOM   1203 C CD1 . LEU A 1 173 ? -8.461  -0.352  7.585   1.00 8.57  ? 235 LEU A CD1 1 
ATOM   1204 C CD2 . LEU A 1 173 ? -9.215  -1.795  5.701   1.00 3.21  ? 235 LEU A CD2 1 
ATOM   1205 N N   . SER A 1 174 A -12.582 2.605   5.462   1.00 14.88 ? 235 SER A N   1 
ATOM   1206 C CA  . SER A 1 174 A -13.924 3.176   5.606   1.00 11.31 ? 235 SER A CA  1 
ATOM   1207 C C   . SER A 1 174 A -14.559 3.327   4.225   1.00 14.91 ? 235 SER A C   1 
ATOM   1208 O O   . SER A 1 174 A -15.804 3.215   4.148   1.00 17.18 ? 235 SER A O   1 
ATOM   1209 C CB  . SER A 1 174 A -14.028 4.448   6.429   1.00 11.20 ? 235 SER A CB  1 
ATOM   1210 O OG  . SER A 1 174 A -12.863 5.117   6.164   1.00 29.51 ? 235 SER A OG  1 
ATOM   1211 N N   . ALA A 1 175 ? -13.841 3.605   3.172   1.00 12.23 ? 236 ALA A N   1 
ATOM   1212 C CA  . ALA A 1 175 ? -14.430 3.773   1.847   1.00 12.74 ? 236 ALA A CA  1 
ATOM   1213 C C   . ALA A 1 175 ? -15.159 2.570   1.424   1.00 10.38 ? 236 ALA A C   1 
ATOM   1214 O O   . ALA A 1 175 ? -16.156 2.613   0.643   1.00 14.11 ? 236 ALA A O   1 
ATOM   1215 C CB  . ALA A 1 175 ? -13.233 4.163   0.874   1.00 9.15  ? 236 ALA A CB  1 
ATOM   1216 N N   . TYR A 1 176 ? -14.687 1.385   1.816   1.00 8.52  ? 237 TYR A N   1 
ATOM   1217 C CA  . TYR A 1 176 ? -15.251 0.103   1.343   1.00 5.85  ? 237 TYR A CA  1 
ATOM   1218 C C   . TYR A 1 176 ? -15.899 -0.716  2.444   1.00 8.79  ? 237 TYR A C   1 
ATOM   1219 O O   . TYR A 1 176 ? -16.290 -1.834  2.080   1.00 11.47 ? 237 TYR A O   1 
ATOM   1220 C CB  . TYR A 1 176 ? -14.090 -0.734  0.632   1.00 10.25 ? 237 TYR A CB  1 
ATOM   1221 C CG  . TYR A 1 176 ? -13.492 -0.006  -0.549  1.00 7.73  ? 237 TYR A CG  1 
ATOM   1222 C CD1 . TYR A 1 176 ? -14.282 0.505   -1.630  1.00 10.62 ? 237 TYR A CD1 1 
ATOM   1223 C CD2 . TYR A 1 176 ? -12.177 0.259   -0.629  1.00 2.00  ? 237 TYR A CD2 1 
ATOM   1224 C CE1 . TYR A 1 176 ? -13.690 1.216   -2.633  1.00 12.77 ? 237 TYR A CE1 1 
ATOM   1225 C CE2 . TYR A 1 176 ? -11.496 0.918   -1.655  1.00 7.69  ? 237 TYR A CE2 1 
ATOM   1226 C CZ  . TYR A 1 176 ? -12.310 1.441   -2.670  1.00 10.88 ? 237 TYR A CZ  1 
ATOM   1227 O OH  . TYR A 1 176 ? -11.703 2.072   -3.711  1.00 9.29  ? 237 TYR A OH  1 
ATOM   1228 N N   . GLY A 1 177 ? -15.939 -0.203  3.649   1.00 10.93 ? 238 GLY A N   1 
ATOM   1229 C CA  . GLY A 1 177 ? -16.528 -0.969  4.788   1.00 9.24  ? 238 GLY A CA  1 
ATOM   1230 C C   . GLY A 1 177 ? -15.700 -2.220  5.030   1.00 11.37 ? 238 GLY A C   1 
ATOM   1231 O O   . GLY A 1 177 ? -16.217 -3.348  5.276   1.00 12.62 ? 238 GLY A O   1 
ATOM   1232 N N   . ALA A 1 178 ? -14.381 -2.096  4.945   1.00 7.30  ? 239 ALA A N   1 
ATOM   1233 C CA  . ALA A 1 178 ? -13.487 -3.259  5.098   1.00 6.17  ? 239 ALA A CA  1 
ATOM   1234 C C   . ALA A 1 178 ? -12.804 -3.280  6.428   1.00 6.47  ? 239 ALA A C   1 
ATOM   1235 O O   . ALA A 1 178 ? -12.802 -2.222  7.111   1.00 11.30 ? 239 ALA A O   1 
ATOM   1236 C CB  . ALA A 1 178 ? -12.501 -3.157  3.923   1.00 6.83  ? 239 ALA A CB  1 
ATOM   1237 N N   . THR A 1 179 ? -12.326 -4.375  6.851   1.00 10.26 ? 240 THR A N   1 
ATOM   1238 C CA  . THR A 1 179 ? -11.573 -4.548  8.086   1.00 9.75  ? 240 THR A CA  1 
ATOM   1239 C C   . THR A 1 179 ? -10.340 -5.377  7.725   1.00 10.91 ? 240 THR A C   1 
ATOM   1240 O O   . THR A 1 179 ? -10.441 -6.303  6.947   1.00 14.16 ? 240 THR A O   1 
ATOM   1241 C CB  . THR A 1 179 ? -12.324 -5.157  9.315   1.00 18.45 ? 240 THR A CB  1 
ATOM   1242 O OG1 . THR A 1 179 ? -12.682 -6.478  8.931   1.00 20.68 ? 240 THR A OG1 1 
ATOM   1243 C CG2 . THR A 1 179 ? -13.590 -4.409  9.666   1.00 15.11 ? 240 THR A CG2 1 
ATOM   1244 N N   . VAL A 1 180 ? -9.200  -4.980  8.349   1.00 7.96  ? 241 VAL A N   1 
ATOM   1245 C CA  . VAL A 1 180 ? -7.978  -5.759  8.117   1.00 11.33 ? 241 VAL A CA  1 
ATOM   1246 C C   . VAL A 1 180 ? -8.103  -7.164  8.744   1.00 11.43 ? 241 VAL A C   1 
ATOM   1247 O O   . VAL A 1 180 ? -8.728  -7.387  9.814   1.00 9.95  ? 241 VAL A O   1 
ATOM   1248 C CB  . VAL A 1 180 ? -6.694  -5.070  8.652   1.00 17.16 ? 241 VAL A CB  1 
ATOM   1249 C CG1 . VAL A 1 180 ? -6.291  -3.854  7.858   1.00 19.54 ? 241 VAL A CG1 1 
ATOM   1250 C CG2 . VAL A 1 180 ? -6.825  -4.698  10.122  1.00 17.69 ? 241 VAL A CG2 1 
ATOM   1251 N N   . LEU A 1 181 ? -7.536  -8.096  8.004   1.00 11.04 ? 242 LEU A N   1 
ATOM   1252 C CA  . LEU A 1 181 ? -7.482  -9.509  8.439   1.00 9.42  ? 242 LEU A CA  1 
ATOM   1253 C C   . LEU A 1 181 ? -6.140  -9.702  9.254   1.00 8.23  ? 242 LEU A C   1 
ATOM   1254 O O   . LEU A 1 181 ? -5.158  -9.049  9.016   1.00 14.59 ? 242 LEU A O   1 
ATOM   1255 C CB  . LEU A 1 181 ? -7.507  -10.401 7.214   1.00 5.71  ? 242 LEU A CB  1 
ATOM   1256 C CG  . LEU A 1 181 ? -8.803  -10.647 6.491   1.00 5.48  ? 242 LEU A CG  1 
ATOM   1257 C CD1 . LEU A 1 181 ? -8.304  -11.513 5.321   1.00 4.02  ? 242 LEU A CD1 1 
ATOM   1258 C CD2 . LEU A 1 181 ? -9.764  -11.432 7.363   1.00 16.32 ? 242 LEU A CD2 1 
ATOM   1259 O OXT . LEU A 1 181 ? -6.190  -10.501 10.210  1.00 13.58 ? 242 LEU A OXT 1 
ATOM   1260 N N   . PHE B 2 1   ? 8.063   12.988  -7.597  1.00 40.76 ? 1   PHE B N   1 
ATOM   1261 C CA  . PHE B 2 1   ? 8.661   14.253  -8.107  1.00 49.04 ? 1   PHE B CA  1 
ATOM   1262 C C   . PHE B 2 1   ? 10.151  14.201  -7.750  1.00 50.54 ? 1   PHE B C   1 
ATOM   1263 O O   . PHE B 2 1   ? 10.670  13.038  -7.634  1.00 54.56 ? 1   PHE B O   1 
ATOM   1264 C CB  . PHE B 2 1   ? 7.839   15.408  -7.539  1.00 50.50 ? 1   PHE B CB  1 
ATOM   1265 C CG  . PHE B 2 1   ? 7.573   15.320  -6.038  1.00 56.33 ? 1   PHE B CG  1 
ATOM   1266 C CD1 . PHE B 2 1   ? 6.733   14.332  -5.518  1.00 58.27 ? 1   PHE B CD1 1 
ATOM   1267 C CD2 . PHE B 2 1   ? 8.547   15.833  -5.163  1.00 61.15 ? 1   PHE B CD2 1 
ATOM   1268 C CE1 . PHE B 2 1   ? 7.110   13.591  -4.377  1.00 61.34 ? 1   PHE B CE1 1 
ATOM   1269 C CE2 . PHE B 2 1   ? 8.783   15.264  -3.882  1.00 61.42 ? 1   PHE B CE2 1 
ATOM   1270 C CZ  . PHE B 2 1   ? 8.319   13.934  -3.736  1.00 61.55 ? 1   PHE B CZ  1 
ATOM   1271 O OXT . PHE B 2 1   ? 10.883  15.174  -8.174  1.00 54.23 ? 1   PHE B OXT 1 
HETATM 1272 N NE  . CSI B 2 2   ? 10.567  10.007  -10.157 1.00 50.96 ? 2   CSI B NE  1 
HETATM 1273 C CD2 . CSI B 2 2   ? 9.716   10.953  -10.622 1.00 48.02 ? 2   CSI B CD2 1 
HETATM 1274 C CD1 . CSI B 2 2   ? 10.168  8.656   -9.739  1.00 48.19 ? 2   CSI B CD1 1 
HETATM 1275 N NH  . CSI B 2 2   ? 10.119  12.136  -10.997 1.00 56.43 ? 2   CSI B NH  1 
HETATM 1276 C CB  . CSI B 2 2   ? 7.807   9.461   -9.868  1.00 26.77 ? 2   CSI B CB  1 
HETATM 1277 C CG1 . CSI B 2 2   ? 8.805   8.586   -9.128  1.00 39.02 ? 2   CSI B CG1 1 
HETATM 1278 N NG2 . CSI B 2 2   ? 8.429   10.601  -10.647 1.00 40.50 ? 2   CSI B NG2 1 
HETATM 1279 N N   . CSI B 2 2   ? 7.266   11.021  -8.115  1.00 24.52 ? 2   CSI B N   1 
HETATM 1280 C CA  . CSI B 2 2   ? 6.681   10.090  -9.058  1.00 23.90 ? 2   CSI B CA  1 
HETATM 1281 C C   . CSI B 2 2   ? 5.917   8.983   -8.331  1.00 14.76 ? 2   CSI B C   1 
HETATM 1282 O O   . CSI B 2 2   ? 6.205   8.712   -7.196  1.00 14.72 ? 2   CSI B O   1 
HETATM 1283 O O3  . CSI B 2 2   ? 6.504   12.891  -9.230  1.00 33.19 ? 2   CSI B O3  1 
HETATM 1284 C C7  . CSI B 2 2   ? 7.150   12.373  -8.298  1.00 37.20 ? 2   CSI B C7  1 
ATOM   1285 N N   . LEU B 2 3   ? 5.026   8.344   -9.094  1.00 14.94 ? 3   LEU B N   1 
ATOM   1286 C CA  . LEU B 2 3   ? 4.249   7.214   -8.506  1.00 12.52 ? 3   LEU B CA  1 
ATOM   1287 C C   . LEU B 2 3   ? 5.119   5.990   -8.406  1.00 17.40 ? 3   LEU B C   1 
ATOM   1288 O O   . LEU B 2 3   ? 5.959   5.742   -9.335  1.00 15.02 ? 3   LEU B O   1 
ATOM   1289 C CB  . LEU B 2 3   ? 3.074   6.984   -9.525  1.00 15.19 ? 3   LEU B CB  1 
ATOM   1290 C CG  . LEU B 2 3   ? 2.058   8.127   -9.420  1.00 27.18 ? 3   LEU B CG  1 
ATOM   1291 C CD1 . LEU B 2 3   ? 1.133   8.127   -10.641 1.00 34.69 ? 3   LEU B CD1 1 
ATOM   1292 C CD2 . LEU B 2 3   ? 1.269   7.994   -8.135  1.00 18.19 ? 3   LEU B CD2 1 
HETATM 1293 N N   . PHA B 2 4   ? 4.984   5.236   -7.334  1.00 6.63  ? 4   PHA B N   1 
HETATM 1294 C CA  . PHA B 2 4   ? 5.801   3.971   -7.249  1.00 13.78 ? 4   PHA B CA  1 
HETATM 1295 C C   . PHA B 2 4   ? 4.801   2.834   -7.670  1.00 12.77 ? 4   PHA B C   1 
HETATM 1296 O O   A PHA B 2 4   ? 5.299   1.496   -7.860  0.50 12.93 ? 4   PHA B O   1 
HETATM 1297 O O   B PHA B 2 4   ? 3.805   2.881   -8.961  0.50 15.07 ? 4   PHA B O   1 
HETATM 1298 C CB  . PHA B 2 4   ? 6.508   3.991   -5.942  1.00 15.08 ? 4   PHA B CB  1 
HETATM 1299 C CG  . PHA B 2 4   ? 7.734   4.889   -5.823  1.00 5.56  ? 4   PHA B CG  1 
HETATM 1300 C CD1 . PHA B 2 4   ? 8.573   5.053   -6.955  1.00 14.02 ? 4   PHA B CD1 1 
HETATM 1301 C CD2 . PHA B 2 4   ? 7.953   5.565   -4.654  1.00 20.03 ? 4   PHA B CD2 1 
HETATM 1302 C CE1 . PHA B 2 4   ? 9.692   5.878   -6.869  1.00 22.17 ? 4   PHA B CE1 1 
HETATM 1303 C CE2 . PHA B 2 4   ? 9.096   6.417   -4.572  1.00 25.65 ? 4   PHA B CE2 1 
HETATM 1304 C CZ  . PHA B 2 4   ? 9.945   6.556   -5.682  1.00 19.26 ? 4   PHA B CZ  1 
HETATM 1305 O O   . HOH C 3 .   ? -13.762 -2.625  -11.079 0.81 15.00 ? 243 HOH A O   1 
HETATM 1306 O O   . HOH C 3 .   ? 0.712   -15.779 1.838   1.00 12.88 ? 244 HOH A O   1 
HETATM 1307 O O   . HOH C 3 .   ? 3.612   13.096  16.970  0.97 25.83 ? 245 HOH A O   1 
HETATM 1308 O O   . HOH C 3 .   ? 2.971   -15.364 0.994   0.94 19.08 ? 246 HOH A O   1 
HETATM 1309 O O   . HOH C 3 .   ? 1.589   13.704  14.762  0.99 17.50 ? 247 HOH A O   1 
HETATM 1310 O O   . HOH C 3 .   ? 6.889   -15.282 0.107   0.51 8.74  ? 248 HOH A O   1 
HETATM 1311 O O   . HOH C 3 .   ? -6.725  -14.730 -4.890  1.00 8.18  ? 249 HOH A O   1 
HETATM 1312 O O   . HOH C 3 .   ? -4.467  4.750   15.646  0.67 28.90 ? 250 HOH A O   1 
HETATM 1313 O O   . HOH C 3 .   ? 3.009   17.046  9.734   0.71 15.54 ? 251 HOH A O   1 
HETATM 1314 O O   . HOH C 3 .   ? -9.565  0.908   -15.718 0.50 25.72 ? 252 HOH A O   1 
HETATM 1315 O O   . HOH C 3 .   ? 6.755   -10.568 -4.318  1.00 18.23 ? 253 HOH A O   1 
HETATM 1316 O O   . HOH C 3 .   ? -7.415  -23.949 0.937   0.67 39.93 ? 254 HOH A O   1 
HETATM 1317 O O   . HOH C 3 .   ? -0.911  -17.176 -2.056  0.57 5.56  ? 255 HOH A O   1 
HETATM 1318 O O   . HOH C 3 .   ? -7.557  17.717  5.307   0.61 33.62 ? 256 HOH A O   1 
HETATM 1319 O O   . HOH C 3 .   ? -2.477  10.483  11.146  0.66 14.24 ? 257 HOH A O   1 
HETATM 1320 O O   . HOH C 3 .   ? -4.488  -16.090 -5.892  1.00 16.49 ? 258 HOH A O   1 
HETATM 1321 O O   . HOH C 3 .   ? 3.700   -12.543 -5.601  0.90 18.33 ? 259 HOH A O   1 
HETATM 1322 O O   . HOH C 3 .   ? 11.037  11.512  12.207  0.95 43.64 ? 260 HOH A O   1 
HETATM 1323 O O   . HOH C 3 .   ? 3.214   17.519  5.287   0.93 41.17 ? 261 HOH A O   1 
HETATM 1324 O O   . HOH C 3 .   ? -10.724 -12.672 -11.663 0.88 7.97  ? 262 HOH A O   1 
HETATM 1325 O O   . HOH C 3 .   ? -7.459  -14.747 -10.328 0.85 13.87 ? 263 HOH A O   1 
HETATM 1326 O O   . HOH C 3 .   ? -1.406  22.801  -0.789  0.48 24.77 ? 264 HOH A O   1 
HETATM 1327 O O   . HOH C 3 .   ? -2.699  7.681   9.218   1.00 20.49 ? 265 HOH A O   1 
HETATM 1328 O O   . HOH C 3 .   ? -11.547 6.726   8.760   0.48 21.39 ? 266 HOH A O   1 
HETATM 1329 O O   . HOH C 3 .   ? -1.918  12.071  6.511   1.00 17.09 ? 267 HOH A O   1 
HETATM 1330 O O   . HOH C 3 .   ? -3.174  17.388  1.878   1.00 16.15 ? 268 HOH A O   1 
HETATM 1331 O O   . HOH C 3 .   ? -0.847  -3.571  -17.915 0.85 32.45 ? 269 HOH A O   1 
HETATM 1332 O O   . HOH C 3 .   ? -4.188  5.186   8.477   1.00 20.60 ? 270 HOH A O   1 
HETATM 1333 O O   . HOH C 3 .   ? -8.111  9.832   5.215   0.95 30.75 ? 271 HOH A O   1 
HETATM 1334 O O   . HOH C 3 .   ? -3.245  -5.049  -18.307 0.75 32.10 ? 272 HOH A O   1 
HETATM 1335 O O   . HOH C 3 .   ? -3.743  21.425  -3.382  0.32 10.11 ? 273 HOH A O   1 
HETATM 1336 O O   . HOH C 3 .   ? 2.998   19.075  0.933   0.50 17.57 ? 274 HOH A O   1 
HETATM 1337 O O   . HOH C 3 .   ? -4.144  -10.634 -14.991 0.42 13.83 ? 275 HOH A O   1 
HETATM 1338 O O   . HOH C 3 .   ? 10.658  13.349  4.901   0.91 25.86 ? 276 HOH A O   1 
HETATM 1339 O O   . HOH C 3 .   ? -14.541 -0.077  8.001   0.95 30.81 ? 277 HOH A O   1 
HETATM 1340 O O   . HOH C 3 .   ? 7.551   -2.686  12.934  0.70 9.83  ? 278 HOH A O   1 
HETATM 1341 O O   . HOH C 3 .   ? -16.530 -5.649  6.864   1.00 26.94 ? 279 HOH A O   1 
HETATM 1342 O O   . HOH C 3 .   ? -6.353  18.766  -7.362  0.75 14.77 ? 280 HOH A O   1 
HETATM 1343 O O   . HOH C 3 .   ? -4.938  -11.603 12.880  0.50 13.27 ? 281 HOH A O   1 
HETATM 1344 O O   . HOH C 3 .   ? 4.745   17.504  -4.692  0.73 22.10 ? 282 HOH A O   1 
HETATM 1345 O O   . HOH C 3 .   ? -12.915 -10.957 9.030   0.66 28.58 ? 283 HOH A O   1 
HETATM 1346 O O   . HOH C 3 .   ? 7.821   -6.243  12.205  0.82 55.07 ? 284 HOH A O   1 
HETATM 1347 O O   . HOH C 3 .   ? -0.141  21.654  -10.495 0.52 15.98 ? 285 HOH A O   1 
HETATM 1348 O O   . HOH C 3 .   ? -11.375 10.916  -5.221  0.79 8.86  ? 286 HOH A O   1 
HETATM 1349 O O   . HOH C 3 .   ? -3.902  -10.900 10.809  1.00 4.81  ? 287 HOH A O   1 
HETATM 1350 O O   . HOH C 3 .   ? -17.990 1.347   -1.100  1.00 19.83 ? 288 HOH A O   1 
HETATM 1351 O O   . HOH C 3 .   ? 14.199  13.905  -1.435  0.55 26.71 ? 289 HOH A O   1 
HETATM 1352 O O   . HOH C 3 .   ? -4.297  -7.626  6.771   1.00 8.65  ? 290 HOH A O   1 
HETATM 1353 O O   . HOH C 3 .   ? 15.560  7.372   2.527   0.86 20.70 ? 291 HOH A O   1 
HETATM 1354 O O   . HOH C 3 .   ? 15.914  0.205   5.801   0.63 15.25 ? 292 HOH A O   1 
HETATM 1355 O O   . HOH C 3 .   ? 14.881  3.431   3.955   1.00 23.83 ? 293 HOH A O   1 
HETATM 1356 O O   . HOH C 3 .   ? -21.187 -12.554 5.654   0.68 32.28 ? 294 HOH A O   1 
HETATM 1357 O O   . HOH C 3 .   ? -4.288  -13.398 10.225  0.50 21.76 ? 295 HOH A O   1 
HETATM 1358 O O   . HOH C 3 .   ? -5.580  15.953  -10.045 1.00 17.41 ? 296 HOH A O   1 
HETATM 1359 O O   . HOH C 3 .   ? -13.335 3.952   -4.758  1.00 10.37 ? 297 HOH A O   1 
HETATM 1360 O O   . HOH C 3 .   ? -2.077  -8.184  4.899   1.00 8.29  ? 298 HOH A O   1 
HETATM 1361 O O   . HOH C 3 .   ? 12.564  6.875   -2.515  1.00 21.29 ? 299 HOH A O   1 
HETATM 1362 O O   . HOH C 3 .   ? -0.797  17.636  -11.593 0.81 24.72 ? 300 HOH A O   1 
HETATM 1363 O O   . HOH C 3 .   ? 17.635  1.353   3.453   0.65 53.27 ? 301 HOH A O   1 
HETATM 1364 O O   . HOH C 3 .   ? -2.115  -15.717 8.099   0.95 11.56 ? 302 HOH A O   1 
HETATM 1365 O O   . HOH C 3 .   ? 5.776   -0.899  -0.544  0.96 15.43 ? 303 HOH A O   1 
HETATM 1366 O O   . HOH C 3 .   ? -15.098 -3.833  -2.399  0.80 24.05 ? 304 HOH A O   1 
HETATM 1367 O O   . HOH C 3 .   ? -16.538 -2.484  -4.182  0.67 11.14 ? 305 HOH A O   1 
HETATM 1368 O O   . HOH C 3 .   ? -16.977 -7.131  -3.895  0.84 22.42 ? 306 HOH A O   1 
HETATM 1369 O O   . HOH C 3 .   ? 13.534  -16.013 8.288   0.35 9.15  ? 307 HOH A O   1 
HETATM 1370 O O   . HOH C 3 .   ? 14.481  -6.654  2.437   0.64 9.61  ? 308 HOH A O   1 
HETATM 1371 O O   . HOH C 3 .   ? -4.897  7.065   -13.443 1.00 25.90 ? 309 HOH A O   1 
HETATM 1372 O O   . HOH C 3 .   ? -0.880  7.047   -13.281 0.82 53.45 ? 310 HOH A O   1 
HETATM 1373 O O   . HOH C 3 .   ? 5.414   -2.240  -13.464 0.85 37.20 ? 311 HOH A O   1 
HETATM 1374 O O   . HOH C 3 .   ? -3.077  5.468   -13.321 0.87 30.82 ? 312 HOH A O   1 
HETATM 1375 O O   . HOH C 3 .   ? -13.036 -13.686 -1.935  1.00 31.35 ? 313 HOH A O   1 
HETATM 1376 O O   . HOH C 3 .   ? 6.558   10.895  18.129  1.00 24.57 ? 314 HOH A O   1 
HETATM 1377 O O   . HOH C 3 .   ? 1.252   16.025  14.001  0.53 46.08 ? 315 HOH A O   1 
HETATM 1378 O O   . HOH C 3 .   ? 16.553  -4.757  -1.762  0.46 28.21 ? 316 HOH A O   1 
HETATM 1379 O O   . HOH C 3 .   ? 7.333   -17.587 2.716   0.93 45.52 ? 317 HOH A O   1 
HETATM 1380 O O   . HOH C 3 .   ? 14.366  -15.303 2.406   0.53 29.34 ? 318 HOH A O   1 
HETATM 1381 O O   . HOH C 3 .   ? -1.944  6.281   17.114  1.00 44.34 ? 319 HOH A O   1 
HETATM 1382 O O   . HOH C 3 .   ? 12.227  -13.595 0.262   0.99 42.70 ? 320 HOH A O   1 
HETATM 1383 O O   . HOH C 3 .   ? 14.496  0.761   -9.412  0.45 28.60 ? 321 HOH A O   1 
HETATM 1384 O O   . HOH C 3 .   ? 2.457   -15.763 -2.290  0.62 31.63 ? 324 HOH A O   1 
HETATM 1385 O O   . HOH C 3 .   ? 11.118  -2.190  -10.819 0.88 33.64 ? 325 HOH A O   1 
HETATM 1386 O O   . HOH C 3 .   ? 0.310   -12.062 -7.683  0.86 10.20 ? 326 HOH A O   1 
HETATM 1387 O O   . HOH C 3 .   ? -2.074  -15.525 -4.739  0.67 22.68 ? 327 HOH A O   1 
HETATM 1388 O O   . HOH C 3 .   ? -10.367 -20.756 -3.410  0.47 14.70 ? 328 HOH A O   1 
HETATM 1389 O O   . HOH C 3 .   ? -13.136 -17.075 -7.531  0.93 14.17 ? 329 HOH A O   1 
HETATM 1390 O O   . HOH C 3 .   ? -5.030  -22.381 -1.479  0.35 6.35  ? 330 HOH A O   1 
HETATM 1391 O O   . HOH C 3 .   ? 2.334   -15.096 -5.339  0.78 46.38 ? 331 HOH A O   1 
HETATM 1392 O O   . HOH C 3 .   ? -0.194  -14.137 -6.678  0.56 20.35 ? 332 HOH A O   1 
HETATM 1393 O O   . HOH C 3 .   ? 11.066  7.403   15.124  0.58 17.14 ? 333 HOH A O   1 
HETATM 1394 O O   . HOH C 3 .   ? -9.867  -3.850  -17.532 0.71 15.01 ? 334 HOH A O   1 
HETATM 1395 O O   . HOH C 3 .   ? -3.067  9.897   8.812   0.61 21.28 ? 335 HOH A O   1 
HETATM 1396 O O   . HOH C 3 .   ? 1.471   19.594  1.714   0.64 17.21 ? 336 HOH A O   1 
HETATM 1397 O O   . HOH C 3 .   ? 1.092   -2.414  17.095  0.92 23.36 ? 337 HOH A O   1 
HETATM 1398 O O   . HOH C 3 .   ? -7.868  -12.709 -12.460 1.00 29.44 ? 338 HOH A O   1 
HETATM 1399 O O   . HOH C 3 .   ? -5.001  18.190  2.249   0.37 6.49  ? 339 HOH A O   1 
HETATM 1400 O O   . HOH C 3 .   ? -1.985  -3.949  16.263  0.85 38.56 ? 340 HOH A O   1 
HETATM 1401 O O   . HOH C 3 .   ? -8.712  -2.409  13.205  0.38 9.97  ? 341 HOH A O   1 
HETATM 1402 O O   . HOH C 3 .   ? -11.468 3.396   9.418   0.58 24.80 ? 342 HOH A O   1 
HETATM 1403 O O   . HOH C 3 .   ? -5.847  11.657  4.179   0.60 17.22 ? 343 HOH A O   1 
HETATM 1404 O O   . HOH C 3 .   ? 7.978   -0.134  13.470  0.70 16.77 ? 344 HOH A O   1 
HETATM 1405 O O   . HOH C 3 .   ? -0.712  -10.958 -14.895 0.65 27.19 ? 345 HOH A O   1 
HETATM 1406 O O   . HOH C 3 .   ? 14.181  7.536   11.110  0.75 37.41 ? 346 HOH A O   1 
HETATM 1407 O O   . HOH C 3 .   ? -4.377  1.671   9.054   0.38 29.72 ? 347 HOH A O   1 
HETATM 1408 O O   . HOH C 3 .   ? -9.519  -3.068  10.547  0.74 16.30 ? 348 HOH A O   1 
HETATM 1409 O O   . HOH C 3 .   ? -13.022 7.394   3.294   0.64 13.54 ? 349 HOH A O   1 
HETATM 1410 O O   . HOH C 3 .   ? 2.555   20.670  -2.425  0.41 21.77 ? 350 HOH A O   1 
HETATM 1411 O O   . HOH C 3 .   ? -18.492 1.882   4.257   0.61 23.86 ? 351 HOH A O   1 
HETATM 1412 O O   . HOH C 3 .   ? 10.808  0.377   12.564  0.49 18.38 ? 352 HOH A O   1 
HETATM 1413 O O   . HOH C 3 .   ? -6.343  10.964  0.204   1.00 38.74 ? 353 HOH A O   1 
HETATM 1414 O O   . HOH C 3 .   ? -11.997 8.430   1.077   0.58 6.76  ? 354 HOH A O   1 
HETATM 1415 O O   . HOH C 3 .   ? -7.189  -9.792  13.372  0.76 43.28 ? 355 HOH A O   1 
HETATM 1416 O O   . HOH C 3 .   ? 13.418  11.743  3.181   0.42 13.92 ? 356 HOH A O   1 
HETATM 1417 O O   . HOH C 3 .   ? -12.998 10.381  -1.705  0.37 19.10 ? 357 HOH A O   1 
HETATM 1418 O O   . HOH C 3 .   ? 9.843   -5.977  13.930  0.25 2.00  ? 358 HOH A O   1 
HETATM 1419 O O   . HOH C 3 .   ? -15.207 -8.044  8.039   1.00 35.57 ? 359 HOH A O   1 
HETATM 1420 O O   . HOH C 3 .   ? -18.620 -3.535  5.359   0.46 6.51  ? 360 HOH A O   1 
HETATM 1421 O O   . HOH C 3 .   ? -20.423 -2.358  3.900   0.67 39.15 ? 361 HOH A O   1 
HETATM 1422 O O   . HOH C 3 .   ? 14.770  5.691   6.206   0.47 18.65 ? 362 HOH A O   1 
HETATM 1423 O O   . HOH C 3 .   ? 15.517  10.251  3.490   0.38 21.97 ? 363 HOH A O   1 
HETATM 1424 O O   . HOH C 3 .   ? -13.865 -12.893 10.714  0.63 12.87 ? 364 HOH A O   1 
HETATM 1425 O O   . HOH C 3 .   ? 14.533  -2.061  10.662  0.36 24.93 ? 365 HOH A O   1 
HETATM 1426 O O   . HOH C 3 .   ? -18.672 -2.539  1.252   0.49 11.85 ? 366 HOH A O   1 
HETATM 1427 O O   . HOH C 3 .   ? 11.703  -7.133  11.059  0.58 30.28 ? 367 HOH A O   1 
HETATM 1428 O O   . HOH C 3 .   ? 16.664  5.416   3.012   0.62 24.87 ? 368 HOH A O   1 
HETATM 1429 O O   . HOH C 3 .   ? 17.959  11.347  -1.931  0.60 27.00 ? 369 HOH A O   1 
HETATM 1430 O O   . HOH C 3 .   ? 15.018  -3.273  6.871   0.50 24.25 ? 370 HOH A O   1 
HETATM 1431 O O   . HOH C 3 .   ? -6.879  17.435  -11.524 0.33 11.31 ? 371 HOH A O   1 
HETATM 1432 O O   . HOH C 3 .   ? 14.009  15.424  -5.134  0.27 8.06  ? 372 HOH A O   1 
HETATM 1433 O O   . HOH C 3 .   ? 11.626  -11.084 11.098  0.47 20.43 ? 373 HOH A O   1 
HETATM 1434 O O   . HOH C 3 .   ? -2.740  -14.207 10.078  0.58 11.14 ? 374 HOH A O   1 
HETATM 1435 O O   . HOH C 3 .   ? 4.419   -14.365 12.463  0.64 27.47 ? 375 HOH A O   1 
HETATM 1436 O O   . HOH C 3 .   ? -21.335 -11.302 1.945   0.79 36.97 ? 376 HOH A O   1 
HETATM 1437 O O   . HOH C 3 .   ? -20.195 -8.556  0.991   0.37 9.50  ? 377 HOH A O   1 
HETATM 1438 O O   . HOH C 3 .   ? -1.166  4.353   -2.560  0.34 5.80  ? 378 HOH A O   1 
HETATM 1439 O O   . HOH C 3 .   ? -18.411 -8.540  -0.095  0.62 15.94 ? 379 HOH A O   1 
HETATM 1440 O O   . HOH C 3 .   ? -13.199 -14.938 3.789   0.63 14.49 ? 380 HOH A O   1 
HETATM 1441 O O   . HOH C 3 .   ? 14.134  -8.186  4.575   0.43 7.85  ? 381 HOH A O   1 
HETATM 1442 O O   . HOH C 3 .   ? -18.419 -5.396  -5.017  0.29 13.76 ? 382 HOH A O   1 
HETATM 1443 O O   . HOH C 3 .   ? -3.993  10.176  -13.401 0.69 17.89 ? 383 HOH A O   1 
HETATM 1444 O O   . HOH C 3 .   ? -14.180 -14.435 -0.298  0.61 14.09 ? 384 HOH A O   1 
HETATM 1445 O O   . HOH C 3 .   ? -3.764  -17.358 3.462   0.68 20.11 ? 385 HOH A O   1 
HETATM 1446 O O   . HOH C 3 .   ? 4.319   11.669  19.751  0.90 16.86 ? 387 HOH A O   1 
HETATM 1447 O O   . HOH C 3 .   ? -13.867 -14.899 1.635   0.61 26.35 ? 388 HOH A O   1 
HETATM 1448 O O   . HOH C 3 .   ? 9.214   11.289  19.350  1.00 68.52 ? 389 HOH A O   1 
HETATM 1449 O O   . HOH C 3 .   ? -9.469  -22.039 -1.651  0.77 38.31 ? 390 HOH A O   1 
HETATM 1450 O O   . HOH C 3 .   ? 9.429   15.980  10.925  0.48 27.22 ? 391 HOH A O   1 
HETATM 1451 O O   . HOH C 3 .   ? 1.826   -12.691 -10.556 0.56 20.99 ? 392 HOH A O   1 
HETATM 1452 O O   . HOH C 3 .   ? -2.911  -16.335 -10.915 0.61 10.55 ? 393 HOH A O   1 
HETATM 1453 O O   . HOH C 3 .   ? 3.470   -8.206  -14.712 0.36 6.76  ? 394 HOH A O   1 
HETATM 1454 O O   . HOH C 3 .   ? 12.458  2.650   12.070  0.62 15.60 ? 395 HOH A O   1 
HETATM 1455 O O   . HOH C 3 .   ? -7.741  13.115  -0.428  0.49 17.80 ? 396 HOH A O   1 
HETATM 1456 O O   . HOH C 3 .   ? 4.203   -15.747 10.949  0.48 13.60 ? 397 HOH A O   1 
HETATM 1457 O O   . HOH C 3 .   ? 11.162  -19.665 5.728   0.52 17.54 ? 398 HOH A O   1 
HETATM 1458 O O   . HOH C 3 .   ? -0.619  12.809  15.092  0.56 19.57 ? 399 HOH A O   1 
HETATM 1459 O O   . HOH C 3 .   ? 16.091  -3.667  -4.031  0.36 3.07  ? 400 HOH A O   1 
HETATM 1460 O O   . HOH C 3 .   ? -14.508 -4.740  -12.510 0.52 34.16 ? 401 HOH A O   1 
HETATM 1461 O O   . HOH C 3 .   ? -2.239  10.938  14.515  0.57 32.71 ? 402 HOH A O   1 
HETATM 1462 O O   . HOH C 3 .   ? -14.728 -2.008  -14.629 0.78 32.86 ? 403 HOH A O   1 
HETATM 1463 O O   . HOH C 3 .   ? 6.346   17.541  10.663  0.27 6.67  ? 404 HOH A O   1 
HETATM 1464 O O   . HOH C 3 .   ? 6.891   -13.005 -2.792  0.48 14.96 ? 405 HOH A O   1 
HETATM 1465 O O   . HOH C 3 .   ? -9.337  5.735   12.389  0.40 10.26 ? 406 HOH A O   1 
HETATM 1466 O O   . HOH C 3 .   ? 11.927  10.550  14.317  0.33 4.62  ? 407 HOH A O   1 
HETATM 1467 O O   . HOH C 3 .   ? 12.720  -6.114  -8.594  0.46 19.23 ? 408 HOH A O   1 
HETATM 1468 O O   . HOH C 3 .   ? -3.843  -18.352 -5.128  0.38 12.14 ? 409 HOH A O   1 
HETATM 1469 O O   . HOH C 3 .   ? -6.193  9.690   8.396   0.43 13.18 ? 410 HOH A O   1 
HETATM 1470 O O   . HOH C 3 .   ? 13.835  4.704   14.324  0.46 15.00 ? 411 HOH A O   1 
HETATM 1471 O O   . HOH C 3 .   ? -9.741  -4.461  13.046  0.53 26.55 ? 412 HOH A O   1 
HETATM 1472 O O   . HOH C 3 .   ? -11.513 -0.794  9.883   0.38 14.47 ? 413 HOH A O   1 
HETATM 1473 O O   . HOH C 3 .   ? 1.298   -11.472 -14.139 0.37 22.22 ? 414 HOH A O   1 
HETATM 1474 O O   . HOH C 3 .   ? -12.431 13.171  -1.181  0.40 29.53 ? 415 HOH A O   1 
HETATM 1475 O O   . HOH C 3 .   ? -9.661  -6.420  12.148  0.40 16.16 ? 416 HOH A O   1 
HETATM 1476 O O   . HOH C 3 .   ? 6.509   -6.615  16.280  0.47 12.12 ? 417 HOH A O   1 
HETATM 1477 O O   . HOH C 3 .   ? -3.504  21.580  -5.187  0.43 11.59 ? 418 HOH A O   1 
HETATM 1478 O O   . HOH C 3 .   ? 8.523   -3.971  14.305  0.37 13.65 ? 419 HOH A O   1 
HETATM 1479 O O   . HOH C 3 .   ? 11.067  15.791  -1.049  0.57 30.79 ? 420 HOH A O   1 
HETATM 1480 O O   . HOH C 3 .   ? 7.752   -12.084 12.910  0.56 26.68 ? 421 HOH A O   1 
HETATM 1481 O O   . HOH C 3 .   ? -3.472  9.371   15.351  0.55 36.88 ? 422 HOH A O   1 
HETATM 1482 O O   . HOH C 3 .   ? 10.228  13.791  14.572  0.39 12.89 ? 423 HOH A O   1 
HETATM 1483 O O   . HOH C 3 .   ? 10.165  14.507  12.015  0.58 48.54 ? 424 HOH A O   1 
HETATM 1484 O O   . HOH C 3 .   ? 11.356  15.955  8.794   0.54 29.79 ? 425 HOH A O   1 
HETATM 1485 O O   . HOH C 3 .   ? -12.823 8.021   6.456   0.58 31.34 ? 426 HOH A O   1 
HETATM 1486 O O   . HOH C 3 .   ? 2.358   -5.111  18.325  0.51 19.90 ? 427 HOH A O   1 
HETATM 1487 O O   . HOH C 3 .   ? 3.902   17.688  0.050   0.53 32.84 ? 428 HOH A O   1 
HETATM 1488 O O   . HOH C 3 .   ? 5.862   17.462  1.339   0.43 23.69 ? 429 HOH A O   1 
HETATM 1489 O O   . HOH C 3 .   ? 13.495  4.164   12.275  0.55 29.76 ? 430 HOH A O   1 
HETATM 1490 O O   . HOH C 3 .   ? 10.726  16.023  1.709   0.59 35.27 ? 431 HOH A O   1 
HETATM 1491 O O   . HOH C 3 .   ? 16.347  11.170  5.601   0.45 24.26 ? 432 HOH A O   1 
HETATM 1492 O O   . HOH C 3 .   ? 1.762   22.730  -7.099  0.56 25.84 ? 433 HOH A O   1 
HETATM 1493 O O   . HOH C 3 .   ? -10.480 -8.676  9.873   0.65 41.12 ? 434 HOH A O   1 
HETATM 1494 O O   . HOH C 3 .   ? -16.673 -10.322 9.330   0.47 29.99 ? 435 HOH A O   1 
HETATM 1495 O O   . HOH C 3 .   ? 2.609   19.879  -4.439  0.51 35.19 ? 436 HOH A O   1 
HETATM 1496 O O   . HOH C 3 .   ? 0.206   20.927  -5.781  0.48 19.02 ? 437 HOH A O   1 
HETATM 1497 O O   . HOH C 3 .   ? 5.656   17.441  -9.297  0.43 19.40 ? 438 HOH A O   1 
HETATM 1498 O O   . HOH C 3 .   ? -20.011 -13.942 4.334   0.48 33.77 ? 439 HOH A O   1 
HETATM 1499 O O   . HOH C 3 .   ? -12.696 -12.059 4.517   0.43 24.14 ? 440 HOH A O   1 
HETATM 1500 O O   . HOH C 3 .   ? 20.560  2.800   2.174   0.45 16.79 ? 441 HOH A O   1 
HETATM 1501 O O   . HOH C 3 .   ? 16.696  12.018  -0.271  0.47 33.93 ? 444 HOH A O   1 
HETATM 1502 O O   . HOH C 3 .   ? 18.280  9.783   -6.025  0.63 44.31 ? 445 HOH A O   1 
HETATM 1503 O O   . HOH C 3 .   ? 18.843  -4.936  2.043   0.55 26.59 ? 446 HOH A O   1 
HETATM 1504 O O   . HOH C 3 .   ? 4.171   14.425  -15.258 0.44 11.38 ? 447 HOH A O   1 
HETATM 1505 O O   . HOH C 3 .   ? 13.077  5.207   -7.731  0.56 20.66 ? 449 HOH A O   1 
HETATM 1506 O O   . HOH C 3 .   ? -8.959  6.043   -12.984 0.43 18.31 ? 450 HOH A O   1 
HETATM 1507 O O   . HOH C 3 .   ? -14.329 -14.126 -3.728  0.64 37.30 ? 451 HOH A O   1 
HETATM 1508 O O   . HOH C 3 .   ? 15.203  3.224   -9.172  0.52 27.13 ? 452 HOH A O   1 
HETATM 1509 O O   . HOH C 3 .   ? 12.315  -7.950  -3.609  0.54 31.84 ? 455 HOH A O   1 
HETATM 1510 O O   . HOH C 3 .   ? 13.408  2.361   -12.513 0.47 16.12 ? 456 HOH A O   1 
HETATM 1511 O O   . HOH C 3 .   ? -5.510  1.338   -18.510 0.50 18.89 ? 457 HOH A O   1 
HETATM 1512 O O   . HOH C 3 .   ? 0.409   -4.424  -19.860 0.44 17.39 ? 458 HOH A O   1 
HETATM 1513 O O   . HOH C 3 .   ? -3.422  -9.869  -17.206 0.52 24.65 ? 459 HOH A O   1 
HETATM 1514 O O   . HOH D 3 .   ? 2.561   -0.220  -12.533 0.26 5.34  ? 322 HOH B O   1 
HETATM 1515 O O   . HOH D 3 .   ? 5.598   0.551   -11.902 0.45 7.15  ? 323 HOH B O   1 
HETATM 1516 O O   . HOH D 3 .   ? 4.262   -0.138  -9.044  0.49 8.41  ? 386 HOH B O   1 
HETATM 1517 O O   . HOH D 3 .   ? 13.316  12.943  -8.009  0.55 31.31 ? 442 HOH B O   1 
HETATM 1518 O O   . HOH D 3 .   ? 12.789  11.090  -8.447  0.56 21.12 ? 443 HOH B O   1 
HETATM 1519 O O   . HOH D 3 .   ? 4.343   10.005  -11.807 0.54 35.08 ? 448 HOH B O   1 
HETATM 1520 O O   . HOH D 3 .   ? 5.435   1.942   -10.937 0.52 27.21 ? 453 HOH B O   1 
HETATM 1521 O O   . HOH D 3 .   ? 3.138   1.324   -11.152 0.59 35.08 ? 454 HOH B O   1 
# 
